data_5XMI
#
_entry.id   5XMI
#
_cell.length_a   1
_cell.length_b   1
_cell.length_c   1
_cell.angle_alpha   90.00
_cell.angle_beta   90.00
_cell.angle_gamma   90.00
#
_symmetry.space_group_name_H-M   'P 1'
#
loop_
_entity.id
_entity.type
_entity.pdbx_description
1 polymer 'Vacuolar protein sorting-associated protein 4'
2 non-polymer "ADENOSINE-5'-TRIPHOSPHATE"
#
_entity_poly.entity_id   1
_entity_poly.type   'polypeptide(L)'
_entity_poly.pdbx_seq_one_letter_code
;MSTGDFLTKGIELVQKAIDLDTATQYEEAYTAYYNGLDYLMLALKYEKNPKSKDLIRAKFTEYLNRAEQLKKHLESEEAN
AAKKSPSAGSGSNGGNKKISQEEGEDNGGEDNKKLRGALSSAILSEKPNVKWEDVAGLEGAKEALKEAVILPVKFPHLFK
GNRKPTSGILLYGPPGTGKSYLAKAVATEANSTFFSVSSSDLVSKWMGESEKLVKQLFAMARENKPSIIFIDQVDALTGT
RGEGESEASRRIKTELLVQMNGVGNDSQGVLVLGATNIPWQLDSAIRRRFERRIYIPLPDLAARTTMFEINVGDTPCVLT
KEDYRTLGAMTEGYSGSDIAVVVKDALMQPIRKIQSATHFKDVSTEDDETRKLTPCSPGDDGAIEMSWTDIEADELKEPD
LTIKDFLKAIKSTRPTVNEDDLLKQEQFTRDFGQEGN
;
_entity_poly.pdbx_strand_id   A,B,C,D,E,F
#
loop_
_chem_comp.id
_chem_comp.type
_chem_comp.name
_chem_comp.formula
ATP non-polymer ADENOSINE-5'-TRIPHOSPHATE 'C10 H16 N5 O13 P3'
#
# COMPACT_ATOMS: atom_id res chain seq x y z
N LEU A 119 11.43 -4.77 22.70
CA LEU A 119 10.56 -4.00 21.77
C LEU A 119 9.11 -4.48 21.88
N SER A 120 8.43 -4.02 22.93
CA SER A 120 7.03 -4.36 23.22
C SER A 120 6.78 -5.87 23.34
N SER A 121 7.68 -6.55 24.05
CA SER A 121 7.62 -8.01 24.30
C SER A 121 7.84 -8.94 23.08
N ALA A 122 8.17 -8.39 21.91
CA ALA A 122 8.58 -9.18 20.76
C ALA A 122 10.00 -9.73 20.98
N ILE A 123 10.78 -9.03 21.81
CA ILE A 123 12.14 -9.42 22.11
C ILE A 123 12.20 -9.96 23.53
N LEU A 124 12.88 -11.10 23.70
CA LEU A 124 13.08 -11.64 25.06
C LEU A 124 14.33 -11.04 25.67
N SER A 125 14.28 -10.82 26.99
CA SER A 125 15.41 -10.30 27.75
C SER A 125 15.50 -11.01 29.09
N GLU A 126 16.69 -11.47 29.48
CA GLU A 126 16.91 -12.00 30.84
C GLU A 126 18.40 -12.14 31.17
N LYS A 127 18.70 -12.31 32.44
CA LYS A 127 20.05 -12.67 32.86
C LYS A 127 20.03 -14.18 33.04
N PRO A 128 20.41 -14.94 31.99
CA PRO A 128 20.28 -16.40 32.10
C PRO A 128 21.33 -17.04 33.01
N ASN A 129 21.05 -18.24 33.50
CA ASN A 129 22.00 -18.95 34.37
C ASN A 129 22.28 -20.34 33.81
N VAL A 130 22.67 -20.38 32.54
CA VAL A 130 22.84 -21.61 31.81
C VAL A 130 24.34 -21.93 31.72
N LYS A 131 24.66 -23.16 32.15
CA LYS A 131 26.05 -23.60 32.42
C LYS A 131 26.65 -24.65 31.45
N TRP A 132 27.98 -24.55 31.33
CA TRP A 132 28.82 -25.47 30.55
C TRP A 132 28.53 -26.94 30.80
N GLU A 133 28.29 -27.32 32.06
CA GLU A 133 28.05 -28.71 32.44
C GLU A 133 26.83 -29.35 31.75
N ASP A 134 25.84 -28.53 31.39
CA ASP A 134 24.65 -29.04 30.70
C ASP A 134 24.79 -29.13 29.18
N VAL A 135 25.96 -28.76 28.66
CA VAL A 135 26.29 -28.91 27.25
C VAL A 135 27.09 -30.20 27.05
N ALA A 136 26.46 -31.20 26.43
CA ALA A 136 27.07 -32.53 26.28
C ALA A 136 27.87 -32.59 24.98
N GLY A 137 29.20 -32.57 25.11
CA GLY A 137 30.13 -32.82 24.02
C GLY A 137 30.07 -31.93 22.79
N LEU A 138 30.09 -30.60 23.01
CA LEU A 138 30.06 -29.64 21.91
C LEU A 138 31.46 -29.04 21.77
N GLU A 139 32.37 -29.91 21.37
CA GLU A 139 33.78 -29.55 21.24
C GLU A 139 34.02 -28.29 20.39
N GLY A 140 33.16 -28.07 19.39
CA GLY A 140 33.30 -26.95 18.47
C GLY A 140 33.03 -25.63 19.11
N ALA A 141 31.90 -25.53 19.80
CA ALA A 141 31.61 -24.38 20.63
C ALA A 141 32.74 -24.20 21.63
N LYS A 142 33.17 -25.32 22.22
CA LYS A 142 34.17 -25.27 23.27
C LYS A 142 35.53 -24.80 22.78
N GLU A 143 35.78 -24.89 21.47
CA GLU A 143 37.00 -24.37 20.89
C GLU A 143 36.80 -22.89 20.55
N ALA A 144 35.77 -22.64 19.75
CA ALA A 144 35.63 -21.36 19.10
C ALA A 144 35.23 -20.24 20.05
N LEU A 145 34.26 -20.53 20.91
CA LEU A 145 33.77 -19.50 21.85
C LEU A 145 34.83 -19.16 22.89
N LYS A 146 35.60 -20.16 23.31
CA LYS A 146 36.65 -19.96 24.31
C LYS A 146 37.83 -19.12 23.82
N GLU A 147 38.08 -19.08 22.52
CA GLU A 147 39.09 -18.16 21.99
C GLU A 147 38.44 -16.82 21.59
N ALA A 148 37.22 -16.88 21.07
CA ALA A 148 36.53 -15.69 20.54
C ALA A 148 35.92 -14.76 21.60
N VAL A 149 35.40 -15.34 22.68
CA VAL A 149 34.57 -14.59 23.65
C VAL A 149 35.10 -14.68 25.10
N ILE A 150 35.24 -15.91 25.56
CA ILE A 150 35.56 -16.15 26.97
C ILE A 150 36.97 -15.61 27.29
N LEU A 151 37.89 -15.86 26.36
CA LEU A 151 39.28 -15.46 26.56
C LEU A 151 39.46 -13.94 26.71
N PRO A 152 38.81 -13.14 25.82
CA PRO A 152 38.82 -11.68 25.93
C PRO A 152 38.15 -11.21 27.20
N VAL A 153 37.13 -11.92 27.66
CA VAL A 153 36.48 -11.56 28.92
C VAL A 153 37.47 -11.72 30.07
N LYS A 154 38.19 -12.86 30.03
CA LYS A 154 39.18 -13.14 31.07
C LYS A 154 40.35 -12.15 31.07
N PHE A 155 40.99 -12.01 29.92
CA PHE A 155 42.15 -11.15 29.76
C PHE A 155 41.92 -10.16 28.63
N PRO A 156 41.27 -9.02 28.93
CA PRO A 156 41.11 -7.98 27.89
C PRO A 156 42.42 -7.43 27.30
N HIS A 157 43.41 -7.23 28.17
CA HIS A 157 44.71 -6.67 27.75
C HIS A 157 45.61 -7.65 26.99
N LEU A 158 45.16 -8.89 26.80
CA LEU A 158 45.98 -9.96 26.22
C LEU A 158 46.29 -9.82 24.74
N PHE A 159 45.59 -8.93 24.04
CA PHE A 159 45.78 -8.78 22.59
C PHE A 159 46.73 -7.63 22.20
N LYS A 160 47.74 -7.97 21.41
CA LYS A 160 48.72 -7.00 20.89
C LYS A 160 48.18 -6.25 19.67
N GLY A 161 48.58 -4.99 19.55
CA GLY A 161 48.14 -4.13 18.46
C GLY A 161 46.69 -3.71 18.60
N ASN A 162 45.99 -3.64 17.47
CA ASN A 162 44.57 -3.29 17.43
C ASN A 162 43.71 -4.54 17.24
N ARG A 163 43.93 -5.54 18.09
CA ARG A 163 43.12 -6.76 18.05
C ARG A 163 41.98 -6.61 19.05
N LYS A 164 40.76 -6.75 18.54
CA LYS A 164 39.55 -6.53 19.31
C LYS A 164 38.54 -7.67 19.07
N PRO A 165 37.67 -7.96 20.06
CA PRO A 165 36.85 -9.17 20.04
C PRO A 165 35.93 -9.31 18.82
N THR A 166 35.69 -10.56 18.42
CA THR A 166 34.69 -10.92 17.41
C THR A 166 33.39 -10.15 17.65
N SER A 167 32.76 -9.69 16.56
CA SER A 167 31.50 -8.91 16.61
C SER A 167 30.25 -9.79 16.40
N GLY A 168 30.40 -10.75 15.48
CA GLY A 168 29.32 -11.61 15.03
C GLY A 168 29.77 -13.05 15.06
N ILE A 169 28.89 -13.92 15.56
CA ILE A 169 29.13 -15.37 15.51
C ILE A 169 27.85 -16.02 15.01
N LEU A 170 28.00 -16.90 14.03
CA LEU A 170 26.91 -17.66 13.48
C LEU A 170 26.97 -19.04 14.11
N LEU A 171 25.85 -19.45 14.70
CA LEU A 171 25.66 -20.80 15.21
C LEU A 171 24.81 -21.52 14.18
N TYR A 172 25.35 -22.61 13.62
CA TYR A 172 24.69 -23.27 12.50
C TYR A 172 24.65 -24.79 12.61
N GLY A 173 23.55 -25.41 12.20
CA GLY A 173 23.37 -26.85 12.33
C GLY A 173 21.91 -27.23 12.26
N PRO A 174 21.60 -28.54 12.27
CA PRO A 174 20.20 -28.95 12.15
C PRO A 174 19.34 -28.46 13.32
N PRO A 175 18.00 -28.40 13.14
CA PRO A 175 17.10 -27.98 14.25
C PRO A 175 17.15 -28.92 15.45
N GLY A 176 16.88 -28.37 16.63
CA GLY A 176 16.80 -29.14 17.87
C GLY A 176 18.11 -29.49 18.55
N THR A 177 19.14 -28.69 18.32
CA THR A 177 20.41 -28.82 19.03
C THR A 177 20.55 -27.80 20.17
N GLY A 178 19.46 -27.10 20.49
CA GLY A 178 19.45 -26.15 21.61
C GLY A 178 20.36 -24.96 21.40
N LYS A 179 20.44 -24.46 20.17
CA LYS A 179 21.26 -23.28 19.87
C LYS A 179 20.88 -22.14 20.82
N SER A 180 19.61 -22.07 21.19
CA SER A 180 19.14 -21.09 22.15
C SER A 180 19.82 -21.30 23.52
N TYR A 181 19.84 -22.56 23.94
CA TYR A 181 20.48 -22.97 25.17
C TYR A 181 21.94 -22.56 25.18
N LEU A 182 22.62 -22.76 24.05
CA LEU A 182 24.01 -22.42 23.89
C LEU A 182 24.28 -20.92 23.94
N ALA A 183 23.46 -20.14 23.25
CA ALA A 183 23.53 -18.69 23.26
C ALA A 183 23.35 -18.14 24.67
N LYS A 184 22.39 -18.72 25.38
CA LYS A 184 22.16 -18.34 26.78
C LYS A 184 23.34 -18.70 27.66
N ALA A 185 24.00 -19.83 27.37
CA ALA A 185 25.21 -20.20 28.10
C ALA A 185 26.37 -19.26 27.87
N VAL A 186 26.45 -18.78 26.63
CA VAL A 186 27.44 -17.74 26.27
C VAL A 186 27.19 -16.45 27.05
N ALA A 187 25.91 -16.07 27.09
CA ALA A 187 25.46 -14.89 27.79
C ALA A 187 25.57 -14.97 29.34
N THR A 188 25.57 -16.22 29.83
CA THR A 188 25.78 -16.47 31.23
C THR A 188 27.17 -16.06 31.70
N GLU A 189 28.18 -16.04 30.82
CA GLU A 189 29.58 -15.95 31.25
C GLU A 189 30.02 -14.58 31.79
N ALA A 190 29.55 -13.51 31.14
CA ALA A 190 29.81 -12.15 31.61
C ALA A 190 28.67 -11.66 32.50
N ASN A 191 27.68 -12.51 32.75
CA ASN A 191 26.38 -12.10 33.28
C ASN A 191 25.80 -10.96 32.43
N SER A 192 25.79 -11.20 31.13
CA SER A 192 25.35 -10.19 30.14
C SER A 192 23.88 -10.38 29.82
N THR A 193 23.18 -9.27 29.62
CA THR A 193 21.76 -9.31 29.25
C THR A 193 21.64 -9.94 27.87
N PHE A 194 20.67 -10.83 27.74
CA PHE A 194 20.46 -11.68 26.60
C PHE A 194 19.18 -11.15 25.97
N PHE A 195 19.34 -10.39 24.90
CA PHE A 195 18.26 -9.92 24.07
C PHE A 195 18.18 -10.83 22.86
N SER A 196 16.95 -11.28 22.58
CA SER A 196 16.74 -12.22 21.49
C SER A 196 15.42 -12.03 20.78
N VAL A 197 15.45 -12.24 19.46
CA VAL A 197 14.33 -11.96 18.57
C VAL A 197 14.32 -12.92 17.38
N SER A 198 13.13 -13.18 16.85
CA SER A 198 12.94 -14.08 15.71
C SER A 198 12.71 -13.34 14.40
N SER A 199 13.60 -13.58 13.44
CA SER A 199 13.54 -13.01 12.10
C SER A 199 12.24 -13.30 11.39
N SER A 200 11.86 -14.59 11.42
CA SER A 200 10.62 -15.04 10.80
C SER A 200 9.45 -14.20 11.28
N ASP A 201 9.32 -14.09 12.59
CA ASP A 201 8.20 -13.38 13.21
C ASP A 201 8.04 -11.94 12.72
N LEU A 202 9.13 -11.20 12.50
CA LEU A 202 8.99 -9.82 11.97
C LEU A 202 9.33 -9.70 10.48
N VAL A 203 8.74 -10.56 9.64
CA VAL A 203 8.75 -10.34 8.17
C VAL A 203 7.34 -10.05 7.60
N SER A 204 6.37 -10.94 7.85
CA SER A 204 5.07 -10.89 7.15
C SER A 204 3.99 -10.08 7.87
N LYS A 205 3.99 -10.11 9.21
CA LYS A 205 2.98 -9.42 10.02
C LYS A 205 2.92 -7.90 9.78
N TRP A 206 4.08 -7.25 9.84
CA TRP A 206 4.17 -5.78 9.80
C TRP A 206 4.42 -5.20 8.41
N MET A 207 4.98 -5.99 7.50
CA MET A 207 5.68 -5.54 6.28
C MET A 207 6.95 -4.82 6.71
N GLY A 208 7.82 -5.59 7.37
CA GLY A 208 8.94 -5.08 8.17
C GLY A 208 9.83 -3.96 7.66
N GLU A 209 9.45 -2.73 7.99
CA GLU A 209 10.32 -1.57 7.85
C GLU A 209 10.76 -1.17 9.26
N SER A 210 11.47 -2.10 9.89
CA SER A 210 11.79 -2.02 11.32
C SER A 210 13.13 -1.36 11.63
N GLU A 211 13.76 -0.68 10.66
CA GLU A 211 15.14 -0.23 10.76
C GLU A 211 15.34 0.76 11.92
N LYS A 212 14.42 1.72 12.01
CA LYS A 212 14.42 2.73 13.06
C LYS A 212 14.35 2.08 14.43
N LEU A 213 13.46 1.09 14.57
CA LEU A 213 13.27 0.36 15.79
C LEU A 213 14.43 -0.58 16.13
N VAL A 214 15.09 -1.12 15.11
CA VAL A 214 16.30 -1.90 15.28
C VAL A 214 17.44 -1.05 15.83
N LYS A 215 17.53 0.19 15.31
CA LYS A 215 18.55 1.14 15.72
C LYS A 215 18.32 1.65 17.12
N GLN A 216 17.07 1.95 17.46
CA GLN A 216 16.67 2.28 18.82
C GLN A 216 16.92 1.12 19.81
N LEU A 217 16.67 -0.09 19.33
CA LEU A 217 16.97 -1.31 20.07
C LEU A 217 18.45 -1.40 20.41
N PHE A 218 19.26 -1.16 19.39
CA PHE A 218 20.69 -1.16 19.55
C PHE A 218 21.13 -0.08 20.53
N ALA A 219 20.50 1.08 20.51
CA ALA A 219 20.80 2.19 21.37
C ALA A 219 20.55 1.80 22.84
N MET A 220 19.37 1.23 23.07
CA MET A 220 18.95 0.81 24.38
C MET A 220 19.81 -0.32 24.90
N ALA A 221 20.23 -1.23 24.04
CA ALA A 221 21.12 -2.32 24.43
C ALA A 221 22.55 -1.84 24.67
N ARG A 222 22.97 -0.82 23.93
CA ARG A 222 24.28 -0.21 24.13
C ARG A 222 24.34 0.53 25.47
N GLU A 223 23.23 1.18 25.83
CA GLU A 223 23.12 1.86 27.12
C GLU A 223 23.43 0.92 28.27
N ASN A 224 23.09 -0.37 28.13
CA ASN A 224 23.46 -1.39 29.13
C ASN A 224 24.79 -2.12 28.81
N LYS A 225 25.76 -1.93 29.71
CA LYS A 225 27.14 -2.41 29.55
C LYS A 225 27.19 -3.92 29.35
N PRO A 226 28.12 -4.40 28.49
CA PRO A 226 28.00 -5.52 27.55
C PRO A 226 26.71 -6.37 27.54
N SER A 227 25.99 -6.27 26.43
CA SER A 227 24.84 -7.13 26.12
C SER A 227 25.19 -8.07 24.95
N ILE A 228 24.29 -9.02 24.69
CA ILE A 228 24.42 -9.99 23.59
C ILE A 228 23.09 -10.05 22.83
N ILE A 229 23.16 -9.85 21.52
CA ILE A 229 21.98 -9.87 20.66
C ILE A 229 21.89 -11.23 19.95
N PHE A 230 20.72 -11.87 20.07
CA PHE A 230 20.46 -13.16 19.44
C PHE A 230 19.35 -13.02 18.38
N ILE A 231 19.73 -13.27 17.13
CA ILE A 231 18.81 -13.26 16.00
C ILE A 231 18.61 -14.71 15.53
N ASP A 232 17.39 -15.21 15.74
CA ASP A 232 17.06 -16.58 15.38
C ASP A 232 16.57 -16.61 13.95
N GLN A 233 16.71 -17.80 13.35
CA GLN A 233 16.55 -18.06 11.93
C GLN A 233 16.90 -16.90 11.01
N VAL A 234 18.19 -16.56 10.99
CA VAL A 234 18.69 -15.51 10.08
C VAL A 234 18.39 -15.81 8.58
N ASP A 235 18.34 -17.09 8.23
CA ASP A 235 17.93 -17.53 6.89
C ASP A 235 16.57 -17.01 6.45
N ALA A 236 15.61 -16.89 7.37
CA ALA A 236 14.27 -16.40 7.02
C ALA A 236 14.25 -15.00 6.37
N LEU A 237 15.32 -14.22 6.58
CA LEU A 237 15.42 -12.88 6.02
C LEU A 237 15.75 -12.91 4.53
N THR A 238 16.68 -13.78 4.15
CA THR A 238 17.12 -13.97 2.75
C THR A 238 15.98 -14.44 1.83
N GLY A 239 16.12 -14.14 0.54
CA GLY A 239 15.21 -14.61 -0.50
C GLY A 239 15.19 -13.66 -1.67
N THR A 240 15.85 -14.05 -2.78
CA THR A 240 15.90 -13.25 -4.02
C THR A 240 14.77 -13.68 -4.97
N ARG A 241 13.54 -13.43 -4.52
CA ARG A 241 12.34 -13.91 -5.21
C ARG A 241 11.77 -12.86 -6.17
N GLY A 242 11.58 -11.65 -5.65
CA GLY A 242 11.04 -10.53 -6.43
C GLY A 242 9.70 -10.04 -5.88
N GLU A 243 8.95 -9.33 -6.73
CA GLU A 243 7.59 -8.84 -6.41
C GLU A 243 7.59 -7.84 -5.24
N GLY A 244 6.46 -7.68 -4.56
CA GLY A 244 6.37 -6.81 -3.37
C GLY A 244 7.16 -7.27 -2.15
N GLU A 245 7.57 -8.54 -2.12
CA GLU A 245 8.44 -9.08 -1.06
C GLU A 245 9.84 -8.43 -1.04
N SER A 246 10.30 -7.91 -2.19
CA SER A 246 11.59 -7.23 -2.31
C SER A 246 11.78 -6.07 -1.31
N GLU A 247 10.78 -5.19 -1.23
CA GLU A 247 10.84 -4.04 -0.31
C GLU A 247 10.89 -4.44 1.17
N ALA A 248 10.26 -5.57 1.51
CA ALA A 248 10.24 -6.11 2.88
C ALA A 248 11.34 -7.15 3.15
N SER A 249 12.28 -7.33 2.22
CA SER A 249 13.44 -8.22 2.38
C SER A 249 14.79 -7.51 2.10
N ARG A 250 14.89 -6.95 0.90
CA ARG A 250 16.15 -6.37 0.38
C ARG A 250 16.76 -5.34 1.31
N ARG A 251 15.95 -4.37 1.74
CA ARG A 251 16.39 -3.34 2.66
C ARG A 251 16.75 -3.87 4.04
N ILE A 252 16.12 -4.97 4.46
CA ILE A 252 16.48 -5.65 5.67
C ILE A 252 17.82 -6.35 5.54
N LYS A 253 18.11 -6.91 4.38
CA LYS A 253 19.34 -7.60 4.07
C LYS A 253 20.53 -6.64 4.01
N THR A 254 20.36 -5.58 3.22
CA THR A 254 21.24 -4.41 3.22
C THR A 254 21.53 -3.88 4.61
N GLU A 255 20.46 -3.73 5.39
CA GLU A 255 20.57 -3.24 6.77
C GLU A 255 21.33 -4.22 7.63
N LEU A 256 21.13 -5.51 7.39
CA LEU A 256 21.81 -6.56 8.16
C LEU A 256 23.31 -6.52 7.90
N LEU A 257 23.65 -6.45 6.62
CA LEU A 257 25.03 -6.36 6.16
C LEU A 257 25.78 -5.06 6.50
N VAL A 258 25.02 -3.99 6.78
CA VAL A 258 25.60 -2.76 7.34
C VAL A 258 25.85 -2.98 8.84
N GLN A 259 24.86 -3.52 9.55
CA GLN A 259 24.95 -3.61 11.02
C GLN A 259 25.97 -4.63 11.50
N MET A 260 26.26 -5.66 10.71
CA MET A 260 27.30 -6.64 11.06
C MET A 260 28.71 -6.03 11.17
N ASN A 261 28.92 -4.90 10.51
CA ASN A 261 30.04 -4.03 10.81
C ASN A 261 29.60 -2.56 10.80
N GLY A 262 28.55 -2.30 11.57
CA GLY A 262 27.95 -0.95 11.63
C GLY A 262 28.85 0.10 12.25
N VAL A 263 29.60 -0.33 13.26
CA VAL A 263 30.64 0.48 13.91
C VAL A 263 31.98 -0.25 13.82
N GLY A 264 33.06 0.51 13.77
CA GLY A 264 34.42 -0.03 13.64
C GLY A 264 35.06 -0.43 14.96
N ASN A 265 34.76 -1.66 15.39
CA ASN A 265 35.10 -2.18 16.74
C ASN A 265 34.53 -1.25 17.83
N ASP A 266 35.35 -0.81 18.79
CA ASP A 266 34.95 0.15 19.82
C ASP A 266 33.74 -0.32 20.62
N SER A 267 32.52 -0.10 20.10
CA SER A 267 31.27 -0.37 20.82
C SER A 267 30.59 -1.69 20.47
N GLN A 268 30.99 -2.31 19.36
CA GLN A 268 30.50 -3.67 19.01
C GLN A 268 31.37 -4.81 19.59
N GLY A 269 32.04 -4.55 20.71
CA GLY A 269 32.42 -5.60 21.66
C GLY A 269 31.17 -6.31 22.16
N VAL A 270 30.08 -5.56 22.30
CA VAL A 270 28.71 -6.10 22.36
C VAL A 270 28.50 -7.07 21.18
N LEU A 271 28.00 -8.27 21.49
CA LEU A 271 28.15 -9.42 20.61
C LEU A 271 26.85 -9.83 19.92
N VAL A 272 26.93 -10.07 18.61
CA VAL A 272 25.77 -10.52 17.84
C VAL A 272 25.93 -12.02 17.61
N LEU A 273 24.93 -12.81 18.04
CA LEU A 273 24.91 -14.25 17.74
C LEU A 273 23.76 -14.55 16.77
N GLY A 274 24.08 -15.02 15.57
CA GLY A 274 23.06 -15.46 14.61
C GLY A 274 22.80 -16.95 14.75
N ALA A 275 21.56 -17.38 14.47
CA ALA A 275 21.24 -18.81 14.49
C ALA A 275 20.56 -19.19 13.20
N THR A 276 20.96 -20.33 12.64
CA THR A 276 20.32 -20.85 11.44
C THR A 276 20.31 -22.37 11.37
N ASN A 277 19.19 -22.92 10.87
CA ASN A 277 19.05 -24.34 10.55
C ASN A 277 19.42 -24.67 9.11
N ILE A 278 19.30 -23.69 8.20
CA ILE A 278 19.73 -23.88 6.80
C ILE A 278 20.78 -22.82 6.45
N PRO A 279 22.04 -23.07 6.86
CA PRO A 279 23.14 -22.11 6.65
C PRO A 279 23.62 -21.88 5.20
N TRP A 280 22.84 -22.30 4.21
CA TRP A 280 23.03 -21.85 2.81
C TRP A 280 22.24 -20.54 2.58
N GLN A 281 22.32 -20.01 1.36
CA GLN A 281 21.66 -18.74 0.94
C GLN A 281 22.11 -17.45 1.68
N LEU A 282 23.11 -16.79 1.10
CA LEU A 282 23.60 -15.45 1.50
C LEU A 282 24.57 -15.48 2.70
N ASP A 283 24.27 -14.81 3.82
CA ASP A 283 25.31 -14.50 4.81
C ASP A 283 25.93 -15.73 5.49
N SER A 284 25.11 -16.74 5.81
CA SER A 284 25.59 -17.98 6.38
C SER A 284 26.45 -18.81 5.42
N ALA A 285 26.26 -18.60 4.11
CA ALA A 285 26.72 -19.52 3.08
C ALA A 285 28.12 -19.23 2.52
N ILE A 286 28.44 -19.90 1.42
CA ILE A 286 29.69 -19.68 0.67
C ILE A 286 29.72 -18.25 0.18
N ARG A 287 28.61 -17.82 -0.41
CA ARG A 287 28.43 -16.47 -0.99
C ARG A 287 29.32 -15.34 -0.45
N ARG A 288 29.10 -14.91 0.80
CA ARG A 288 29.65 -13.62 1.24
C ARG A 288 29.83 -13.38 2.77
N ARG A 289 30.82 -12.54 3.08
CA ARG A 289 30.97 -11.78 4.36
C ARG A 289 31.09 -12.51 5.73
N PHE A 290 29.99 -12.53 6.49
CA PHE A 290 29.96 -12.61 7.97
C PHE A 290 31.29 -12.44 8.74
N GLU A 291 31.80 -13.52 9.35
CA GLU A 291 32.86 -13.49 10.39
C GLU A 291 33.06 -14.96 10.85
N ARG A 292 33.24 -15.23 12.15
CA ARG A 292 33.48 -16.58 12.64
C ARG A 292 32.17 -17.36 12.78
N ARG A 293 32.16 -18.60 12.30
CA ARG A 293 30.98 -19.47 12.30
C ARG A 293 31.28 -20.77 13.06
N ILE A 294 30.25 -21.31 13.73
CA ILE A 294 30.38 -22.57 14.46
C ILE A 294 29.26 -23.53 14.06
N TYR A 295 29.66 -24.74 13.69
CA TYR A 295 28.74 -25.86 13.51
C TYR A 295 28.31 -26.43 14.86
N ILE A 296 27.00 -26.56 15.04
CA ILE A 296 26.44 -27.17 16.25
C ILE A 296 25.92 -28.55 15.84
N PRO A 297 26.73 -29.61 16.11
CA PRO A 297 26.35 -30.96 15.69
C PRO A 297 25.25 -31.58 16.54
N LEU A 298 24.64 -32.62 16.01
CA LEU A 298 23.72 -33.43 16.79
C LEU A 298 24.51 -34.14 17.88
N PRO A 299 23.86 -34.41 19.03
CA PRO A 299 24.57 -35.15 20.09
C PRO A 299 24.80 -36.61 19.68
N ASP A 300 25.90 -37.20 20.16
CA ASP A 300 26.17 -38.63 19.93
C ASP A 300 25.54 -39.48 21.03
N LEU A 301 25.64 -40.79 20.92
CA LEU A 301 25.02 -41.74 21.85
C LEU A 301 25.12 -41.30 23.31
N ALA A 302 26.35 -41.05 23.74
CA ALA A 302 26.66 -40.73 25.14
C ALA A 302 25.97 -39.43 25.56
N ALA A 303 26.03 -38.45 24.68
CA ALA A 303 25.44 -37.14 24.94
C ALA A 303 23.94 -37.27 25.08
N ARG A 304 23.31 -38.02 24.18
CA ARG A 304 21.88 -38.27 24.22
C ARG A 304 21.50 -38.98 25.52
N THR A 305 22.31 -39.94 25.93
CA THR A 305 22.07 -40.65 27.18
C THR A 305 22.10 -39.70 28.38
N THR A 306 23.07 -38.80 28.37
CA THR A 306 23.19 -37.78 29.42
C THR A 306 22.00 -36.83 29.41
N MET A 307 21.46 -36.54 28.24
CA MET A 307 20.29 -35.70 28.09
C MET A 307 19.06 -36.42 28.68
N PHE A 308 18.94 -37.73 28.42
CA PHE A 308 17.89 -38.54 29.07
C PHE A 308 18.02 -38.46 30.60
N GLU A 309 19.27 -38.52 31.07
CA GLU A 309 19.52 -38.43 32.50
C GLU A 309 19.08 -37.08 33.05
N ILE A 310 19.30 -36.03 32.27
CA ILE A 310 18.94 -34.67 32.65
C ILE A 310 17.45 -34.29 32.36
N ASN A 311 16.77 -35.04 31.50
CA ASN A 311 15.35 -34.76 31.20
C ASN A 311 14.39 -34.91 32.40
N VAL A 312 13.66 -33.81 32.66
CA VAL A 312 12.73 -33.62 33.81
C VAL A 312 13.31 -34.06 35.18
N GLY A 313 12.44 -34.28 36.17
CA GLY A 313 12.86 -34.79 37.48
C GLY A 313 12.34 -36.17 37.81
N ASP A 314 12.49 -37.11 36.86
CA ASP A 314 12.10 -38.54 36.98
C ASP A 314 10.69 -38.87 37.50
N THR A 315 10.49 -38.75 38.81
CA THR A 315 9.30 -39.26 39.54
C THR A 315 9.33 -40.82 39.51
N PRO A 316 8.52 -41.50 40.37
CA PRO A 316 9.03 -42.72 41.00
C PRO A 316 9.51 -43.88 40.08
N CYS A 317 10.83 -44.01 39.97
CA CYS A 317 11.53 -45.17 39.39
C CYS A 317 11.30 -45.50 37.90
N VAL A 318 12.40 -45.68 37.17
CA VAL A 318 12.38 -46.10 35.78
C VAL A 318 13.19 -47.40 35.66
N LEU A 319 13.40 -47.86 34.42
CA LEU A 319 14.39 -48.91 34.12
C LEU A 319 15.79 -48.28 33.83
N THR A 320 16.71 -49.06 33.26
CA THR A 320 18.14 -48.75 33.39
C THR A 320 18.65 -47.68 32.42
N LYS A 321 19.77 -47.09 32.82
CA LYS A 321 20.47 -46.15 31.94
C LYS A 321 20.89 -46.82 30.65
N GLU A 322 21.23 -48.11 30.69
CA GLU A 322 21.55 -48.89 29.48
C GLU A 322 20.36 -49.05 28.50
N ASP A 323 19.14 -49.18 29.02
CA ASP A 323 17.93 -49.18 28.16
C ASP A 323 17.83 -47.86 27.37
N TYR A 324 18.09 -46.76 28.06
CA TYR A 324 18.07 -45.45 27.42
C TYR A 324 19.22 -45.33 26.40
N ARG A 325 20.40 -45.85 26.73
CA ARG A 325 21.48 -45.98 25.73
C ARG A 325 21.03 -46.80 24.54
N THR A 326 20.28 -47.87 24.78
CA THR A 326 19.75 -48.70 23.70
C THR A 326 18.83 -47.89 22.78
N LEU A 327 17.93 -47.11 23.39
CA LEU A 327 17.04 -46.19 22.68
C LEU A 327 17.81 -45.12 21.92
N GLY A 328 18.84 -44.56 22.56
CA GLY A 328 19.73 -43.62 21.96
C GLY A 328 20.54 -44.19 20.82
N ALA A 329 20.89 -45.46 20.93
CA ALA A 329 21.57 -46.18 19.84
C ALA A 329 20.66 -46.37 18.62
N MET A 330 19.40 -46.69 18.94
CA MET A 330 18.38 -46.92 17.93
C MET A 330 18.12 -45.65 17.12
N THR A 331 18.33 -44.48 17.69
CA THR A 331 18.14 -43.21 17.00
C THR A 331 19.48 -42.62 16.51
N GLU A 332 19.66 -42.64 15.19
CA GLU A 332 20.78 -41.99 14.51
C GLU A 332 20.24 -40.77 13.78
N GLY A 333 20.84 -39.61 14.06
CA GLY A 333 20.42 -38.34 13.45
C GLY A 333 19.28 -37.61 14.13
N TYR A 334 18.75 -38.17 15.22
CA TYR A 334 17.64 -37.55 15.96
C TYR A 334 18.22 -36.55 16.95
N SER A 335 17.42 -35.55 17.29
CA SER A 335 17.88 -34.38 18.03
C SER A 335 17.48 -34.34 19.51
N GLY A 336 18.05 -33.37 20.21
CA GLY A 336 17.65 -33.05 21.56
C GLY A 336 16.18 -32.74 21.65
N SER A 337 15.65 -32.03 20.66
CA SER A 337 14.24 -31.71 20.56
C SER A 337 13.39 -32.93 20.30
N ASP A 338 13.88 -33.83 19.45
CA ASP A 338 13.24 -35.12 19.22
C ASP A 338 13.18 -35.95 20.50
N ILE A 339 14.25 -35.91 21.30
CA ILE A 339 14.27 -36.55 22.59
C ILE A 339 13.24 -35.94 23.54
N ALA A 340 13.15 -34.63 23.52
CA ALA A 340 12.17 -33.91 24.33
C ALA A 340 10.75 -34.33 23.91
N VAL A 341 10.53 -34.57 22.62
CA VAL A 341 9.26 -35.14 22.11
C VAL A 341 9.04 -36.52 22.69
N VAL A 342 10.11 -37.32 22.78
CA VAL A 342 10.03 -38.65 23.35
C VAL A 342 9.68 -38.61 24.83
N VAL A 343 10.18 -37.62 25.55
CA VAL A 343 9.95 -37.41 26.95
C VAL A 343 8.50 -36.96 27.21
N LYS A 344 8.00 -36.07 26.36
CA LYS A 344 6.61 -35.63 26.37
C LYS A 344 5.69 -36.81 26.11
N ASP A 345 6.10 -37.71 25.24
CA ASP A 345 5.46 -39.00 25.04
C ASP A 345 5.64 -39.90 26.23
N ALA A 346 6.80 -39.82 26.89
CA ALA A 346 7.01 -40.60 28.11
C ALA A 346 6.03 -40.29 29.24
N LEU A 347 5.74 -39.01 29.43
CA LEU A 347 4.75 -38.53 30.41
C LEU A 347 3.33 -39.04 30.15
N MET A 348 3.02 -39.32 28.89
CA MET A 348 1.73 -39.86 28.51
C MET A 348 1.63 -41.37 28.59
N GLN A 349 2.73 -42.05 28.92
CA GLN A 349 2.72 -43.48 29.11
C GLN A 349 1.77 -43.91 30.25
N PRO A 350 1.84 -43.24 31.42
CA PRO A 350 0.86 -43.55 32.44
C PRO A 350 -0.56 -43.17 32.00
N ILE A 351 -0.68 -42.07 31.27
CA ILE A 351 -1.97 -41.68 30.72
C ILE A 351 -2.59 -42.78 29.83
N ARG A 352 -1.88 -43.11 28.76
CA ARG A 352 -2.33 -44.16 27.87
C ARG A 352 -2.51 -45.49 28.55
N LYS A 353 -1.79 -45.76 29.64
CA LYS A 353 -2.12 -46.89 30.51
C LYS A 353 -3.51 -46.77 31.09
N ILE A 354 -3.81 -45.55 31.59
CA ILE A 354 -5.08 -45.27 32.27
C ILE A 354 -6.27 -45.46 31.32
N GLN A 355 -6.11 -44.97 30.09
CA GLN A 355 -7.10 -45.03 29.06
C GLN A 355 -7.29 -46.42 28.45
N SER A 356 -6.21 -47.12 28.12
CA SER A 356 -6.30 -48.34 27.31
C SER A 356 -6.65 -49.61 28.10
N ALA A 357 -6.21 -49.69 29.36
CA ALA A 357 -6.55 -50.81 30.23
C ALA A 357 -7.99 -50.64 30.68
N THR A 358 -8.68 -51.78 30.81
CA THR A 358 -10.03 -51.83 31.35
C THR A 358 -10.02 -52.24 32.83
N HIS A 359 -9.09 -53.11 33.24
CA HIS A 359 -8.89 -53.47 34.65
C HIS A 359 -7.44 -53.24 35.07
N PHE A 360 -7.27 -53.08 36.37
CA PHE A 360 -5.95 -52.83 36.97
C PHE A 360 -5.72 -53.85 38.11
N LYS A 361 -4.50 -53.85 38.65
CA LYS A 361 -4.05 -54.78 39.70
C LYS A 361 -3.62 -54.00 40.93
N ASP A 362 -3.82 -54.55 42.13
CA ASP A 362 -3.47 -53.87 43.38
C ASP A 362 -1.96 -53.91 43.64
N VAL A 363 -1.43 -52.79 44.15
CA VAL A 363 -0.02 -52.67 44.56
C VAL A 363 0.15 -52.79 46.09
N SER A 364 -0.76 -52.18 46.84
CA SER A 364 -0.71 -52.16 48.32
C SER A 364 -0.62 -53.55 49.00
N THR A 365 0.57 -53.90 49.46
CA THR A 365 0.80 -55.11 50.25
C THR A 365 0.61 -54.75 51.74
N GLU A 366 1.69 -54.65 52.51
CA GLU A 366 1.66 -54.16 53.89
C GLU A 366 2.19 -52.73 54.05
N ASP A 367 2.79 -52.17 52.99
CA ASP A 367 3.41 -50.85 53.05
C ASP A 367 2.37 -49.74 52.94
N ASP A 368 1.61 -49.77 51.84
CA ASP A 368 0.60 -48.73 51.56
C ASP A 368 -0.66 -48.90 52.41
N GLU A 369 -1.32 -47.79 52.70
CA GLU A 369 -2.49 -47.77 53.59
C GLU A 369 -3.78 -48.12 52.86
N THR A 370 -3.96 -47.59 51.65
CA THR A 370 -5.17 -47.81 50.86
C THR A 370 -4.82 -48.42 49.50
N ARG A 371 -5.75 -49.20 48.95
CA ARG A 371 -5.55 -49.88 47.66
C ARG A 371 -5.16 -48.95 46.52
N LYS A 372 -4.16 -49.38 45.73
CA LYS A 372 -3.54 -48.55 44.67
C LYS A 372 -3.15 -49.44 43.50
N LEU A 373 -3.47 -49.03 42.27
CA LEU A 373 -3.45 -49.96 41.12
C LEU A 373 -2.41 -49.70 40.00
N THR A 374 -2.09 -50.77 39.27
CA THR A 374 -1.29 -50.76 38.02
C THR A 374 -2.06 -51.53 36.92
N PRO A 375 -1.84 -51.20 35.64
CA PRO A 375 -2.59 -51.92 34.58
C PRO A 375 -2.24 -53.40 34.45
N CYS A 376 -3.28 -54.23 34.23
CA CYS A 376 -3.10 -55.64 33.86
C CYS A 376 -4.23 -56.10 32.93
N SER A 377 -4.17 -57.33 32.43
CA SER A 377 -5.30 -57.91 31.68
C SER A 377 -6.52 -58.11 32.61
N PRO A 378 -7.74 -58.26 32.06
CA PRO A 378 -8.93 -58.47 32.92
C PRO A 378 -8.81 -59.61 33.94
N GLY A 379 -8.32 -60.77 33.52
CA GLY A 379 -8.11 -61.91 34.41
C GLY A 379 -6.66 -62.05 34.82
N ASP A 380 -6.35 -61.67 36.06
CA ASP A 380 -4.99 -61.77 36.61
C ASP A 380 -5.03 -61.93 38.13
N ASP A 381 -3.96 -62.51 38.70
CA ASP A 381 -3.84 -62.66 40.16
C ASP A 381 -3.82 -61.32 40.89
N GLY A 382 -5.00 -60.92 41.39
CA GLY A 382 -5.17 -59.63 42.08
C GLY A 382 -5.75 -58.53 41.21
N ALA A 383 -6.18 -58.89 40.00
CA ALA A 383 -6.93 -57.99 39.12
C ALA A 383 -8.28 -57.61 39.74
N ILE A 384 -8.41 -56.36 40.18
CA ILE A 384 -9.71 -55.79 40.60
C ILE A 384 -10.66 -55.66 39.41
N GLU A 385 -11.96 -55.75 39.69
CA GLU A 385 -13.00 -56.01 38.68
C GLU A 385 -13.85 -54.80 38.26
N MET A 386 -13.93 -53.75 39.08
CA MET A 386 -14.65 -52.52 38.70
C MET A 386 -13.95 -51.80 37.54
N SER A 387 -14.67 -50.93 36.84
CA SER A 387 -14.20 -50.40 35.56
C SER A 387 -13.30 -49.17 35.68
N TRP A 388 -12.47 -48.95 34.66
CA TRP A 388 -11.55 -47.79 34.61
C TRP A 388 -12.25 -46.45 34.85
N THR A 389 -13.48 -46.33 34.38
CA THR A 389 -14.32 -45.17 34.62
C THR A 389 -14.60 -44.93 36.11
N ASP A 390 -14.68 -46.02 36.88
CA ASP A 390 -14.92 -45.95 38.31
C ASP A 390 -13.73 -45.47 39.14
N ILE A 391 -12.54 -45.28 38.55
CA ILE A 391 -11.34 -45.14 39.37
C ILE A 391 -11.21 -43.76 40.06
N GLU A 392 -11.31 -43.80 41.39
CA GLU A 392 -11.27 -42.63 42.25
C GLU A 392 -9.85 -42.09 42.40
N ALA A 393 -9.77 -40.81 42.75
CA ALA A 393 -8.49 -40.10 42.95
C ALA A 393 -7.37 -40.90 43.64
N ASP A 394 -7.51 -41.21 44.93
CA ASP A 394 -6.48 -41.91 45.70
C ASP A 394 -6.03 -43.26 45.11
N GLU A 395 -6.98 -44.07 44.66
CA GLU A 395 -6.70 -45.42 44.19
C GLU A 395 -5.94 -45.51 42.85
N LEU A 396 -5.70 -44.35 42.22
CA LEU A 396 -4.95 -44.26 40.98
C LEU A 396 -3.47 -44.02 41.26
N LYS A 397 -2.60 -44.75 40.56
CA LYS A 397 -1.15 -44.74 40.81
C LYS A 397 -0.43 -45.13 39.53
N GLU A 398 0.34 -44.21 38.94
CA GLU A 398 1.21 -44.57 37.80
C GLU A 398 2.30 -45.55 38.23
N PRO A 399 2.49 -46.65 37.46
CA PRO A 399 3.54 -47.59 37.84
C PRO A 399 4.88 -47.11 37.30
N ASP A 400 5.91 -47.93 37.49
CA ASP A 400 7.23 -47.65 36.93
C ASP A 400 7.16 -47.71 35.41
N LEU A 401 8.07 -46.98 34.76
CA LEU A 401 8.15 -46.98 33.31
C LEU A 401 9.06 -48.13 32.88
N THR A 402 8.46 -49.07 32.14
CA THR A 402 9.05 -50.35 31.77
C THR A 402 9.43 -50.37 30.28
N ILE A 403 10.03 -51.46 29.81
CA ILE A 403 10.46 -51.61 28.41
C ILE A 403 9.26 -51.49 27.45
N LYS A 404 8.14 -52.10 27.83
CA LYS A 404 6.93 -52.11 27.00
C LYS A 404 6.38 -50.71 26.76
N ASP A 405 6.56 -49.84 27.75
CA ASP A 405 6.17 -48.44 27.61
C ASP A 405 7.09 -47.72 26.62
N PHE A 406 8.35 -48.12 26.58
CA PHE A 406 9.32 -47.48 25.69
C PHE A 406 9.32 -48.09 24.28
N LEU A 407 8.92 -49.36 24.14
CA LEU A 407 8.64 -49.94 22.83
C LEU A 407 7.47 -49.22 22.18
N LYS A 408 6.46 -48.91 23.00
CA LYS A 408 5.33 -48.10 22.60
C LYS A 408 5.72 -46.65 22.30
N ALA A 409 6.79 -46.18 22.91
CA ALA A 409 7.36 -44.88 22.58
C ALA A 409 8.09 -44.93 21.24
N ILE A 410 8.83 -46.01 21.00
CA ILE A 410 9.50 -46.22 19.72
C ILE A 410 8.48 -46.24 18.56
N LYS A 411 7.41 -46.99 18.77
CA LYS A 411 6.29 -47.06 17.86
C LYS A 411 5.69 -45.66 17.56
N SER A 412 5.43 -44.85 18.58
CA SER A 412 4.72 -43.56 18.39
C SER A 412 5.61 -42.33 18.13
N THR A 413 6.89 -42.55 17.77
CA THR A 413 7.75 -41.48 17.27
C THR A 413 8.30 -41.88 15.90
N ARG A 414 7.69 -41.29 14.87
CA ARG A 414 8.13 -41.45 13.48
C ARG A 414 9.40 -40.61 13.27
N PRO A 415 10.24 -40.97 12.28
CA PRO A 415 11.35 -40.10 11.87
C PRO A 415 10.97 -38.63 11.66
N THR A 416 11.78 -37.71 12.19
CA THR A 416 11.44 -36.27 12.22
C THR A 416 12.10 -35.50 11.09
N VAL A 417 13.31 -35.91 10.73
CA VAL A 417 14.31 -34.97 10.24
C VAL A 417 14.44 -34.96 8.70
N ASN A 418 14.52 -33.75 8.14
CA ASN A 418 14.83 -33.55 6.72
C ASN A 418 16.22 -34.12 6.34
N GLU A 419 16.31 -34.68 5.13
CA GLU A 419 17.43 -35.55 4.75
C GLU A 419 18.58 -34.88 3.98
N ASP A 420 18.22 -34.08 2.96
CA ASP A 420 19.21 -33.52 2.03
C ASP A 420 20.03 -32.35 2.61
N ASP A 421 19.50 -31.69 3.64
CA ASP A 421 20.16 -30.52 4.26
C ASP A 421 21.41 -30.92 5.06
N LEU A 422 21.26 -32.00 5.83
CA LEU A 422 22.39 -32.61 6.56
C LEU A 422 23.62 -32.77 5.69
N LEU A 423 23.41 -33.28 4.48
CA LEU A 423 24.47 -33.60 3.54
C LEU A 423 25.08 -32.35 2.94
N LYS A 424 24.22 -31.38 2.61
CA LYS A 424 24.66 -30.10 2.07
C LYS A 424 25.47 -29.32 3.11
N GLN A 425 25.03 -29.35 4.36
CA GLN A 425 25.78 -28.74 5.44
C GLN A 425 27.09 -29.44 5.81
N GLU A 426 27.15 -30.74 5.57
CA GLU A 426 28.40 -31.47 5.62
C GLU A 426 29.31 -31.06 4.49
N GLN A 427 28.73 -30.70 3.34
CA GLN A 427 29.52 -30.28 2.19
C GLN A 427 30.13 -28.89 2.49
N PHE A 428 29.32 -27.99 3.03
CA PHE A 428 29.81 -26.66 3.43
C PHE A 428 30.84 -26.77 4.58
N THR A 429 30.61 -27.73 5.47
CA THR A 429 31.53 -27.96 6.57
C THR A 429 32.91 -28.39 6.06
N ARG A 430 32.92 -29.29 5.08
CA ARG A 430 34.13 -29.71 4.41
C ARG A 430 34.79 -28.54 3.70
N ASP A 431 33.99 -27.71 3.07
CA ASP A 431 34.50 -26.54 2.37
C ASP A 431 34.99 -25.37 3.27
N PHE A 432 34.05 -24.77 4.01
CA PHE A 432 34.30 -23.61 4.86
C PHE A 432 33.96 -23.90 6.32
N GLY A 433 34.05 -22.89 7.17
CA GLY A 433 33.83 -23.04 8.61
C GLY A 433 34.79 -22.14 9.36
N GLN A 434 36.06 -22.17 8.97
CA GLN A 434 37.10 -21.34 9.57
C GLN A 434 37.04 -19.92 9.01
N GLU A 435 36.74 -18.95 9.88
CA GLU A 435 36.80 -17.51 9.57
C GLU A 435 35.75 -17.03 8.54
N GLY A 436 35.70 -15.71 8.32
CA GLY A 436 34.77 -15.09 7.37
C GLY A 436 35.05 -15.41 5.91
N ASN A 437 34.05 -15.14 5.07
CA ASN A 437 34.10 -15.47 3.64
C ASN A 437 33.68 -14.28 2.80
N LEU B 119 8.06 14.06 16.79
CA LEU B 119 7.95 15.37 16.09
C LEU B 119 9.24 15.68 15.32
N SER B 120 10.34 15.84 16.04
CA SER B 120 11.63 16.20 15.45
C SER B 120 12.36 14.97 14.90
N SER B 121 12.66 14.02 15.79
CA SER B 121 13.41 12.81 15.47
C SER B 121 14.78 13.11 14.82
N ALA B 122 15.52 14.04 15.43
CA ALA B 122 16.80 14.50 14.90
C ALA B 122 17.91 13.50 15.21
N ILE B 123 18.72 13.19 14.20
CA ILE B 123 19.86 12.28 14.35
C ILE B 123 21.05 13.06 14.91
N LEU B 124 21.71 12.48 15.91
CA LEU B 124 22.84 13.12 16.58
C LEU B 124 24.11 13.05 15.74
N SER B 125 25.00 14.02 15.94
CA SER B 125 26.28 14.10 15.23
C SER B 125 27.45 14.06 16.22
N GLU B 126 28.13 12.93 16.27
CA GLU B 126 29.27 12.74 17.18
C GLU B 126 30.54 13.45 16.67
N LYS B 127 31.62 13.34 17.45
CA LYS B 127 32.93 13.91 17.10
C LYS B 127 33.92 12.78 16.77
N PRO B 128 34.00 12.37 15.49
CA PRO B 128 35.02 11.39 15.08
C PRO B 128 36.39 12.03 14.86
N ASN B 129 37.46 11.27 15.13
CA ASN B 129 38.83 11.75 15.00
C ASN B 129 39.51 11.17 13.76
N VAL B 130 39.30 11.83 12.63
CA VAL B 130 39.96 11.51 11.37
C VAL B 130 40.56 12.81 10.78
N LYS B 131 41.89 12.85 10.67
CA LYS B 131 42.62 14.05 10.24
C LYS B 131 42.97 13.98 8.75
N TRP B 132 43.57 15.05 8.23
CA TRP B 132 44.02 15.11 6.83
C TRP B 132 45.20 14.17 6.55
N GLU B 133 46.05 13.94 7.55
CA GLU B 133 47.15 12.97 7.44
C GLU B 133 46.65 11.53 7.35
N ASP B 134 45.53 11.24 8.02
CA ASP B 134 44.88 9.92 7.94
C ASP B 134 44.27 9.67 6.56
N VAL B 135 43.65 10.70 5.98
CA VAL B 135 43.08 10.61 4.63
C VAL B 135 44.21 10.63 3.60
N ALA B 136 44.58 9.44 3.13
CA ALA B 136 45.68 9.27 2.18
C ALA B 136 45.24 9.49 0.74
N GLY B 137 46.04 10.25 -0.01
CA GLY B 137 45.81 10.47 -1.44
C GLY B 137 44.69 11.44 -1.76
N LEU B 138 44.55 11.75 -3.05
CA LEU B 138 43.50 12.63 -3.59
C LEU B 138 43.60 14.06 -3.04
N GLU B 139 44.43 14.88 -3.69
CA GLU B 139 44.76 16.22 -3.20
C GLU B 139 43.68 17.22 -3.59
N GLY B 140 43.20 17.09 -4.83
CA GLY B 140 42.23 17.99 -5.41
C GLY B 140 40.92 18.05 -4.62
N ALA B 141 40.50 16.90 -4.13
CA ALA B 141 39.32 16.82 -3.26
C ALA B 141 39.54 17.64 -1.98
N LYS B 142 40.71 17.45 -1.38
CA LYS B 142 41.07 18.19 -0.19
C LYS B 142 41.04 19.69 -0.46
N GLU B 143 41.59 20.11 -1.61
CA GLU B 143 41.59 21.50 -2.01
C GLU B 143 40.16 22.06 -2.11
N ALA B 144 39.28 21.27 -2.75
CA ALA B 144 37.91 21.61 -2.94
C ALA B 144 37.15 21.76 -1.64
N LEU B 145 37.53 20.93 -0.66
CA LEU B 145 36.83 20.91 0.62
C LEU B 145 37.32 22.05 1.50
N LYS B 146 38.63 22.30 1.53
CA LYS B 146 39.15 23.43 2.27
C LYS B 146 38.62 24.75 1.73
N GLU B 147 38.67 24.89 0.41
CA GLU B 147 38.08 26.02 -0.28
C GLU B 147 36.58 26.11 0.06
N ALA B 148 35.91 24.97 0.07
CA ALA B 148 34.49 24.95 0.33
C ALA B 148 34.07 25.45 1.71
N VAL B 149 34.70 24.91 2.76
CA VAL B 149 34.29 25.14 4.16
C VAL B 149 35.33 25.89 5.00
N ILE B 150 36.58 25.42 5.00
CA ILE B 150 37.62 25.92 5.91
C ILE B 150 38.05 27.35 5.56
N LEU B 151 38.20 27.64 4.27
CA LEU B 151 38.64 28.95 3.79
C LEU B 151 37.67 30.11 4.13
N PRO B 152 36.34 29.92 3.90
CA PRO B 152 35.39 30.94 4.39
C PRO B 152 35.34 31.10 5.92
N VAL B 153 35.60 30.02 6.66
CA VAL B 153 35.71 30.08 8.13
C VAL B 153 37.00 30.80 8.54
N LYS B 154 38.09 30.54 7.81
CA LYS B 154 39.40 31.16 8.08
C LYS B 154 39.40 32.66 7.74
N PHE B 155 38.91 32.99 6.54
CA PHE B 155 38.78 34.39 6.09
C PHE B 155 37.39 34.62 5.48
N PRO B 156 36.42 35.14 6.27
CA PRO B 156 35.03 35.31 5.81
C PRO B 156 34.76 36.55 4.95
N HIS B 157 35.47 37.65 5.20
CA HIS B 157 35.23 38.92 4.48
C HIS B 157 35.60 38.90 2.98
N LEU B 158 36.41 37.93 2.55
CA LEU B 158 36.74 37.76 1.14
C LEU B 158 35.52 37.34 0.31
N PHE B 159 34.80 36.34 0.79
CA PHE B 159 33.55 35.89 0.16
C PHE B 159 32.40 36.86 0.45
N LYS B 160 32.36 37.94 -0.33
CA LYS B 160 31.32 38.97 -0.21
C LYS B 160 30.94 39.55 -1.58
N GLY B 161 29.77 40.17 -1.65
CA GLY B 161 29.29 40.81 -2.87
C GLY B 161 28.75 39.81 -3.88
N ASN B 162 29.59 39.44 -4.84
CA ASN B 162 29.20 38.58 -5.95
C ASN B 162 29.42 37.09 -5.63
N ARG B 163 30.64 36.75 -5.25
CA ARG B 163 31.04 35.35 -5.06
C ARG B 163 30.41 34.72 -3.82
N LYS B 164 30.07 33.43 -3.93
CA LYS B 164 29.53 32.63 -2.83
C LYS B 164 30.22 31.25 -2.81
N PRO B 165 30.27 30.58 -1.64
CA PRO B 165 30.95 29.28 -1.57
C PRO B 165 30.19 28.14 -2.24
N THR B 166 30.87 27.01 -2.43
CA THR B 166 30.30 25.84 -3.10
C THR B 166 29.28 25.15 -2.19
N SER B 167 28.04 25.05 -2.67
CA SER B 167 26.92 24.54 -1.88
C SER B 167 26.69 23.02 -2.03
N GLY B 168 26.98 22.48 -3.22
CA GLY B 168 26.71 21.07 -3.53
C GLY B 168 27.86 20.31 -4.15
N ILE B 169 28.76 19.80 -3.30
CA ILE B 169 29.93 19.04 -3.76
C ILE B 169 29.57 17.55 -3.90
N LEU B 170 30.01 16.94 -5.01
CA LEU B 170 29.68 15.55 -5.34
C LEU B 170 30.93 14.66 -5.34
N LEU B 171 31.00 13.75 -4.37
CA LEU B 171 31.98 12.68 -4.34
C LEU B 171 31.36 11.47 -5.01
N TYR B 172 32.13 10.73 -5.82
CA TYR B 172 31.64 9.51 -6.45
C TYR B 172 32.73 8.50 -6.84
N GLY B 173 32.35 7.23 -6.86
CA GLY B 173 33.27 6.11 -7.07
C GLY B 173 32.65 4.82 -6.52
N PRO B 174 33.40 3.70 -6.59
CA PRO B 174 32.88 2.41 -6.09
C PRO B 174 32.83 2.34 -4.55
N PRO B 175 32.18 1.28 -4.00
CA PRO B 175 32.06 1.18 -2.54
C PRO B 175 33.38 0.91 -1.81
N GLY B 176 33.41 1.24 -0.52
CA GLY B 176 34.59 1.02 0.32
C GLY B 176 35.83 1.87 0.05
N THR B 177 35.66 2.97 -0.69
CA THR B 177 36.77 3.82 -1.13
C THR B 177 37.04 5.05 -0.24
N GLY B 178 36.22 5.24 0.80
CA GLY B 178 36.42 6.32 1.77
C GLY B 178 35.70 7.61 1.47
N LYS B 179 34.47 7.52 0.97
CA LYS B 179 33.59 8.69 0.80
C LYS B 179 32.97 9.09 2.15
N SER B 180 32.38 8.11 2.83
CA SER B 180 31.93 8.30 4.19
C SER B 180 33.07 8.72 5.10
N TYR B 181 34.23 8.08 4.90
CA TYR B 181 35.44 8.36 5.66
C TYR B 181 35.90 9.79 5.46
N LEU B 182 35.79 10.31 4.23
CA LEU B 182 36.14 11.68 3.94
C LEU B 182 35.13 12.65 4.49
N ALA B 183 33.86 12.30 4.48
CA ALA B 183 32.82 13.10 5.11
C ALA B 183 33.09 13.27 6.61
N LYS B 184 33.42 12.16 7.25
CA LYS B 184 33.80 12.12 8.65
C LYS B 184 35.08 12.92 8.87
N ALA B 185 35.99 12.88 7.94
CA ALA B 185 37.26 13.58 8.06
C ALA B 185 37.05 15.10 8.07
N VAL B 186 36.24 15.55 7.12
CA VAL B 186 35.86 16.96 7.04
C VAL B 186 35.13 17.37 8.34
N ALA B 187 34.24 16.50 8.80
CA ALA B 187 33.48 16.78 10.00
C ALA B 187 34.35 16.89 11.24
N THR B 188 35.48 16.21 11.25
CA THR B 188 36.45 16.34 12.33
C THR B 188 37.01 17.78 12.44
N GLU B 189 37.49 18.30 11.31
CA GLU B 189 38.09 19.64 11.23
C GLU B 189 37.13 20.62 10.54
N ALA B 190 35.87 20.63 11.00
CA ALA B 190 34.84 21.49 10.43
C ALA B 190 34.74 22.83 11.16
N ASN B 191 34.77 22.78 12.49
CA ASN B 191 34.46 23.93 13.35
C ASN B 191 33.03 24.39 13.08
N SER B 192 32.11 23.42 13.10
CA SER B 192 30.75 23.59 12.59
C SER B 192 29.86 22.40 12.95
N THR B 193 28.56 22.58 12.78
CA THR B 193 27.58 21.50 12.98
C THR B 193 27.62 20.52 11.80
N PHE B 194 26.98 19.37 11.98
CA PHE B 194 26.91 18.32 10.96
C PHE B 194 25.53 17.65 10.96
N PHE B 195 25.11 17.12 9.81
CA PHE B 195 23.86 16.38 9.69
C PHE B 195 24.07 15.07 8.93
N SER B 196 24.37 14.00 9.66
CA SER B 196 24.53 12.67 9.08
C SER B 196 23.16 12.03 8.84
N VAL B 197 22.94 11.53 7.62
CA VAL B 197 21.66 10.90 7.25
C VAL B 197 21.79 10.05 5.98
N SER B 198 21.14 8.89 5.99
CA SER B 198 21.09 8.01 4.82
C SER B 198 19.83 8.32 4.01
N SER B 199 19.87 7.96 2.72
CA SER B 199 18.73 8.16 1.82
C SER B 199 17.53 7.29 2.20
N SER B 200 17.79 6.04 2.56
CA SER B 200 16.74 5.08 2.93
C SER B 200 16.42 5.10 4.43
N ASP B 201 17.46 5.03 5.27
CA ASP B 201 17.29 4.81 6.70
C ASP B 201 16.84 6.04 7.49
N LEU B 202 15.52 6.30 7.44
CA LEU B 202 14.85 7.25 8.34
C LEU B 202 13.35 6.94 8.33
N VAL B 203 12.73 7.05 7.16
CA VAL B 203 11.41 6.45 6.89
C VAL B 203 11.26 6.29 5.37
N SER B 204 10.58 5.22 4.95
CA SER B 204 10.44 4.89 3.53
C SER B 204 9.08 4.29 3.20
N LYS B 205 8.17 5.14 2.72
CA LYS B 205 6.85 4.73 2.24
C LYS B 205 5.93 4.18 3.34
N TRP B 206 5.23 5.10 4.00
CA TRP B 206 4.15 4.76 4.93
C TRP B 206 2.97 5.69 4.67
N MET B 207 2.20 5.35 3.64
CA MET B 207 1.14 6.21 3.09
C MET B 207 1.67 7.60 2.69
N GLY B 208 2.85 7.62 2.08
CA GLY B 208 3.55 8.87 1.76
C GLY B 208 4.22 9.50 2.96
N GLU B 209 4.53 10.80 2.83
CA GLU B 209 5.17 11.60 3.88
C GLU B 209 6.56 11.08 4.32
N SER B 210 7.52 11.22 3.41
CA SER B 210 8.94 11.14 3.73
C SER B 210 9.64 12.46 3.37
N GLU B 211 8.85 13.53 3.19
CA GLU B 211 9.33 14.84 2.76
C GLU B 211 9.41 15.86 3.89
N LYS B 212 8.48 15.76 4.84
CA LYS B 212 8.50 16.56 6.05
C LYS B 212 9.80 16.40 6.82
N LEU B 213 10.34 15.18 6.82
CA LEU B 213 11.67 14.93 7.40
C LEU B 213 12.72 15.79 6.71
N VAL B 214 12.64 15.91 5.38
CA VAL B 214 13.58 16.70 4.64
C VAL B 214 13.42 18.21 4.92
N LYS B 215 12.16 18.62 5.03
CA LYS B 215 11.83 20.01 5.31
C LYS B 215 12.37 20.44 6.68
N GLN B 216 12.17 19.60 7.67
CA GLN B 216 12.71 19.83 9.00
C GLN B 216 14.20 19.68 9.01
N LEU B 217 14.79 18.91 8.12
CA LEU B 217 16.23 18.73 8.11
C LEU B 217 16.88 20.02 7.62
N PHE B 218 16.46 20.46 6.43
CA PHE B 218 17.06 21.63 5.82
C PHE B 218 16.72 22.90 6.63
N ALA B 219 15.49 22.96 7.11
CA ALA B 219 15.03 24.14 7.82
C ALA B 219 15.78 24.34 9.14
N MET B 220 15.93 23.27 9.89
CA MET B 220 16.76 23.26 11.08
C MET B 220 18.24 23.39 10.80
N ALA B 221 18.70 23.08 9.59
CA ALA B 221 20.04 23.51 9.18
C ALA B 221 20.18 24.98 8.80
N ARG B 222 19.07 25.70 8.56
CA ARG B 222 19.16 27.12 8.14
C ARG B 222 19.66 28.06 9.24
N GLU B 223 18.96 28.10 10.37
CA GLU B 223 19.29 29.03 11.47
C GLU B 223 20.68 28.77 12.08
N ASN B 224 21.07 27.50 12.17
CA ASN B 224 22.42 27.13 12.59
C ASN B 224 23.36 27.27 11.38
N LYS B 225 23.98 28.43 11.27
CA LYS B 225 24.84 28.77 10.12
C LYS B 225 26.22 28.07 10.28
N PRO B 226 27.10 28.18 9.27
CA PRO B 226 27.99 27.10 8.83
C PRO B 226 27.60 25.66 9.27
N SER B 227 26.99 24.93 8.35
CA SER B 227 26.55 23.55 8.60
C SER B 227 26.80 22.66 7.37
N ILE B 228 27.01 21.37 7.63
CA ILE B 228 27.29 20.38 6.59
C ILE B 228 26.24 19.27 6.62
N ILE B 229 25.45 19.20 5.54
CA ILE B 229 24.48 18.12 5.33
C ILE B 229 25.20 17.01 4.55
N PHE B 230 24.77 15.77 4.76
CA PHE B 230 25.35 14.61 4.07
C PHE B 230 24.27 13.56 3.82
N ILE B 231 23.83 13.44 2.56
CA ILE B 231 22.88 12.41 2.15
C ILE B 231 23.66 11.23 1.59
N ASP B 232 23.69 10.12 2.34
CA ASP B 232 24.43 8.93 1.93
C ASP B 232 23.67 8.18 0.82
N GLN B 233 24.34 8.01 -0.33
CA GLN B 233 23.82 7.27 -1.48
C GLN B 233 22.54 7.86 -2.06
N VAL B 234 22.68 8.95 -2.82
CA VAL B 234 21.54 9.62 -3.48
C VAL B 234 20.91 8.81 -4.62
N ASP B 235 21.66 7.87 -5.19
CA ASP B 235 21.13 6.98 -6.25
C ASP B 235 19.98 6.08 -5.81
N ALA B 236 19.90 5.78 -4.51
CA ALA B 236 18.79 4.99 -3.94
C ALA B 236 17.44 5.71 -4.00
N LEU B 237 17.46 7.05 -4.02
CA LEU B 237 16.23 7.85 -4.12
C LEU B 237 15.60 7.76 -5.50
N THR B 238 16.41 7.95 -6.54
CA THR B 238 15.96 7.91 -7.93
C THR B 238 15.73 6.46 -8.39
N GLY B 239 14.66 6.26 -9.16
CA GLY B 239 14.32 4.97 -9.76
C GLY B 239 14.73 4.91 -11.22
N THR B 240 15.56 3.92 -11.57
CA THR B 240 16.08 3.79 -12.94
C THR B 240 15.03 3.30 -13.95
N ARG B 241 14.20 2.33 -13.55
CA ARG B 241 13.15 1.77 -14.40
C ARG B 241 11.82 2.43 -14.06
N GLY B 242 11.41 2.29 -12.80
CA GLY B 242 10.14 2.84 -12.31
C GLY B 242 10.18 2.91 -10.80
N GLU B 243 10.00 1.76 -10.16
CA GLU B 243 10.21 1.61 -8.71
C GLU B 243 9.26 2.54 -7.91
N GLY B 244 9.71 3.09 -6.78
CA GLY B 244 8.93 4.09 -6.04
C GLY B 244 8.78 5.44 -6.73
N GLU B 245 9.69 5.77 -7.65
CA GLU B 245 9.64 7.03 -8.41
C GLU B 245 8.35 7.17 -9.24
N SER B 246 7.78 6.06 -9.68
CA SER B 246 6.46 6.04 -10.31
C SER B 246 5.36 6.35 -9.28
N GLU B 247 5.41 5.67 -8.13
CA GLU B 247 4.40 5.83 -7.08
C GLU B 247 4.57 7.12 -6.26
N ALA B 248 5.32 7.07 -5.16
CA ALA B 248 5.40 8.17 -4.18
C ALA B 248 6.76 8.87 -4.04
N SER B 249 7.84 8.22 -4.52
CA SER B 249 9.20 8.78 -4.38
C SER B 249 9.50 9.97 -5.29
N ARG B 250 8.63 10.24 -6.25
CA ARG B 250 8.67 11.49 -6.99
C ARG B 250 8.55 12.69 -6.07
N ARG B 251 7.76 12.57 -5.01
CA ARG B 251 7.66 13.62 -4.01
C ARG B 251 8.95 13.79 -3.26
N ILE B 252 9.71 12.71 -3.09
CA ILE B 252 11.04 12.84 -2.45
C ILE B 252 12.04 13.53 -3.38
N LYS B 253 12.14 12.99 -4.59
CA LYS B 253 13.11 13.48 -5.58
C LYS B 253 12.86 14.96 -5.90
N THR B 254 11.60 15.30 -6.11
CA THR B 254 11.18 16.69 -6.28
C THR B 254 11.54 17.58 -5.09
N GLU B 255 11.16 17.12 -3.90
CA GLU B 255 11.33 17.91 -2.68
C GLU B 255 12.82 18.18 -2.41
N LEU B 256 13.67 17.19 -2.58
CA LEU B 256 15.09 17.41 -2.49
C LEU B 256 15.55 18.41 -3.56
N LEU B 257 15.02 18.23 -4.77
CA LEU B 257 15.51 18.98 -5.91
C LEU B 257 15.24 20.48 -5.75
N VAL B 258 14.05 20.79 -5.28
CA VAL B 258 13.61 22.15 -5.03
C VAL B 258 14.28 22.72 -3.75
N GLN B 259 14.29 21.96 -2.65
CA GLN B 259 14.69 22.52 -1.35
C GLN B 259 16.20 22.76 -1.20
N MET B 260 17.03 21.96 -1.86
CA MET B 260 18.50 22.14 -1.85
C MET B 260 18.95 23.52 -2.35
N ASN B 261 18.28 24.03 -3.39
CA ASN B 261 18.58 25.33 -3.97
C ASN B 261 17.92 26.46 -3.20
N GLY B 262 16.78 26.20 -2.56
CA GLY B 262 16.08 27.19 -1.78
C GLY B 262 16.82 27.58 -0.53
N VAL B 263 17.65 26.68 -0.01
CA VAL B 263 18.42 26.95 1.20
C VAL B 263 19.61 27.88 0.89
N GLY B 264 20.34 27.55 -0.16
CA GLY B 264 21.39 28.41 -0.68
C GLY B 264 20.87 29.73 -1.20
N ASN B 265 19.60 29.81 -1.59
CA ASN B 265 18.98 31.08 -1.91
C ASN B 265 18.74 31.93 -0.66
N ASP B 266 18.29 31.30 0.42
CA ASP B 266 17.97 32.01 1.68
C ASP B 266 19.17 32.11 2.63
N SER B 267 19.64 30.96 3.12
CA SER B 267 20.70 30.90 4.13
C SER B 267 22.10 31.24 3.61
N GLN B 268 22.34 31.04 2.31
CA GLN B 268 23.60 31.38 1.63
C GLN B 268 24.77 30.49 2.09
N GLY B 269 24.98 29.39 1.37
CA GLY B 269 26.15 28.53 1.56
C GLY B 269 26.02 27.51 2.69
N VAL B 270 25.00 26.66 2.58
CA VAL B 270 24.84 25.50 3.46
C VAL B 270 25.27 24.26 2.65
N LEU B 271 26.33 23.59 3.10
CA LEU B 271 26.97 22.54 2.31
C LEU B 271 26.19 21.22 2.32
N VAL B 272 25.97 20.67 1.12
CA VAL B 272 25.42 19.34 0.93
C VAL B 272 26.46 18.51 0.20
N LEU B 273 26.85 17.37 0.78
CA LEU B 273 27.91 16.51 0.25
C LEU B 273 27.31 15.21 -0.33
N GLY B 274 27.51 15.00 -1.64
CA GLY B 274 27.03 13.80 -2.31
C GLY B 274 28.03 12.66 -2.20
N ALA B 275 27.53 11.46 -1.91
CA ALA B 275 28.37 10.26 -1.78
C ALA B 275 27.74 9.08 -2.55
N THR B 276 27.41 9.33 -3.81
CA THR B 276 26.76 8.34 -4.67
C THR B 276 27.74 7.28 -5.19
N ASN B 277 27.23 6.06 -5.38
CA ASN B 277 27.98 4.98 -6.06
C ASN B 277 27.64 4.86 -7.54
N ILE B 278 26.41 5.24 -7.91
CA ILE B 278 25.89 5.06 -9.27
C ILE B 278 25.44 6.43 -9.82
N PRO B 279 26.39 7.22 -10.36
CA PRO B 279 26.09 8.58 -10.82
C PRO B 279 25.42 8.74 -12.20
N TRP B 280 25.42 7.68 -13.03
CA TRP B 280 24.89 7.77 -14.40
C TRP B 280 23.44 7.26 -14.55
N GLN B 281 23.02 6.34 -13.67
CA GLN B 281 21.59 6.02 -13.51
C GLN B 281 20.84 7.15 -12.78
N LEU B 282 21.56 7.94 -11.99
CA LEU B 282 21.01 9.12 -11.31
C LEU B 282 20.47 10.13 -12.33
N ASP B 283 19.36 10.78 -11.99
CA ASP B 283 18.65 11.67 -12.91
C ASP B 283 19.47 12.92 -13.21
N SER B 284 19.34 13.43 -14.43
CA SER B 284 20.09 14.59 -14.90
C SER B 284 19.65 15.91 -14.24
N ALA B 285 18.40 15.96 -13.78
CA ALA B 285 17.85 17.15 -13.12
C ALA B 285 18.47 17.44 -11.74
N ILE B 286 18.88 16.39 -11.03
CA ILE B 286 19.51 16.55 -9.71
C ILE B 286 20.95 17.03 -9.86
N ARG B 287 21.72 16.36 -10.72
CA ARG B 287 23.16 16.63 -10.88
C ARG B 287 23.52 17.99 -11.53
N ARG B 288 22.57 18.65 -12.19
CA ARG B 288 22.79 20.00 -12.71
C ARG B 288 22.43 21.09 -11.69
N ARG B 289 21.46 20.81 -10.82
CA ARG B 289 21.19 21.65 -9.65
C ARG B 289 22.33 21.53 -8.62
N PHE B 290 22.84 20.30 -8.46
CA PHE B 290 23.97 20.02 -7.59
C PHE B 290 25.26 20.50 -8.27
N GLU B 291 26.17 21.10 -7.50
CA GLU B 291 27.33 21.81 -8.07
C GLU B 291 28.52 20.86 -8.36
N ARG B 292 29.75 21.26 -8.02
CA ARG B 292 30.97 20.68 -8.60
C ARG B 292 31.21 19.21 -8.24
N ARG B 293 31.78 18.47 -9.19
CA ARG B 293 32.03 17.02 -9.04
C ARG B 293 33.43 16.73 -8.52
N ILE B 294 33.57 15.59 -7.83
CA ILE B 294 34.87 15.08 -7.39
C ILE B 294 34.92 13.57 -7.65
N TYR B 295 35.69 13.16 -8.66
CA TYR B 295 35.90 11.75 -8.97
C TYR B 295 36.88 11.14 -7.96
N ILE B 296 36.62 9.88 -7.59
CA ILE B 296 37.47 9.12 -6.66
C ILE B 296 38.02 7.89 -7.39
N PRO B 297 39.25 7.99 -7.96
CA PRO B 297 39.88 6.81 -8.57
C PRO B 297 40.44 5.82 -7.54
N LEU B 298 41.06 4.76 -8.03
CA LEU B 298 41.69 3.76 -7.17
C LEU B 298 42.96 4.34 -6.52
N PRO B 299 43.25 3.96 -5.24
CA PRO B 299 44.46 4.45 -4.55
C PRO B 299 45.77 4.22 -5.31
N ASP B 300 46.69 5.19 -5.21
CA ASP B 300 47.99 5.15 -5.88
C ASP B 300 49.12 4.92 -4.88
N LEU B 301 50.32 4.68 -5.42
CA LEU B 301 51.56 4.40 -4.64
C LEU B 301 51.61 4.92 -3.19
N ALA B 302 51.64 6.24 -3.05
CA ALA B 302 51.82 6.86 -1.76
C ALA B 302 50.60 6.57 -0.87
N ALA B 303 49.41 6.62 -1.48
CA ALA B 303 48.18 6.49 -0.73
C ALA B 303 48.01 5.09 -0.13
N ARG B 304 48.16 4.08 -0.99
CA ARG B 304 48.11 2.70 -0.53
C ARG B 304 49.23 2.43 0.46
N THR B 305 50.41 2.99 0.19
CA THR B 305 51.56 2.76 1.07
C THR B 305 51.27 3.23 2.51
N THR B 306 50.88 4.50 2.61
CA THR B 306 50.55 5.08 3.92
C THR B 306 49.39 4.37 4.56
N MET B 307 48.39 3.95 3.76
CA MET B 307 47.31 3.15 4.30
C MET B 307 47.71 1.82 4.98
N PHE B 308 48.89 1.27 4.69
CA PHE B 308 49.36 0.08 5.41
C PHE B 308 49.83 0.38 6.83
N GLU B 309 50.49 1.53 7.03
CA GLU B 309 51.11 1.88 8.32
C GLU B 309 50.23 2.69 9.29
N ILE B 310 48.93 2.82 9.02
CA ILE B 310 48.02 3.55 9.91
C ILE B 310 47.78 2.73 11.19
N ASN B 311 47.23 1.52 11.02
CA ASN B 311 46.79 0.69 12.14
C ASN B 311 47.92 -0.20 12.69
N VAL B 312 47.65 -0.77 13.86
CA VAL B 312 48.52 -1.74 14.54
C VAL B 312 49.82 -1.08 15.05
N GLY B 313 50.96 -1.27 14.36
CA GLY B 313 52.23 -0.65 14.76
C GLY B 313 52.87 -1.12 16.06
N ASP B 314 52.48 -2.30 16.55
CA ASP B 314 53.09 -2.90 17.76
C ASP B 314 54.22 -3.84 17.36
N THR B 315 53.97 -4.68 16.35
CA THR B 315 55.04 -5.40 15.67
C THR B 315 55.84 -4.34 14.91
N PRO B 316 57.14 -4.16 15.26
CA PRO B 316 57.89 -3.00 14.79
C PRO B 316 58.17 -3.03 13.28
N CYS B 317 57.19 -2.58 12.50
CA CYS B 317 57.25 -2.52 11.04
C CYS B 317 57.45 -3.91 10.40
N VAL B 318 57.83 -3.93 9.13
CA VAL B 318 58.25 -5.15 8.43
C VAL B 318 59.60 -4.83 7.76
N LEU B 319 59.86 -5.33 6.55
CA LEU B 319 61.02 -4.89 5.76
C LEU B 319 60.85 -3.42 5.30
N THR B 320 61.88 -2.87 4.65
CA THR B 320 61.90 -1.46 4.24
C THR B 320 60.76 -1.06 3.29
N LYS B 321 60.59 0.24 3.09
CA LYS B 321 59.44 0.80 2.33
C LYS B 321 59.37 0.37 0.86
N GLU B 322 60.48 -0.13 0.30
CA GLU B 322 60.51 -0.73 -1.02
C GLU B 322 59.62 -1.94 -1.10
N ASP B 323 59.55 -2.73 -0.02
CA ASP B 323 58.66 -3.88 0.03
C ASP B 323 57.19 -3.52 0.15
N TYR B 324 56.87 -2.40 0.80
CA TYR B 324 55.55 -1.82 0.75
C TYR B 324 55.18 -1.38 -0.63
N ARG B 325 56.15 -1.05 -1.48
CA ARG B 325 55.86 -0.68 -2.86
C ARG B 325 55.77 -1.88 -3.76
N THR B 326 56.53 -2.93 -3.47
CA THR B 326 56.50 -4.16 -4.25
C THR B 326 55.16 -4.91 -4.04
N LEU B 327 54.88 -5.17 -2.77
CA LEU B 327 53.58 -5.66 -2.34
C LEU B 327 52.47 -4.71 -2.73
N GLY B 328 52.73 -3.40 -2.68
CA GLY B 328 51.78 -2.39 -3.10
C GLY B 328 51.34 -2.55 -4.56
N ALA B 329 52.31 -2.65 -5.47
CA ALA B 329 52.06 -2.92 -6.85
C ALA B 329 51.45 -4.29 -7.08
N MET B 330 51.75 -5.25 -6.22
CA MET B 330 51.06 -6.55 -6.26
C MET B 330 49.61 -6.37 -5.77
N THR B 331 49.41 -5.61 -4.69
CA THR B 331 48.08 -5.33 -4.13
C THR B 331 47.42 -4.06 -4.70
N GLU B 332 47.85 -3.60 -5.88
CA GLU B 332 47.28 -2.42 -6.52
C GLU B 332 45.90 -2.72 -7.11
N GLY B 333 45.02 -1.73 -7.10
CA GLY B 333 43.63 -1.89 -7.52
C GLY B 333 42.65 -2.16 -6.40
N TYR B 334 43.14 -2.36 -5.18
CA TYR B 334 42.29 -2.61 -4.01
C TYR B 334 41.67 -1.31 -3.49
N SER B 335 40.49 -1.44 -2.88
CA SER B 335 39.79 -0.33 -2.24
C SER B 335 40.30 -0.11 -0.81
N GLY B 336 39.72 0.86 -0.12
CA GLY B 336 40.03 1.14 1.27
C GLY B 336 39.52 0.05 2.19
N SER B 337 38.32 -0.45 1.94
CA SER B 337 37.77 -1.58 2.66
C SER B 337 38.61 -2.82 2.45
N ASP B 338 39.15 -2.99 1.25
CA ASP B 338 40.05 -4.13 1.00
C ASP B 338 41.30 -4.03 1.88
N ILE B 339 41.86 -2.84 1.98
CA ILE B 339 43.00 -2.59 2.85
C ILE B 339 42.65 -2.92 4.30
N ALA B 340 41.46 -2.49 4.71
CA ALA B 340 40.98 -2.75 6.06
C ALA B 340 40.88 -4.25 6.33
N VAL B 341 40.42 -5.01 5.35
CA VAL B 341 40.32 -6.44 5.43
C VAL B 341 41.69 -7.11 5.47
N VAL B 342 42.65 -6.60 4.73
CA VAL B 342 44.02 -7.05 4.82
C VAL B 342 44.55 -6.87 6.24
N VAL B 343 44.27 -5.70 6.79
CA VAL B 343 44.73 -5.33 8.13
C VAL B 343 44.16 -6.29 9.18
N LYS B 344 42.85 -6.50 9.10
CA LYS B 344 42.13 -7.41 9.95
C LYS B 344 42.65 -8.84 9.83
N ASP B 345 43.00 -9.24 8.63
CA ASP B 345 43.60 -10.54 8.39
C ASP B 345 44.95 -10.69 9.09
N ALA B 346 45.76 -9.65 8.95
CA ALA B 346 47.06 -9.57 9.61
C ALA B 346 46.95 -9.60 11.15
N LEU B 347 45.88 -9.03 11.64
CA LEU B 347 45.58 -9.03 13.07
C LEU B 347 45.26 -10.48 13.51
N MET B 348 44.37 -11.10 12.75
CA MET B 348 43.97 -12.48 13.02
C MET B 348 45.02 -13.56 12.71
N GLN B 349 46.11 -13.21 12.01
CA GLN B 349 47.16 -14.16 11.62
C GLN B 349 47.87 -14.83 12.78
N PRO B 350 48.29 -14.08 13.83
CA PRO B 350 48.88 -14.70 14.97
C PRO B 350 47.92 -15.59 15.74
N ILE B 351 46.63 -15.32 15.66
CA ILE B 351 45.63 -16.12 16.32
C ILE B 351 45.43 -17.45 15.60
N ARG B 352 45.33 -17.43 14.27
CA ARG B 352 45.34 -18.67 13.52
C ARG B 352 46.66 -19.44 13.53
N LYS B 353 47.75 -18.75 13.86
CA LYS B 353 49.01 -19.41 14.23
C LYS B 353 48.99 -20.05 15.63
N ILE B 354 48.18 -19.48 16.52
CA ILE B 354 47.92 -20.04 17.82
C ILE B 354 47.04 -21.29 17.67
N GLN B 355 46.13 -21.29 16.69
CA GLN B 355 45.31 -22.50 16.41
C GLN B 355 46.16 -23.73 16.08
N SER B 356 47.17 -23.54 15.24
CA SER B 356 48.06 -24.64 14.81
C SER B 356 49.04 -25.13 15.88
N ALA B 357 49.33 -24.29 16.89
CA ALA B 357 50.36 -24.58 17.89
C ALA B 357 49.95 -25.66 18.91
N THR B 358 49.42 -25.25 20.07
CA THR B 358 49.20 -26.12 21.24
C THR B 358 50.46 -26.89 21.72
N HIS B 359 51.63 -26.34 21.46
CA HIS B 359 52.93 -26.93 21.83
C HIS B 359 53.94 -25.78 21.90
N PHE B 360 54.01 -25.13 23.07
CA PHE B 360 54.64 -23.82 23.18
C PHE B 360 56.16 -23.91 23.42
N LYS B 361 56.92 -23.19 22.59
CA LYS B 361 58.37 -23.08 22.71
C LYS B 361 58.75 -21.73 23.30
N ASP B 362 59.89 -21.69 23.99
CA ASP B 362 60.47 -20.47 24.52
C ASP B 362 61.65 -20.03 23.64
N VAL B 363 61.48 -18.88 22.97
CA VAL B 363 62.52 -18.33 22.09
C VAL B 363 63.61 -17.66 22.93
N SER B 364 63.19 -16.83 23.91
CA SER B 364 64.11 -16.14 24.80
C SER B 364 64.71 -17.08 25.85
N THR B 365 65.64 -16.55 26.64
CA THR B 365 66.29 -17.30 27.72
C THR B 365 65.38 -17.42 28.95
N GLU B 366 65.80 -18.25 29.92
CA GLU B 366 65.06 -18.48 31.16
C GLU B 366 65.31 -17.42 32.26
N ASP B 367 66.14 -16.41 31.97
CA ASP B 367 66.43 -15.32 32.93
C ASP B 367 65.24 -14.41 33.23
N ASP B 368 64.27 -14.34 32.31
CA ASP B 368 63.06 -13.53 32.50
C ASP B 368 62.11 -14.13 33.55
N GLU B 369 61.10 -13.35 33.92
CA GLU B 369 60.11 -13.76 34.93
C GLU B 369 59.30 -15.00 34.52
N THR B 370 59.00 -15.12 33.23
CA THR B 370 58.31 -16.28 32.68
C THR B 370 58.81 -16.62 31.27
N ARG B 371 58.73 -17.90 30.91
CA ARG B 371 59.14 -18.37 29.58
C ARG B 371 58.18 -17.85 28.49
N LYS B 372 58.74 -17.14 27.51
CA LYS B 372 57.94 -16.47 26.47
C LYS B 372 57.39 -17.47 25.45
N LEU B 373 56.12 -17.81 25.60
CA LEU B 373 55.48 -18.86 24.79
C LEU B 373 55.22 -18.40 23.36
N THR B 374 55.94 -18.99 22.40
CA THR B 374 55.73 -18.69 20.97
C THR B 374 54.79 -19.72 20.32
N PRO B 375 53.93 -19.28 19.37
CA PRO B 375 53.16 -20.26 18.58
C PRO B 375 54.03 -21.01 17.57
N CYS B 376 54.09 -22.34 17.71
CA CYS B 376 54.85 -23.20 16.78
C CYS B 376 54.41 -24.65 16.85
N SER B 377 54.78 -25.42 15.82
CA SER B 377 54.44 -26.83 15.71
C SER B 377 55.28 -27.70 16.66
N PRO B 378 54.82 -28.93 16.97
CA PRO B 378 55.61 -29.85 17.81
C PRO B 378 56.88 -30.42 17.15
N GLY B 379 56.98 -30.32 15.82
CA GLY B 379 58.18 -30.76 15.10
C GLY B 379 59.46 -30.02 15.49
N ASP B 380 59.33 -28.72 15.77
CA ASP B 380 60.46 -27.91 16.25
C ASP B 380 60.79 -28.29 17.69
N ASP B 381 62.08 -28.33 18.00
CA ASP B 381 62.55 -28.81 19.32
C ASP B 381 62.33 -27.79 20.43
N GLY B 382 62.31 -28.28 21.67
CA GLY B 382 62.08 -27.45 22.85
C GLY B 382 60.65 -26.96 23.03
N ALA B 383 59.69 -27.71 22.47
CA ALA B 383 58.26 -27.36 22.54
C ALA B 383 57.53 -28.30 23.49
N ILE B 384 56.64 -27.73 24.31
CA ILE B 384 55.83 -28.49 25.28
C ILE B 384 54.40 -27.97 25.33
N GLU B 385 53.47 -28.84 25.71
CA GLU B 385 52.04 -28.53 25.74
C GLU B 385 51.56 -28.09 27.13
N MET B 386 50.51 -27.27 27.15
CA MET B 386 49.88 -26.81 28.39
C MET B 386 48.47 -26.29 28.11
N SER B 387 47.77 -25.83 29.16
CA SER B 387 46.44 -25.25 29.02
C SER B 387 46.48 -23.92 28.25
N TRP B 388 46.16 -23.97 26.96
CA TRP B 388 46.20 -22.80 26.09
C TRP B 388 45.12 -21.74 26.40
N THR B 389 44.02 -22.15 27.05
CA THR B 389 42.95 -21.22 27.44
C THR B 389 43.40 -20.26 28.55
N ASP B 390 44.03 -20.81 29.58
CA ASP B 390 44.52 -20.02 30.73
C ASP B 390 46.00 -19.65 30.55
N ILE B 391 46.26 -18.77 29.58
CA ILE B 391 47.60 -18.24 29.33
C ILE B 391 47.59 -16.74 29.59
N GLU B 392 48.55 -16.26 30.39
CA GLU B 392 48.66 -14.84 30.74
C GLU B 392 49.26 -14.04 29.58
N ALA B 393 49.03 -12.74 29.58
CA ALA B 393 49.49 -11.85 28.50
C ALA B 393 51.02 -11.68 28.44
N ASP B 394 51.69 -11.67 29.59
CA ASP B 394 53.14 -11.45 29.65
C ASP B 394 53.97 -12.58 29.01
N GLU B 395 53.54 -13.82 29.19
CA GLU B 395 54.22 -14.98 28.57
C GLU B 395 53.88 -15.18 27.09
N LEU B 396 52.80 -14.56 26.62
CA LEU B 396 52.41 -14.58 25.21
C LEU B 396 53.34 -13.71 24.37
N LYS B 397 53.52 -14.10 23.11
CA LYS B 397 54.36 -13.34 22.17
C LYS B 397 53.94 -13.65 20.72
N GLU B 398 53.52 -12.62 19.99
CA GLU B 398 53.10 -12.77 18.59
C GLU B 398 54.31 -13.00 17.67
N PRO B 399 54.16 -13.88 16.65
CA PRO B 399 55.20 -13.99 15.62
C PRO B 399 55.27 -12.77 14.69
N ASP B 400 56.30 -12.74 13.84
CA ASP B 400 56.47 -11.65 12.86
C ASP B 400 55.46 -11.79 11.73
N LEU B 401 54.92 -10.66 11.27
CA LEU B 401 53.91 -10.64 10.20
C LEU B 401 54.57 -10.94 8.86
N THR B 402 54.31 -12.15 8.35
CA THR B 402 54.96 -12.66 7.13
C THR B 402 54.28 -12.12 5.86
N ILE B 403 54.84 -12.50 4.71
CA ILE B 403 54.26 -12.16 3.40
C ILE B 403 52.97 -12.98 3.13
N LYS B 404 52.80 -14.11 3.83
CA LYS B 404 51.63 -14.97 3.67
C LYS B 404 50.32 -14.33 4.10
N ASP B 405 50.39 -13.24 4.84
CA ASP B 405 49.21 -12.44 5.17
C ASP B 405 48.57 -11.87 3.90
N PHE B 406 49.42 -11.23 3.10
CA PHE B 406 49.05 -10.68 1.81
C PHE B 406 48.65 -11.76 0.84
N LEU B 407 49.23 -12.94 0.96
CA LEU B 407 48.86 -14.07 0.10
C LEU B 407 47.49 -14.61 0.47
N LYS B 408 47.15 -14.69 1.74
CA LYS B 408 45.80 -15.03 2.15
C LYS B 408 44.79 -13.96 1.74
N ALA B 409 45.19 -12.69 1.80
CA ALA B 409 44.37 -11.61 1.29
C ALA B 409 44.07 -11.80 -0.19
N ILE B 410 45.09 -12.17 -0.96
CA ILE B 410 44.95 -12.43 -2.37
C ILE B 410 43.98 -13.59 -2.66
N LYS B 411 44.13 -14.65 -1.86
CA LYS B 411 43.29 -15.82 -1.92
C LYS B 411 41.83 -15.64 -1.50
N SER B 412 41.45 -14.47 -0.99
CA SER B 412 40.03 -14.18 -0.70
C SER B 412 39.19 -13.73 -1.92
N THR B 413 39.77 -13.75 -3.12
CA THR B 413 39.12 -13.28 -4.36
C THR B 413 38.86 -11.77 -4.27
N ARG B 414 39.87 -10.98 -4.65
CA ARG B 414 39.95 -9.57 -4.26
C ARG B 414 39.12 -8.57 -5.08
N PRO B 415 39.47 -8.36 -6.37
CA PRO B 415 38.95 -7.18 -7.06
C PRO B 415 37.43 -7.16 -7.25
N THR B 416 36.74 -6.47 -6.33
CA THR B 416 35.32 -6.16 -6.48
C THR B 416 35.15 -5.13 -7.59
N VAL B 417 36.10 -4.18 -7.66
CA VAL B 417 36.23 -3.28 -8.81
C VAL B 417 36.71 -4.09 -10.01
N ASN B 418 35.74 -4.56 -10.81
CA ASN B 418 36.03 -5.23 -12.09
C ASN B 418 36.07 -4.21 -13.22
N GLU B 419 36.63 -4.63 -14.35
CA GLU B 419 36.88 -3.73 -15.49
C GLU B 419 35.60 -3.33 -16.21
N ASP B 420 34.76 -4.31 -16.55
CA ASP B 420 33.56 -4.09 -17.36
C ASP B 420 32.51 -3.17 -16.72
N ASP B 421 32.40 -3.21 -15.39
CA ASP B 421 31.47 -2.35 -14.65
C ASP B 421 31.96 -0.90 -14.61
N LEU B 422 33.25 -0.72 -14.29
CA LEU B 422 33.84 0.62 -14.17
C LEU B 422 34.21 1.27 -15.49
N LEU B 423 34.00 0.58 -16.61
CA LEU B 423 34.02 1.20 -17.92
C LEU B 423 33.06 2.38 -17.97
N LYS B 424 31.87 2.18 -17.42
CA LYS B 424 30.84 3.21 -17.35
C LYS B 424 31.24 4.33 -16.40
N GLN B 425 31.89 3.97 -15.29
CA GLN B 425 32.39 4.94 -14.33
C GLN B 425 33.38 5.90 -15.02
N GLU B 426 34.26 5.33 -15.82
CA GLU B 426 35.31 6.08 -16.48
C GLU B 426 34.84 6.81 -17.73
N GLN B 427 33.71 6.36 -18.30
CA GLN B 427 33.12 7.11 -19.41
C GLN B 427 32.36 8.33 -18.89
N PHE B 428 31.54 8.11 -17.86
CA PHE B 428 30.84 9.18 -17.20
C PHE B 428 31.82 10.09 -16.50
N THR B 429 33.02 9.60 -16.17
CA THR B 429 34.11 10.48 -15.72
C THR B 429 34.60 11.39 -16.85
N ARG B 430 35.19 10.80 -17.90
CA ARG B 430 35.96 11.56 -18.91
C ARG B 430 35.19 12.67 -19.65
N ASP B 431 33.89 12.48 -19.87
CA ASP B 431 33.06 13.51 -20.53
C ASP B 431 32.80 14.75 -19.65
N PHE B 432 32.98 14.61 -18.34
CA PHE B 432 32.99 15.75 -17.40
C PHE B 432 34.39 15.98 -16.84
N GLY B 433 34.96 14.93 -16.24
CA GLY B 433 36.38 14.89 -15.87
C GLY B 433 36.64 15.20 -14.40
N GLN B 434 37.90 15.50 -14.09
CA GLN B 434 38.29 16.00 -12.77
C GLN B 434 37.71 17.40 -12.59
N GLU B 435 37.28 17.70 -11.36
CA GLU B 435 36.36 18.81 -11.08
C GLU B 435 35.01 18.48 -11.79
N GLY B 436 34.29 19.48 -12.30
CA GLY B 436 33.07 19.23 -13.08
C GLY B 436 32.09 20.38 -13.09
N ASN B 437 30.82 20.09 -12.75
CA ASN B 437 29.69 21.03 -12.89
C ASN B 437 29.98 22.44 -12.38
N LEU C 119 -3.69 25.56 10.11
CA LEU C 119 -4.86 26.13 9.38
C LEU C 119 -4.42 27.07 8.26
N SER C 120 -3.68 28.12 8.62
CA SER C 120 -3.20 29.11 7.65
C SER C 120 -2.02 28.58 6.85
N SER C 121 -0.97 28.18 7.56
CA SER C 121 0.26 27.63 6.98
C SER C 121 0.95 28.61 6.01
N ALA C 122 1.40 29.74 6.55
CA ALA C 122 2.09 30.77 5.77
C ALA C 122 3.53 30.32 5.48
N ILE C 123 3.98 30.56 4.25
CA ILE C 123 5.30 30.11 3.78
C ILE C 123 6.21 31.30 3.49
N LEU C 124 5.87 32.09 2.47
CA LEU C 124 6.68 33.23 2.03
C LEU C 124 6.10 34.55 2.52
N SER C 125 6.95 35.37 3.15
CA SER C 125 6.62 36.75 3.53
C SER C 125 7.90 37.58 3.46
N GLU C 126 8.51 37.60 2.28
CA GLU C 126 9.81 38.26 2.04
C GLU C 126 9.85 38.96 0.69
N LYS C 127 10.90 39.74 0.48
CA LYS C 127 11.10 40.51 -0.75
C LYS C 127 12.57 40.42 -1.21
N PRO C 128 12.95 39.30 -1.86
CA PRO C 128 14.32 39.17 -2.37
C PRO C 128 14.53 40.04 -3.62
N ASN C 129 15.58 40.86 -3.61
CA ASN C 129 15.80 41.86 -4.66
C ASN C 129 16.31 41.23 -5.96
N VAL C 130 15.46 41.28 -7.00
CA VAL C 130 15.81 40.86 -8.35
C VAL C 130 15.29 41.91 -9.35
N LYS C 131 16.15 42.34 -10.26
CA LYS C 131 15.83 43.41 -11.22
C LYS C 131 15.09 42.89 -12.45
N TRP C 132 14.60 43.83 -13.27
CA TRP C 132 14.00 43.50 -14.57
C TRP C 132 15.03 43.00 -15.58
N GLU C 133 16.21 43.63 -15.57
CA GLU C 133 17.26 43.35 -16.56
C GLU C 133 18.05 42.05 -16.32
N ASP C 134 17.89 41.43 -15.16
CA ASP C 134 18.56 40.16 -14.83
C ASP C 134 18.20 39.01 -15.78
N VAL C 135 16.94 38.96 -16.21
CA VAL C 135 16.48 37.95 -17.17
C VAL C 135 16.87 38.41 -18.58
N ALA C 136 17.38 37.48 -19.39
CA ALA C 136 18.00 37.79 -20.69
C ALA C 136 17.22 37.22 -21.88
N GLY C 137 17.10 35.89 -21.92
CA GLY C 137 16.55 35.20 -23.09
C GLY C 137 15.07 35.39 -23.31
N LEU C 138 14.70 35.61 -24.59
CA LEU C 138 13.31 35.81 -25.04
C LEU C 138 12.61 37.04 -24.45
N GLU C 139 12.37 38.04 -25.30
CA GLU C 139 11.62 39.25 -24.90
C GLU C 139 10.13 38.94 -24.74
N GLY C 140 9.57 38.22 -25.71
CA GLY C 140 8.16 37.83 -25.69
C GLY C 140 7.73 36.98 -24.50
N ALA C 141 8.66 36.19 -23.96
CA ALA C 141 8.42 35.40 -22.75
C ALA C 141 8.23 36.29 -21.51
N LYS C 142 9.02 37.37 -21.42
CA LYS C 142 8.89 38.35 -20.33
C LYS C 142 7.61 39.18 -20.47
N GLU C 143 7.33 39.66 -21.68
CA GLU C 143 6.12 40.46 -21.96
C GLU C 143 4.84 39.65 -21.85
N ALA C 144 4.94 38.33 -21.97
CA ALA C 144 3.79 37.45 -21.75
C ALA C 144 3.34 37.54 -20.28
N LEU C 145 4.33 37.41 -19.39
CA LEU C 145 4.07 37.58 -17.95
C LEU C 145 3.63 39.02 -17.64
N LYS C 146 4.40 39.98 -18.17
CA LYS C 146 4.12 41.38 -17.90
C LYS C 146 2.72 41.75 -18.32
N GLU C 147 2.26 41.21 -19.44
CA GLU C 147 0.87 41.44 -19.88
C GLU C 147 -0.08 40.74 -18.89
N ALA C 148 0.26 39.50 -18.54
CA ALA C 148 -0.59 38.70 -17.68
C ALA C 148 -0.68 39.10 -16.20
N VAL C 149 0.37 39.72 -15.65
CA VAL C 149 0.47 39.97 -14.21
C VAL C 149 0.22 41.45 -13.85
N ILE C 150 1.14 42.32 -14.26
CA ILE C 150 1.15 43.72 -13.80
C ILE C 150 0.10 44.59 -14.51
N LEU C 151 -0.13 44.34 -15.81
CA LEU C 151 -1.00 45.18 -16.64
C LEU C 151 -2.47 45.29 -16.17
N PRO C 152 -3.11 44.16 -15.80
CA PRO C 152 -4.49 44.25 -15.28
C PRO C 152 -4.62 44.97 -13.92
N VAL C 153 -3.60 44.84 -13.07
CA VAL C 153 -3.57 45.53 -11.77
C VAL C 153 -3.29 47.03 -11.97
N LYS C 154 -2.39 47.35 -12.90
CA LYS C 154 -2.03 48.74 -13.20
C LYS C 154 -3.19 49.49 -13.89
N PHE C 155 -3.79 48.86 -14.89
CA PHE C 155 -4.87 49.46 -15.69
C PHE C 155 -6.17 48.63 -15.59
N PRO C 156 -6.93 48.79 -14.49
CA PRO C 156 -8.20 48.06 -14.33
C PRO C 156 -9.35 48.61 -15.17
N HIS C 157 -9.32 49.90 -15.53
CA HIS C 157 -10.37 50.52 -16.36
C HIS C 157 -10.47 49.94 -17.78
N LEU C 158 -9.35 49.46 -18.32
CA LEU C 158 -9.33 48.77 -19.61
C LEU C 158 -10.05 47.42 -19.55
N PHE C 159 -9.91 46.71 -18.42
CA PHE C 159 -10.58 45.44 -18.19
C PHE C 159 -12.10 45.64 -18.00
N LYS C 160 -12.85 45.51 -19.09
CA LYS C 160 -14.31 45.67 -19.08
C LYS C 160 -14.98 44.80 -20.15
N GLY C 161 -16.10 44.18 -19.79
CA GLY C 161 -16.95 43.46 -20.73
C GLY C 161 -16.39 42.12 -21.20
N ASN C 162 -15.95 42.07 -22.45
CA ASN C 162 -15.53 40.81 -23.09
C ASN C 162 -14.11 40.37 -22.70
N ARG C 163 -13.29 41.29 -22.20
CA ARG C 163 -11.90 41.01 -21.87
C ARG C 163 -11.80 40.13 -20.61
N LYS C 164 -10.94 39.11 -20.66
CA LYS C 164 -10.74 38.17 -19.57
C LYS C 164 -9.24 38.06 -19.22
N PRO C 165 -8.92 37.81 -17.93
CA PRO C 165 -7.51 37.80 -17.52
C PRO C 165 -6.79 36.50 -17.86
N THR C 166 -5.49 36.59 -18.10
CA THR C 166 -4.66 35.42 -18.42
C THR C 166 -4.35 34.64 -17.15
N SER C 167 -5.30 33.79 -16.75
CA SER C 167 -5.16 32.96 -15.55
C SER C 167 -4.40 31.67 -15.89
N GLY C 168 -3.29 31.44 -15.19
CA GLY C 168 -2.44 30.27 -15.44
C GLY C 168 -1.30 30.59 -16.38
N ILE C 169 -0.07 30.56 -15.89
CA ILE C 169 1.13 30.77 -16.72
C ILE C 169 2.17 29.67 -16.43
N LEU C 170 2.18 28.65 -17.28
CA LEU C 170 3.10 27.51 -17.13
C LEU C 170 4.42 27.78 -17.87
N LEU C 171 5.53 27.45 -17.21
CA LEU C 171 6.86 27.50 -17.81
C LEU C 171 7.40 26.07 -17.89
N TYR C 172 8.15 25.77 -18.95
CA TYR C 172 8.81 24.46 -19.09
C TYR C 172 10.08 24.55 -19.95
N GLY C 173 10.85 23.46 -19.94
CA GLY C 173 12.11 23.38 -20.67
C GLY C 173 13.12 22.49 -19.94
N PRO C 174 14.35 22.37 -20.49
CA PRO C 174 15.42 21.69 -19.76
C PRO C 174 15.76 22.46 -18.48
N PRO C 175 15.91 21.76 -17.33
CA PRO C 175 16.17 22.48 -16.07
C PRO C 175 17.52 23.20 -16.03
N GLY C 176 17.64 24.13 -15.09
CA GLY C 176 18.81 25.01 -14.97
C GLY C 176 18.76 26.29 -15.81
N THR C 177 17.84 26.36 -16.79
CA THR C 177 17.80 27.46 -17.75
C THR C 177 17.30 28.78 -17.15
N GLY C 178 16.33 28.68 -16.24
CA GLY C 178 15.84 29.84 -15.47
C GLY C 178 14.32 29.93 -15.41
N LYS C 179 13.72 28.96 -14.73
CA LYS C 179 12.25 28.98 -14.44
C LYS C 179 11.95 29.46 -13.02
N SER C 180 12.57 28.79 -12.05
CA SER C 180 12.48 29.21 -10.66
C SER C 180 13.01 30.63 -10.48
N TYR C 181 14.12 30.92 -11.13
CA TYR C 181 14.74 32.24 -11.11
C TYR C 181 13.80 33.30 -11.68
N LEU C 182 13.10 32.98 -12.75
CA LEU C 182 12.13 33.84 -13.36
C LEU C 182 10.94 34.11 -12.44
N ALA C 183 10.50 33.06 -11.75
CA ALA C 183 9.41 33.13 -10.81
C ALA C 183 9.75 34.07 -9.64
N LYS C 184 10.89 33.81 -9.03
CA LYS C 184 11.43 34.64 -7.97
C LYS C 184 11.83 36.04 -8.42
N ALA C 185 12.02 36.23 -9.72
CA ALA C 185 12.09 37.63 -10.23
C ALA C 185 10.71 38.28 -10.18
N VAL C 186 9.69 37.54 -10.65
CA VAL C 186 8.32 37.96 -10.57
C VAL C 186 7.89 38.30 -9.15
N ALA C 187 8.48 37.65 -8.16
CA ALA C 187 8.24 37.99 -6.77
C ALA C 187 8.51 39.47 -6.48
N THR C 188 9.63 39.98 -6.98
CA THR C 188 9.95 41.42 -6.88
C THR C 188 9.04 42.26 -7.78
N GLU C 189 8.82 41.80 -9.00
CA GLU C 189 8.09 42.56 -10.03
C GLU C 189 6.57 42.60 -9.85
N ALA C 190 6.02 41.69 -9.05
CA ALA C 190 4.56 41.57 -8.87
C ALA C 190 3.91 42.77 -8.18
N ASN C 191 4.57 43.27 -7.13
CA ASN C 191 4.03 44.33 -6.27
C ASN C 191 2.73 43.88 -5.59
N SER C 192 2.74 42.65 -5.07
CA SER C 192 1.57 42.04 -4.44
C SER C 192 1.97 40.81 -3.62
N THR C 193 1.11 40.44 -2.67
CA THR C 193 1.35 39.26 -1.82
C THR C 193 1.07 37.97 -2.57
N PHE C 194 1.94 36.97 -2.37
CA PHE C 194 1.76 35.65 -2.98
C PHE C 194 2.37 34.56 -2.10
N PHE C 195 2.04 33.31 -2.42
CA PHE C 195 2.51 32.14 -1.66
C PHE C 195 2.97 31.03 -2.60
N SER C 196 4.24 30.65 -2.50
CA SER C 196 4.79 29.52 -3.24
C SER C 196 4.43 28.20 -2.56
N VAL C 197 4.48 27.11 -3.32
CA VAL C 197 4.22 25.78 -2.78
C VAL C 197 4.84 24.70 -3.66
N SER C 198 5.50 23.72 -3.04
CA SER C 198 6.09 22.59 -3.73
C SER C 198 5.14 21.39 -3.66
N SER C 199 5.65 20.18 -3.89
CA SER C 199 4.92 18.95 -3.61
C SER C 199 5.00 18.65 -2.13
N SER C 200 4.30 19.45 -1.33
CA SER C 200 4.35 19.40 0.13
C SER C 200 2.96 19.61 0.72
N ASP C 201 1.97 18.90 0.17
CA ASP C 201 0.66 18.78 0.80
C ASP C 201 0.85 17.82 1.96
N LEU C 202 0.54 18.29 3.17
CA LEU C 202 1.13 17.74 4.40
C LEU C 202 0.75 16.29 4.74
N VAL C 203 -0.38 16.10 5.41
CA VAL C 203 -0.61 14.89 6.21
C VAL C 203 -1.74 13.98 5.67
N SER C 204 -1.43 12.69 5.53
CA SER C 204 -2.42 11.64 5.27
C SER C 204 -2.54 10.63 6.42
N LYS C 205 -1.77 10.82 7.50
CA LYS C 205 -1.96 10.10 8.76
C LYS C 205 -3.36 10.33 9.34
N TRP C 206 -3.85 11.57 9.23
CA TRP C 206 -5.24 11.91 9.55
C TRP C 206 -6.19 11.36 8.49
N MET C 207 -5.80 11.48 7.23
CA MET C 207 -6.55 10.99 6.06
C MET C 207 -7.84 11.78 5.88
N GLY C 208 -7.73 12.89 5.14
CA GLY C 208 -8.83 13.85 4.97
C GLY C 208 -8.34 15.28 4.85
N GLU C 209 -7.33 15.64 5.63
CA GLU C 209 -6.78 17.00 5.66
C GLU C 209 -5.97 17.37 4.41
N SER C 210 -5.53 16.37 3.63
CA SER C 210 -4.79 16.61 2.38
C SER C 210 -5.57 17.44 1.34
N GLU C 211 -6.89 17.27 1.32
CA GLU C 211 -7.76 18.00 0.38
C GLU C 211 -8.12 19.37 0.95
N LYS C 212 -8.50 19.38 2.23
CA LYS C 212 -8.84 20.59 2.95
C LYS C 212 -7.73 21.61 2.93
N LEU C 213 -6.48 21.17 2.89
CA LEU C 213 -5.36 22.08 2.74
C LEU C 213 -5.39 22.76 1.38
N VAL C 214 -5.79 22.04 0.34
CA VAL C 214 -5.94 22.63 -0.98
C VAL C 214 -7.12 23.60 -1.02
N LYS C 215 -8.22 23.22 -0.38
CA LYS C 215 -9.37 24.11 -0.24
C LYS C 215 -9.00 25.37 0.51
N GLN C 216 -8.13 25.27 1.52
CA GLN C 216 -7.65 26.47 2.20
C GLN C 216 -6.71 27.25 1.28
N LEU C 217 -5.92 26.57 0.49
CA LEU C 217 -4.92 27.21 -0.33
C LEU C 217 -5.56 28.07 -1.44
N PHE C 218 -6.49 27.46 -2.16
CA PHE C 218 -7.35 28.16 -3.09
C PHE C 218 -8.26 29.19 -2.41
N ALA C 219 -8.71 28.94 -1.17
CA ALA C 219 -9.51 29.92 -0.42
C ALA C 219 -8.72 31.17 -0.04
N MET C 220 -7.48 30.99 0.41
CA MET C 220 -6.59 32.10 0.77
C MET C 220 -6.11 32.94 -0.41
N ALA C 221 -6.21 32.40 -1.63
CA ALA C 221 -5.85 33.12 -2.84
C ALA C 221 -6.95 34.08 -3.33
N ARG C 222 -8.18 33.59 -3.40
CA ARG C 222 -9.27 34.31 -4.09
C ARG C 222 -9.89 35.49 -3.35
N GLU C 223 -10.03 35.39 -2.02
CA GLU C 223 -10.66 36.48 -1.23
C GLU C 223 -9.76 37.72 -1.17
N ASN C 224 -8.44 37.51 -1.19
CA ASN C 224 -7.47 38.59 -1.31
C ASN C 224 -7.36 39.00 -2.77
N LYS C 225 -7.51 40.29 -3.05
CA LYS C 225 -7.56 40.80 -4.43
C LYS C 225 -6.14 40.81 -5.04
N PRO C 226 -6.03 40.85 -6.40
CA PRO C 226 -5.03 40.11 -7.20
C PRO C 226 -3.82 39.50 -6.48
N SER C 227 -3.84 38.16 -6.37
CA SER C 227 -2.73 37.39 -5.77
C SER C 227 -2.25 36.32 -6.76
N ILE C 228 -1.16 35.64 -6.40
CA ILE C 228 -0.53 34.62 -7.24
C ILE C 228 -0.27 33.35 -6.42
N ILE C 229 -0.24 32.20 -7.09
CA ILE C 229 0.17 30.93 -6.48
C ILE C 229 1.22 30.27 -7.38
N PHE C 230 2.40 29.99 -6.81
CA PHE C 230 3.50 29.36 -7.54
C PHE C 230 3.62 27.87 -7.16
N ILE C 231 3.25 26.99 -8.11
CA ILE C 231 3.34 25.54 -7.92
C ILE C 231 4.56 25.02 -8.66
N ASP C 232 5.64 24.77 -7.93
CA ASP C 232 6.87 24.23 -8.51
C ASP C 232 6.72 22.74 -8.79
N GLN C 233 7.16 22.31 -9.98
CA GLN C 233 7.14 20.92 -10.42
C GLN C 233 5.72 20.31 -10.43
N VAL C 234 4.96 20.66 -11.46
CA VAL C 234 3.60 20.11 -11.66
C VAL C 234 3.57 18.63 -12.05
N ASP C 235 4.68 18.11 -12.59
CA ASP C 235 4.79 16.70 -12.96
C ASP C 235 4.65 15.71 -11.79
N ALA C 236 4.96 16.15 -10.57
CA ALA C 236 4.77 15.34 -9.37
C ALA C 236 3.31 15.03 -9.10
N LEU C 237 2.48 16.09 -9.11
CA LEU C 237 1.03 15.94 -8.96
C LEU C 237 0.41 15.50 -10.29
N THR C 238 0.53 14.21 -10.58
CA THR C 238 0.08 13.62 -11.86
C THR C 238 -0.46 12.20 -11.65
N GLY C 239 -1.50 11.86 -12.42
CA GLY C 239 -2.10 10.53 -12.39
C GLY C 239 -2.79 10.18 -13.70
N THR C 240 -2.76 8.89 -14.05
CA THR C 240 -3.37 8.40 -15.30
C THR C 240 -3.50 6.86 -15.35
N ARG C 241 -2.42 6.15 -14.99
CA ARG C 241 -2.44 4.68 -14.91
C ARG C 241 -3.31 4.15 -13.76
N GLY C 242 -3.27 4.82 -12.61
CA GLY C 242 -4.10 4.46 -11.45
C GLY C 242 -3.44 3.40 -10.58
N GLU C 243 -4.21 2.39 -10.20
CA GLU C 243 -3.78 1.30 -9.30
C GLU C 243 -3.36 1.79 -7.91
N GLY C 244 -2.16 2.37 -7.80
CA GLY C 244 -1.66 2.94 -6.54
C GLY C 244 -2.12 4.38 -6.31
N GLU C 245 -2.32 5.11 -7.39
CA GLU C 245 -2.78 6.50 -7.35
C GLU C 245 -4.19 6.66 -6.77
N SER C 246 -5.07 5.70 -7.08
CA SER C 246 -6.50 5.75 -6.75
C SER C 246 -6.85 6.12 -5.30
N GLU C 247 -6.07 5.62 -4.34
CA GLU C 247 -6.36 5.78 -2.92
C GLU C 247 -6.05 7.20 -2.40
N ALA C 248 -4.80 7.62 -2.58
CA ALA C 248 -4.27 8.83 -1.93
C ALA C 248 -4.25 10.07 -2.81
N SER C 249 -3.58 9.98 -3.96
CA SER C 249 -3.24 11.14 -4.78
C SER C 249 -4.19 11.38 -5.94
N ARG C 250 -4.97 10.37 -6.31
CA ARG C 250 -5.98 10.52 -7.34
C ARG C 250 -6.97 11.61 -6.95
N ARG C 251 -7.39 11.60 -5.69
CA ARG C 251 -8.31 12.61 -5.18
C ARG C 251 -7.64 13.98 -5.05
N ILE C 252 -6.33 13.99 -4.88
CA ILE C 252 -5.62 15.28 -4.84
C ILE C 252 -5.62 15.90 -6.24
N LYS C 253 -5.29 15.08 -7.24
CA LYS C 253 -5.35 15.53 -8.63
C LYS C 253 -6.76 16.00 -8.98
N THR C 254 -7.78 15.26 -8.54
CA THR C 254 -9.14 15.66 -8.82
C THR C 254 -9.49 17.01 -8.18
N GLU C 255 -9.02 17.22 -6.96
CA GLU C 255 -9.18 18.50 -6.29
C GLU C 255 -8.53 19.64 -7.07
N LEU C 256 -7.32 19.37 -7.52
CA LEU C 256 -6.55 20.31 -8.32
C LEU C 256 -7.34 20.71 -9.57
N LEU C 257 -7.92 19.70 -10.21
CA LEU C 257 -8.74 19.89 -11.40
C LEU C 257 -9.97 20.79 -11.08
N VAL C 258 -10.68 20.44 -10.00
CA VAL C 258 -11.95 21.04 -9.72
C VAL C 258 -11.81 22.42 -9.17
N GLN C 259 -10.69 22.78 -8.55
CA GLN C 259 -10.51 24.14 -8.06
C GLN C 259 -10.29 25.17 -9.15
N MET C 260 -9.68 24.78 -10.28
CA MET C 260 -9.50 25.71 -11.43
C MET C 260 -10.48 25.42 -12.58
N ASN C 261 -11.71 25.00 -12.24
CA ASN C 261 -12.73 24.64 -13.23
C ASN C 261 -13.72 25.80 -13.44
N GLY C 262 -14.38 26.20 -12.36
CA GLY C 262 -15.38 27.27 -12.40
C GLY C 262 -14.78 28.66 -12.37
N VAL C 263 -13.72 28.83 -11.58
CA VAL C 263 -13.03 30.13 -11.43
C VAL C 263 -12.35 30.62 -12.71
N GLY C 264 -11.95 29.70 -13.59
CA GLY C 264 -11.25 30.03 -14.85
C GLY C 264 -11.85 31.14 -15.69
N ASN C 265 -13.18 31.16 -15.79
CA ASN C 265 -13.93 32.20 -16.51
C ASN C 265 -14.60 33.18 -15.55
N ASP C 266 -15.08 34.29 -16.13
CA ASP C 266 -15.82 35.35 -15.41
C ASP C 266 -15.02 36.07 -14.31
N SER C 267 -15.15 35.64 -13.05
CA SER C 267 -14.54 36.33 -11.90
C SER C 267 -13.36 35.52 -11.37
N GLN C 268 -12.21 36.18 -11.21
CA GLN C 268 -10.98 35.52 -10.77
C GLN C 268 -9.93 36.53 -10.29
N GLY C 269 -9.57 36.44 -9.01
CA GLY C 269 -8.48 37.24 -8.42
C GLY C 269 -7.30 36.38 -8.00
N VAL C 270 -6.98 35.37 -8.81
CA VAL C 270 -5.95 34.38 -8.53
C VAL C 270 -5.13 34.15 -9.80
N LEU C 271 -3.84 33.82 -9.62
CA LEU C 271 -2.96 33.47 -10.73
C LEU C 271 -2.17 32.21 -10.38
N VAL C 272 -2.16 31.25 -11.30
CA VAL C 272 -1.44 29.99 -11.14
C VAL C 272 -0.17 30.05 -11.98
N LEU C 273 0.92 29.51 -11.43
CA LEU C 273 2.21 29.41 -12.14
C LEU C 273 2.71 27.98 -12.11
N GLY C 274 3.58 27.64 -13.07
CA GLY C 274 4.15 26.29 -13.17
C GLY C 274 5.59 26.28 -13.64
N ALA C 275 6.37 25.33 -13.15
CA ALA C 275 7.78 25.18 -13.51
C ALA C 275 8.21 23.72 -13.37
N THR C 276 8.07 22.96 -14.45
CA THR C 276 8.39 21.52 -14.46
C THR C 276 9.73 21.25 -15.15
N ASN C 277 10.39 20.15 -14.73
CA ASN C 277 11.63 19.69 -15.36
C ASN C 277 11.32 19.03 -16.71
N ILE C 278 10.37 18.10 -16.70
CA ILE C 278 9.94 17.39 -17.90
C ILE C 278 8.40 17.50 -18.02
N PRO C 279 7.89 18.07 -19.13
CA PRO C 279 6.46 18.30 -19.27
C PRO C 279 5.62 17.10 -19.75
N TRP C 280 6.16 16.27 -20.64
CA TRP C 280 5.36 15.25 -21.35
C TRP C 280 4.73 14.16 -20.47
N GLN C 281 5.31 13.87 -19.30
CA GLN C 281 4.73 12.90 -18.37
C GLN C 281 3.49 13.43 -17.62
N LEU C 282 3.27 14.74 -17.64
CA LEU C 282 2.09 15.37 -17.00
C LEU C 282 0.78 14.88 -17.63
N ASP C 283 -0.29 14.88 -16.83
CA ASP C 283 -1.61 14.41 -17.27
C ASP C 283 -2.19 15.33 -18.35
N SER C 284 -2.95 14.73 -19.26
CA SER C 284 -3.50 15.44 -20.42
C SER C 284 -4.54 16.47 -19.99
N ALA C 285 -5.32 16.11 -18.97
CA ALA C 285 -6.43 16.94 -18.53
C ALA C 285 -5.91 18.27 -17.96
N ILE C 286 -4.89 18.15 -17.10
CA ILE C 286 -4.25 19.33 -16.52
C ILE C 286 -3.65 20.19 -17.63
N ARG C 287 -2.99 19.54 -18.59
CA ARG C 287 -2.38 20.25 -19.70
C ARG C 287 -3.38 21.09 -20.48
N ARG C 288 -4.35 20.42 -21.12
CA ARG C 288 -5.30 21.10 -21.97
C ARG C 288 -6.12 22.13 -21.22
N ARG C 289 -6.50 21.86 -19.97
CA ARG C 289 -7.28 22.82 -19.17
C ARG C 289 -6.46 24.03 -18.71
N PHE C 290 -5.15 23.86 -18.54
CA PHE C 290 -4.25 24.98 -18.19
C PHE C 290 -4.05 25.88 -19.41
N GLU C 291 -4.03 27.19 -19.18
CA GLU C 291 -4.08 28.17 -20.29
C GLU C 291 -2.73 28.34 -21.01
N ARG C 292 -1.79 29.05 -20.37
CA ARG C 292 -0.59 29.55 -21.05
C ARG C 292 0.67 28.78 -20.63
N ARG C 293 1.15 27.92 -21.53
CA ARG C 293 2.45 27.25 -21.38
C ARG C 293 3.54 27.91 -22.22
N ILE C 294 4.74 28.04 -21.64
CA ILE C 294 5.86 28.73 -22.29
C ILE C 294 7.13 27.87 -22.24
N TYR C 295 7.83 27.78 -23.37
CA TYR C 295 9.10 27.05 -23.48
C TYR C 295 10.27 28.00 -23.16
N ILE C 296 11.23 27.50 -22.41
CA ILE C 296 12.43 28.25 -22.01
C ILE C 296 13.66 27.57 -22.63
N PRO C 297 14.15 28.07 -23.78
CA PRO C 297 15.29 27.45 -24.47
C PRO C 297 16.63 27.87 -23.87
N LEU C 298 17.71 27.34 -24.44
CA LEU C 298 19.07 27.71 -24.05
C LEU C 298 19.40 29.12 -24.58
N PRO C 299 19.85 30.04 -23.69
CA PRO C 299 20.15 31.42 -24.11
C PRO C 299 21.14 31.54 -25.28
N ASP C 300 20.86 32.45 -26.21
CA ASP C 300 21.71 32.71 -27.38
C ASP C 300 22.92 33.59 -27.01
N LEU C 301 23.78 33.83 -28.00
CA LEU C 301 25.05 34.57 -27.80
C LEU C 301 24.89 35.94 -27.11
N ALA C 302 23.83 36.66 -27.43
CA ALA C 302 23.57 37.98 -26.86
C ALA C 302 23.11 37.84 -25.41
N ALA C 303 22.22 36.89 -25.19
CA ALA C 303 21.65 36.67 -23.86
C ALA C 303 22.69 36.21 -22.84
N ARG C 304 23.40 35.14 -23.16
CA ARG C 304 24.46 34.62 -22.30
C ARG C 304 25.54 35.65 -22.05
N THR C 305 25.90 36.43 -23.08
CA THR C 305 26.79 37.57 -22.92
C THR C 305 26.24 38.53 -21.87
N THR C 306 24.93 38.82 -21.92
CA THR C 306 24.32 39.67 -20.94
C THR C 306 24.35 39.09 -19.51
N MET C 307 24.28 37.76 -19.43
CA MET C 307 24.43 37.08 -18.15
C MET C 307 25.85 37.25 -17.61
N PHE C 308 26.84 37.13 -18.48
CA PHE C 308 28.22 37.42 -18.08
C PHE C 308 28.38 38.86 -17.57
N GLU C 309 27.80 39.77 -18.33
CA GLU C 309 27.97 41.20 -18.06
C GLU C 309 27.37 41.57 -16.71
N ILE C 310 26.19 41.03 -16.43
CA ILE C 310 25.54 41.28 -15.15
C ILE C 310 26.29 40.60 -14.00
N ASN C 311 26.78 39.38 -14.22
CA ASN C 311 27.50 38.63 -13.17
C ASN C 311 28.94 39.11 -12.87
N VAL C 312 29.42 40.16 -13.55
CA VAL C 312 30.71 40.79 -13.20
C VAL C 312 30.59 41.48 -11.84
N GLY C 313 29.64 42.41 -11.74
CA GLY C 313 29.30 43.05 -10.46
C GLY C 313 30.31 44.06 -9.97
N ASP C 314 30.72 43.92 -8.71
CA ASP C 314 31.57 44.90 -8.01
C ASP C 314 33.09 44.75 -8.27
N THR C 315 33.50 43.74 -9.03
CA THR C 315 34.90 43.57 -9.42
C THR C 315 35.31 44.74 -10.33
N PRO C 316 36.56 45.26 -10.20
CA PRO C 316 36.98 46.40 -11.03
C PRO C 316 37.11 46.11 -12.54
N CYS C 317 35.97 45.97 -13.22
CA CYS C 317 35.87 45.82 -14.67
C CYS C 317 36.57 44.57 -15.25
N VAL C 318 36.45 44.42 -16.57
CA VAL C 318 37.23 43.45 -17.35
C VAL C 318 37.64 44.14 -18.65
N LEU C 319 38.93 44.07 -18.98
CA LEU C 319 39.53 44.90 -20.04
C LEU C 319 39.37 44.32 -21.46
N THR C 320 38.11 44.07 -21.85
CA THR C 320 37.76 43.52 -23.17
C THR C 320 36.24 43.49 -23.35
N LYS C 321 35.80 43.68 -24.60
CA LYS C 321 34.38 43.54 -24.98
C LYS C 321 34.11 42.28 -25.83
N GLU C 322 35.08 41.89 -26.67
CA GLU C 322 35.00 40.66 -27.46
C GLU C 322 35.23 39.39 -26.65
N ASP C 323 35.71 39.55 -25.40
CA ASP C 323 35.91 38.41 -24.53
C ASP C 323 34.59 37.67 -24.27
N TYR C 324 33.52 38.44 -24.07
CA TYR C 324 32.21 37.87 -23.87
C TYR C 324 31.78 37.04 -25.07
N ARG C 325 32.01 37.59 -26.25
CA ARG C 325 31.70 36.92 -27.51
C ARG C 325 32.46 35.60 -27.64
N THR C 326 33.74 35.65 -27.27
CA THR C 326 34.62 34.49 -27.28
C THR C 326 34.06 33.40 -26.36
N LEU C 327 33.61 33.83 -25.21
CA LEU C 327 33.07 32.94 -24.17
C LEU C 327 31.79 32.24 -24.60
N GLY C 328 30.75 33.03 -24.88
CA GLY C 328 29.46 32.53 -25.35
C GLY C 328 29.49 31.73 -26.65
N ALA C 329 30.44 32.03 -27.53
CA ALA C 329 30.64 31.27 -28.77
C ALA C 329 31.30 29.91 -28.52
N MET C 330 32.33 29.91 -27.68
CA MET C 330 33.06 28.68 -27.33
C MET C 330 32.20 27.76 -26.47
N THR C 331 31.62 28.33 -25.41
CA THR C 331 30.70 27.59 -24.54
C THR C 331 29.35 27.42 -25.24
N GLU C 332 29.09 26.22 -25.77
CA GLU C 332 27.85 25.92 -26.48
C GLU C 332 27.11 24.78 -25.78
N GLY C 333 25.84 25.00 -25.47
CA GLY C 333 25.02 24.04 -24.73
C GLY C 333 25.18 24.19 -23.23
N TYR C 334 24.98 25.41 -22.73
CA TYR C 334 25.06 25.74 -21.30
C TYR C 334 23.81 26.51 -20.88
N SER C 335 23.37 26.26 -19.65
CA SER C 335 22.25 26.96 -19.03
C SER C 335 22.75 28.19 -18.25
N GLY C 336 21.86 28.84 -17.51
CA GLY C 336 22.24 29.96 -16.65
C GLY C 336 23.04 29.49 -15.46
N SER C 337 22.63 28.35 -14.90
CA SER C 337 23.27 27.77 -13.73
C SER C 337 24.77 27.53 -13.92
N ASP C 338 25.10 26.64 -14.85
CA ASP C 338 26.49 26.26 -15.07
C ASP C 338 27.34 27.43 -15.57
N ILE C 339 26.74 28.38 -16.26
CA ILE C 339 27.46 29.60 -16.62
C ILE C 339 27.81 30.38 -15.35
N ALA C 340 26.84 30.56 -14.46
CA ALA C 340 27.14 31.19 -13.18
C ALA C 340 28.13 30.39 -12.36
N VAL C 341 28.12 29.07 -12.50
CA VAL C 341 29.12 28.26 -11.81
C VAL C 341 30.53 28.60 -12.30
N VAL C 342 30.66 28.70 -13.63
CA VAL C 342 31.90 29.10 -14.27
C VAL C 342 32.34 30.48 -13.79
N VAL C 343 31.36 31.39 -13.64
CA VAL C 343 31.65 32.73 -13.16
C VAL C 343 32.25 32.68 -11.73
N LYS C 344 31.62 31.86 -10.88
CA LYS C 344 32.07 31.65 -9.54
C LYS C 344 33.51 31.13 -9.52
N ASP C 345 33.75 30.14 -10.36
CA ASP C 345 35.07 29.54 -10.54
C ASP C 345 36.14 30.59 -10.89
N ALA C 346 35.94 31.27 -12.02
CA ALA C 346 36.81 32.32 -12.48
C ALA C 346 36.98 33.45 -11.47
N LEU C 347 36.02 33.66 -10.58
CA LEU C 347 36.26 34.54 -9.44
C LEU C 347 37.27 33.92 -8.45
N MET C 348 37.12 32.63 -8.16
CA MET C 348 37.96 31.94 -7.18
C MET C 348 39.28 31.44 -7.76
N GLN C 349 39.55 31.73 -9.04
CA GLN C 349 40.85 31.41 -9.61
C GLN C 349 42.04 32.24 -9.07
N PRO C 350 41.94 33.59 -9.12
CA PRO C 350 43.03 34.37 -8.60
C PRO C 350 43.24 34.22 -7.11
N ILE C 351 42.21 33.84 -6.36
CA ILE C 351 42.40 33.48 -4.96
C ILE C 351 43.33 32.26 -4.86
N ARG C 352 43.13 31.28 -5.71
CA ARG C 352 44.00 30.12 -5.74
C ARG C 352 45.40 30.53 -6.15
N LYS C 353 45.51 31.45 -7.09
CA LYS C 353 46.85 31.96 -7.48
C LYS C 353 47.57 32.54 -6.27
N ILE C 354 46.84 33.33 -5.47
CA ILE C 354 47.34 33.92 -4.26
C ILE C 354 47.78 32.81 -3.27
N GLN C 355 46.99 31.74 -3.19
CA GLN C 355 47.25 30.67 -2.28
C GLN C 355 48.56 29.95 -2.60
N SER C 356 48.84 29.76 -3.90
CA SER C 356 50.11 29.19 -4.35
C SER C 356 51.27 30.17 -4.30
N ALA C 357 51.03 31.42 -4.74
CA ALA C 357 52.09 32.43 -4.87
C ALA C 357 52.57 32.97 -3.53
N THR C 358 53.87 33.23 -3.43
CA THR C 358 54.51 33.79 -2.23
C THR C 358 55.01 35.22 -2.41
N HIS C 359 55.68 35.49 -3.53
CA HIS C 359 56.38 36.77 -3.74
C HIS C 359 55.45 37.97 -3.99
N PHE C 360 55.89 39.13 -3.54
CA PHE C 360 55.17 40.40 -3.73
C PHE C 360 56.15 41.56 -3.88
N LYS C 361 56.21 42.14 -5.09
CA LYS C 361 56.95 43.38 -5.34
C LYS C 361 56.06 44.56 -4.99
N ASP C 362 56.62 45.54 -4.27
CA ASP C 362 55.84 46.69 -3.79
C ASP C 362 55.50 47.66 -4.95
N VAL C 363 54.31 47.46 -5.52
CA VAL C 363 53.76 48.35 -6.54
C VAL C 363 52.36 48.82 -6.10
N SER C 364 52.24 49.16 -4.81
CA SER C 364 50.99 49.63 -4.22
C SER C 364 50.98 51.14 -4.11
N THR C 365 49.79 51.74 -4.23
CA THR C 365 49.63 53.19 -4.20
C THR C 365 49.74 53.74 -2.78
N GLU C 366 50.29 54.94 -2.66
CA GLU C 366 50.47 55.62 -1.36
C GLU C 366 49.17 56.22 -0.82
N ASP C 367 48.17 56.43 -1.69
CA ASP C 367 46.88 56.98 -1.28
C ASP C 367 46.05 56.05 -0.38
N ASP C 368 46.28 54.74 -0.50
CA ASP C 368 45.60 53.74 0.34
C ASP C 368 46.12 53.76 1.79
N GLU C 369 45.41 53.04 2.66
CA GLU C 369 45.76 52.99 4.09
C GLU C 369 47.09 52.28 4.34
N THR C 370 47.36 51.22 3.59
CA THR C 370 48.63 50.49 3.69
C THR C 370 48.93 49.68 2.42
N ARG C 371 50.17 49.17 2.34
CA ARG C 371 50.60 48.26 1.27
C ARG C 371 49.73 46.99 1.23
N LYS C 372 49.36 46.56 0.02
CA LYS C 372 48.46 45.43 -0.18
C LYS C 372 49.15 44.32 -0.97
N LEU C 373 49.05 43.09 -0.49
CA LEU C 373 49.70 41.93 -1.12
C LEU C 373 48.95 41.48 -2.38
N THR C 374 49.65 41.49 -3.52
CA THR C 374 49.18 40.91 -4.78
C THR C 374 50.25 39.93 -5.29
N PRO C 375 49.84 38.86 -6.00
CA PRO C 375 50.85 37.93 -6.53
C PRO C 375 51.75 38.53 -7.62
N CYS C 376 53.03 38.17 -7.60
CA CYS C 376 53.97 38.52 -8.67
C CYS C 376 54.87 37.33 -9.01
N SER C 377 55.60 37.47 -10.13
CA SER C 377 56.46 36.39 -10.64
C SER C 377 57.72 36.22 -9.78
N PRO C 378 58.34 35.02 -9.81
CA PRO C 378 59.58 34.80 -9.05
C PRO C 378 60.78 35.55 -9.64
N GLY C 379 60.89 35.62 -10.96
CA GLY C 379 61.95 36.38 -11.63
C GLY C 379 61.66 37.86 -11.66
N ASP C 380 61.78 38.50 -10.50
CA ASP C 380 61.49 39.94 -10.35
C ASP C 380 62.10 40.42 -9.02
N ASP C 381 63.05 41.34 -9.11
CA ASP C 381 63.83 41.77 -7.94
C ASP C 381 63.07 42.75 -7.04
N GLY C 382 63.44 42.76 -5.76
CA GLY C 382 62.84 43.66 -4.78
C GLY C 382 61.43 43.24 -4.39
N ALA C 383 61.30 42.01 -3.89
CA ALA C 383 60.00 41.45 -3.51
C ALA C 383 60.11 40.52 -2.31
N ILE C 384 59.33 40.80 -1.26
CA ILE C 384 59.28 39.95 -0.06
C ILE C 384 58.51 38.65 -0.33
N GLU C 385 58.95 37.57 0.30
CA GLU C 385 58.40 36.22 0.05
C GLU C 385 57.61 35.64 1.25
N MET C 386 57.13 36.51 2.15
CA MET C 386 56.28 36.10 3.26
C MET C 386 54.89 35.72 2.74
N SER C 387 54.38 34.58 3.21
CA SER C 387 53.18 33.96 2.63
C SER C 387 51.87 34.64 3.06
N TRP C 388 50.82 34.34 2.31
CA TRP C 388 49.44 34.78 2.61
C TRP C 388 48.91 34.38 4.00
N THR C 389 49.38 33.24 4.51
CA THR C 389 48.98 32.76 5.85
C THR C 389 49.58 33.62 6.98
N ASP C 390 50.84 34.00 6.83
CA ASP C 390 51.55 34.80 7.85
C ASP C 390 51.06 36.24 7.92
N ILE C 391 50.95 36.89 6.75
CA ILE C 391 50.55 38.30 6.66
C ILE C 391 49.03 38.40 6.77
N GLU C 392 48.53 39.52 7.31
CA GLU C 392 47.10 39.73 7.55
C GLU C 392 46.28 39.81 6.26
N ALA C 393 45.00 39.46 6.38
CA ALA C 393 44.08 39.38 5.23
C ALA C 393 43.53 40.75 4.78
N ASP C 394 43.42 41.70 5.71
CA ASP C 394 42.98 43.07 5.37
C ASP C 394 43.97 43.82 4.45
N GLU C 395 45.24 43.41 4.47
CA GLU C 395 46.27 43.94 3.56
C GLU C 395 46.57 43.00 2.38
N LEU C 396 45.50 42.42 1.81
CA LEU C 396 45.60 41.51 0.67
C LEU C 396 44.91 42.14 -0.55
N LYS C 397 45.35 41.75 -1.75
CA LYS C 397 44.80 42.25 -3.00
C LYS C 397 44.66 41.12 -4.03
N GLU C 398 43.60 41.19 -4.83
CA GLU C 398 43.31 40.22 -5.88
C GLU C 398 43.59 40.87 -7.25
N PRO C 399 44.28 40.17 -8.17
CA PRO C 399 44.43 40.67 -9.55
C PRO C 399 43.13 40.76 -10.34
N ASP C 400 43.17 41.52 -11.43
CA ASP C 400 42.02 41.66 -12.34
C ASP C 400 41.84 40.37 -13.15
N LEU C 401 40.59 40.09 -13.54
CA LEU C 401 40.26 38.84 -14.23
C LEU C 401 40.78 38.84 -15.67
N THR C 402 41.50 37.77 -16.02
CA THR C 402 42.14 37.60 -17.33
C THR C 402 41.20 36.81 -18.26
N ILE C 403 41.75 36.19 -19.31
CA ILE C 403 41.02 35.28 -20.18
C ILE C 403 41.30 33.85 -19.77
N LYS C 404 42.56 33.56 -19.44
CA LYS C 404 43.02 32.21 -19.20
C LYS C 404 42.33 31.52 -18.03
N ASP C 405 41.98 32.30 -17.01
CA ASP C 405 41.20 31.80 -15.90
C ASP C 405 39.82 31.32 -16.35
N PHE C 406 39.21 32.03 -17.30
CA PHE C 406 37.96 31.60 -17.88
C PHE C 406 38.16 30.43 -18.82
N LEU C 407 39.28 30.36 -19.50
CA LEU C 407 39.62 29.29 -20.42
C LEU C 407 39.74 27.93 -19.69
N LYS C 408 40.61 27.90 -18.70
CA LYS C 408 40.77 26.75 -17.83
C LYS C 408 39.51 26.42 -17.03
N ALA C 409 38.75 27.44 -16.70
CA ALA C 409 37.43 27.25 -16.06
C ALA C 409 36.51 26.49 -17.00
N ILE C 410 36.47 26.87 -18.26
CA ILE C 410 35.72 26.13 -19.26
C ILE C 410 36.22 24.67 -19.36
N LYS C 411 37.54 24.49 -19.41
CA LYS C 411 38.14 23.15 -19.51
C LYS C 411 37.81 22.24 -18.31
N SER C 412 37.75 22.83 -17.12
CA SER C 412 37.35 22.10 -15.91
C SER C 412 35.86 21.76 -15.93
N THR C 413 35.02 22.78 -16.22
CA THR C 413 33.57 22.64 -16.23
C THR C 413 33.01 22.42 -17.64
N ARG C 414 32.96 21.16 -18.06
CA ARG C 414 32.32 20.77 -19.33
C ARG C 414 30.80 20.80 -19.18
N PRO C 415 30.05 20.96 -20.30
CA PRO C 415 28.61 21.25 -20.21
C PRO C 415 27.77 20.11 -19.64
N THR C 416 26.83 20.46 -18.75
CA THR C 416 26.02 19.49 -18.01
C THR C 416 24.85 18.94 -18.84
N VAL C 417 24.20 19.81 -19.63
CA VAL C 417 22.97 19.44 -20.34
C VAL C 417 23.28 18.56 -21.55
N ASN C 418 22.89 17.29 -21.46
CA ASN C 418 23.06 16.32 -22.56
C ASN C 418 22.08 16.61 -23.71
N GLU C 419 22.49 16.23 -24.92
CA GLU C 419 21.70 16.49 -26.13
C GLU C 419 20.51 15.53 -26.32
N ASP C 420 20.61 14.33 -25.75
CA ASP C 420 19.55 13.32 -25.87
C ASP C 420 18.24 13.69 -25.17
N ASP C 421 18.33 14.47 -24.10
CA ASP C 421 17.15 14.94 -23.36
C ASP C 421 16.30 15.96 -24.14
N LEU C 422 16.94 16.72 -25.04
CA LEU C 422 16.28 17.82 -25.75
C LEU C 422 15.37 17.35 -26.89
N LEU C 423 15.50 16.07 -27.26
CA LEU C 423 14.74 15.55 -28.39
C LEU C 423 13.25 15.51 -28.06
N LYS C 424 12.92 14.98 -26.88
CA LYS C 424 11.55 14.96 -26.40
C LYS C 424 11.02 16.33 -25.94
N GLN C 425 11.92 17.20 -25.52
CA GLN C 425 11.61 18.59 -25.28
C GLN C 425 11.10 19.27 -26.54
N GLU C 426 11.89 19.32 -27.60
CA GLU C 426 11.50 19.87 -28.86
C GLU C 426 10.31 19.15 -29.48
N GLN C 427 10.17 17.85 -29.23
CA GLN C 427 8.98 17.12 -29.61
C GLN C 427 7.74 17.71 -28.94
N PHE C 428 7.83 18.03 -27.65
CA PHE C 428 6.75 18.69 -26.95
C PHE C 428 6.54 20.09 -27.46
N THR C 429 7.57 20.76 -27.94
CA THR C 429 7.45 22.12 -28.44
C THR C 429 6.64 22.12 -29.76
N ARG C 430 7.09 21.31 -30.70
CA ARG C 430 6.34 21.09 -31.92
C ARG C 430 4.95 20.47 -31.71
N ASP C 431 4.71 19.89 -30.53
CA ASP C 431 3.32 19.62 -30.14
C ASP C 431 2.56 20.92 -29.78
N PHE C 432 3.13 21.75 -28.90
CA PHE C 432 2.42 22.93 -28.35
C PHE C 432 3.09 24.29 -28.62
N GLY C 433 4.38 24.42 -28.27
CA GLY C 433 5.19 25.56 -28.74
C GLY C 433 5.58 26.64 -27.74
N GLN C 434 6.05 27.76 -28.29
CA GLN C 434 6.59 28.88 -27.51
C GLN C 434 5.47 29.62 -26.77
N GLU C 435 4.45 30.02 -27.53
CA GLU C 435 3.24 30.61 -26.96
C GLU C 435 2.33 29.49 -26.49
N GLY C 436 1.53 29.77 -25.46
CA GLY C 436 0.61 28.79 -24.89
C GLY C 436 -0.47 28.30 -25.84
N ASN C 437 -0.56 26.98 -25.97
CA ASN C 437 -1.52 26.30 -26.84
C ASN C 437 -1.28 26.65 -28.31
N LEU D 119 -22.78 18.56 9.88
CA LEU D 119 -24.11 18.22 9.29
C LEU D 119 -24.64 19.34 8.38
N SER D 120 -24.58 20.58 8.88
CA SER D 120 -25.08 21.75 8.15
C SER D 120 -24.14 22.31 7.06
N SER D 121 -22.93 21.76 6.96
CA SER D 121 -21.96 22.19 5.93
C SER D 121 -22.46 21.85 4.51
N ALA D 122 -23.15 22.81 3.89
CA ALA D 122 -23.76 22.64 2.57
C ALA D 122 -23.05 23.47 1.51
N ILE D 123 -23.42 23.22 0.25
CA ILE D 123 -22.83 23.88 -0.92
C ILE D 123 -23.66 25.09 -1.31
N LEU D 124 -22.99 26.12 -1.83
CA LEU D 124 -23.66 27.34 -2.31
C LEU D 124 -23.99 27.22 -3.79
N SER D 125 -25.23 27.57 -4.15
CA SER D 125 -25.73 27.45 -5.53
C SER D 125 -25.63 28.78 -6.28
N GLU D 126 -24.54 28.95 -7.03
CA GLU D 126 -24.33 30.14 -7.88
C GLU D 126 -25.21 30.08 -9.13
N LYS D 127 -25.38 31.23 -9.79
CA LYS D 127 -26.27 31.37 -10.95
C LYS D 127 -25.55 32.03 -12.14
N PRO D 128 -24.84 31.21 -12.95
CA PRO D 128 -24.24 31.70 -14.19
C PRO D 128 -25.23 31.57 -15.36
N ASN D 129 -25.47 32.67 -16.08
CA ASN D 129 -26.48 32.70 -17.14
C ASN D 129 -25.95 32.04 -18.43
N VAL D 130 -25.98 30.71 -18.44
CA VAL D 130 -25.62 29.91 -19.63
C VAL D 130 -26.90 29.39 -20.28
N LYS D 131 -27.24 29.94 -21.45
CA LYS D 131 -28.44 29.55 -22.20
C LYS D 131 -28.19 28.30 -23.05
N TRP D 132 -29.27 27.70 -23.53
CA TRP D 132 -29.19 26.50 -24.38
C TRP D 132 -28.72 26.83 -25.79
N GLU D 133 -29.32 27.86 -26.40
CA GLU D 133 -28.96 28.30 -27.76
C GLU D 133 -27.54 28.85 -27.90
N ASP D 134 -26.98 29.37 -26.79
CA ASP D 134 -25.58 29.84 -26.77
C ASP D 134 -24.58 28.69 -26.91
N VAL D 135 -24.86 27.57 -26.27
CA VAL D 135 -24.00 26.38 -26.33
C VAL D 135 -24.21 25.66 -27.67
N ALA D 136 -23.12 25.17 -28.25
CA ALA D 136 -23.15 24.40 -29.50
C ALA D 136 -22.59 22.99 -29.29
N GLY D 137 -22.89 22.10 -30.23
CA GLY D 137 -22.39 20.72 -30.22
C GLY D 137 -23.41 19.73 -29.69
N LEU D 138 -24.01 18.96 -30.59
CA LEU D 138 -24.98 17.89 -30.28
C LEU D 138 -26.26 18.37 -29.57
N GLU D 139 -27.33 18.56 -30.35
CA GLU D 139 -28.67 18.82 -29.81
C GLU D 139 -29.36 17.59 -29.24
N GLY D 140 -28.86 16.41 -29.60
CA GLY D 140 -29.37 15.17 -29.02
C GLY D 140 -29.09 15.09 -27.52
N ALA D 141 -27.88 15.48 -27.14
CA ALA D 141 -27.53 15.56 -25.72
C ALA D 141 -28.42 16.56 -24.99
N LYS D 142 -28.59 17.72 -25.60
CA LYS D 142 -29.46 18.78 -25.08
C LYS D 142 -30.87 18.26 -24.87
N GLU D 143 -31.37 17.48 -25.81
CA GLU D 143 -32.68 16.88 -25.76
C GLU D 143 -32.84 15.85 -24.64
N ALA D 144 -31.79 15.05 -24.48
CA ALA D 144 -31.68 14.10 -23.38
C ALA D 144 -31.80 14.84 -22.04
N LEU D 145 -31.09 15.96 -21.98
CA LEU D 145 -31.01 16.77 -20.75
C LEU D 145 -32.35 17.41 -20.37
N LYS D 146 -32.89 18.16 -21.32
CA LYS D 146 -34.19 18.81 -21.17
C LYS D 146 -35.27 17.77 -20.86
N GLU D 147 -35.22 16.67 -21.62
CA GLU D 147 -36.18 15.57 -21.43
C GLU D 147 -36.09 15.00 -20.03
N ALA D 148 -34.88 14.82 -19.52
CA ALA D 148 -34.64 14.36 -18.18
C ALA D 148 -34.98 15.38 -17.09
N VAL D 149 -34.56 16.64 -17.28
CA VAL D 149 -34.62 17.66 -16.23
C VAL D 149 -35.91 18.48 -16.24
N ILE D 150 -36.10 19.28 -17.30
CA ILE D 150 -37.10 20.33 -17.33
C ILE D 150 -38.46 19.77 -17.72
N LEU D 151 -38.48 18.82 -18.65
CA LEU D 151 -39.70 18.25 -19.15
C LEU D 151 -40.66 17.72 -18.09
N PRO D 152 -40.17 16.91 -17.12
CA PRO D 152 -41.08 16.40 -16.12
C PRO D 152 -41.60 17.45 -15.20
N VAL D 153 -40.84 18.50 -14.93
CA VAL D 153 -41.38 19.68 -14.24
C VAL D 153 -42.51 20.30 -15.06
N LYS D 154 -42.24 20.41 -16.37
CA LYS D 154 -43.18 21.02 -17.31
C LYS D 154 -44.48 20.20 -17.47
N PHE D 155 -44.32 18.92 -17.83
CA PHE D 155 -45.44 17.99 -18.03
C PHE D 155 -45.30 16.80 -17.07
N PRO D 156 -45.71 16.96 -15.79
CA PRO D 156 -45.62 15.87 -14.82
C PRO D 156 -46.64 14.74 -15.07
N HIS D 157 -47.78 15.07 -15.67
CA HIS D 157 -48.79 14.05 -16.04
C HIS D 157 -48.30 13.01 -17.07
N LEU D 158 -47.34 13.40 -17.92
CA LEU D 158 -46.74 12.48 -18.90
C LEU D 158 -45.78 11.45 -18.29
N PHE D 159 -45.35 11.65 -17.04
CA PHE D 159 -44.52 10.69 -16.31
C PHE D 159 -45.30 10.10 -15.13
N LYS D 160 -46.29 9.27 -15.45
CA LYS D 160 -47.13 8.59 -14.45
C LYS D 160 -47.48 7.17 -14.92
N GLY D 161 -46.72 6.19 -14.44
CA GLY D 161 -46.92 4.77 -14.77
C GLY D 161 -45.61 4.05 -15.01
N ASN D 162 -45.57 3.25 -16.08
CA ASN D 162 -44.34 2.54 -16.49
C ASN D 162 -43.32 3.54 -17.06
N ARG D 163 -43.80 4.47 -17.87
CA ARG D 163 -43.00 5.61 -18.33
C ARG D 163 -42.50 6.46 -17.15
N LYS D 164 -41.19 6.56 -17.00
CA LYS D 164 -40.57 7.27 -15.87
C LYS D 164 -39.27 7.98 -16.28
N PRO D 165 -38.87 9.01 -15.50
CA PRO D 165 -37.57 9.66 -15.72
C PRO D 165 -36.44 8.89 -15.04
N THR D 166 -35.54 8.31 -15.84
CA THR D 166 -34.41 7.53 -15.31
C THR D 166 -33.33 8.47 -14.76
N SER D 167 -32.56 7.97 -13.79
CA SER D 167 -31.52 8.75 -13.10
C SER D 167 -30.11 8.30 -13.45
N GLY D 168 -29.21 9.26 -13.66
CA GLY D 168 -27.78 9.01 -13.83
C GLY D 168 -27.26 9.16 -15.25
N ILE D 169 -27.38 10.35 -15.82
CA ILE D 169 -26.87 10.63 -17.17
C ILE D 169 -25.39 10.98 -17.07
N LEU D 170 -24.52 10.18 -17.69
CA LEU D 170 -23.08 10.40 -17.63
C LEU D 170 -22.59 11.21 -18.84
N LEU D 171 -21.92 12.33 -18.56
CA LEU D 171 -21.18 13.09 -19.57
C LEU D 171 -19.72 12.70 -19.48
N TYR D 172 -19.04 12.65 -20.61
CA TYR D 172 -17.60 12.32 -20.66
C TYR D 172 -16.97 12.74 -21.99
N GLY D 173 -15.66 12.55 -22.12
CA GLY D 173 -14.94 12.86 -23.35
C GLY D 173 -13.54 13.39 -23.10
N PRO D 174 -12.93 14.03 -24.11
CA PRO D 174 -11.63 14.71 -23.91
C PRO D 174 -11.73 15.94 -23.00
N PRO D 175 -10.57 16.46 -22.54
CA PRO D 175 -10.58 17.62 -21.63
C PRO D 175 -10.91 18.94 -22.33
N GLY D 176 -11.57 19.84 -21.60
CA GLY D 176 -11.90 21.18 -22.10
C GLY D 176 -13.02 21.25 -23.14
N THR D 177 -13.80 20.18 -23.28
CA THR D 177 -14.87 20.11 -24.29
C THR D 177 -16.18 20.78 -23.85
N GLY D 178 -16.32 21.03 -22.55
CA GLY D 178 -17.47 21.76 -22.01
C GLY D 178 -18.59 20.90 -21.41
N LYS D 179 -18.22 19.76 -20.81
CA LYS D 179 -19.17 18.93 -20.08
C LYS D 179 -19.51 19.54 -18.74
N SER D 180 -18.52 20.09 -18.04
CA SER D 180 -18.80 20.86 -16.82
C SER D 180 -19.65 22.08 -17.14
N TYR D 181 -19.31 22.76 -18.23
CA TYR D 181 -20.04 23.94 -18.67
C TYR D 181 -21.46 23.59 -19.10
N LEU D 182 -21.64 22.43 -19.71
CA LEU D 182 -22.96 21.94 -20.08
C LEU D 182 -23.76 21.57 -18.85
N ALA D 183 -23.15 21.00 -17.83
CA ALA D 183 -23.81 20.78 -16.55
C ALA D 183 -24.29 22.10 -15.99
N LYS D 184 -23.44 23.15 -16.08
CA LYS D 184 -23.89 24.47 -15.64
C LYS D 184 -25.04 25.00 -16.50
N ALA D 185 -25.04 24.64 -17.79
CA ALA D 185 -26.12 25.00 -18.68
C ALA D 185 -27.42 24.37 -18.23
N VAL D 186 -27.39 23.15 -17.75
CA VAL D 186 -28.57 22.53 -17.14
C VAL D 186 -28.96 23.31 -15.88
N ALA D 187 -27.94 23.65 -15.08
CA ALA D 187 -28.13 24.26 -13.79
C ALA D 187 -28.81 25.61 -13.91
N THR D 188 -28.58 26.33 -15.00
CA THR D 188 -29.14 27.64 -15.19
C THR D 188 -30.68 27.63 -15.35
N GLU D 189 -31.16 26.84 -16.31
CA GLU D 189 -32.58 26.85 -16.72
C GLU D 189 -33.41 25.66 -16.21
N ALA D 190 -32.88 24.90 -15.25
CA ALA D 190 -33.61 23.76 -14.67
C ALA D 190 -34.74 24.18 -13.72
N ASN D 191 -34.56 25.32 -13.04
CA ASN D 191 -35.43 25.76 -11.94
C ASN D 191 -35.40 24.72 -10.82
N SER D 192 -34.17 24.37 -10.42
CA SER D 192 -33.89 23.25 -9.53
C SER D 192 -33.05 23.71 -8.34
N THR D 193 -33.48 23.35 -7.12
CA THR D 193 -32.71 23.59 -5.91
C THR D 193 -31.63 22.52 -5.78
N PHE D 194 -30.57 22.67 -6.57
CA PHE D 194 -29.54 21.64 -6.75
C PHE D 194 -28.26 21.96 -5.96
N PHE D 195 -27.48 20.92 -5.70
CA PHE D 195 -26.16 21.05 -5.06
C PHE D 195 -25.17 20.07 -5.70
N SER D 196 -23.99 20.57 -6.08
CA SER D 196 -22.98 19.80 -6.80
C SER D 196 -21.68 19.70 -5.99
N VAL D 197 -21.03 18.54 -6.03
CA VAL D 197 -19.77 18.34 -5.29
C VAL D 197 -18.95 17.14 -5.80
N SER D 198 -17.63 17.33 -5.88
CA SER D 198 -16.70 16.27 -6.30
C SER D 198 -16.26 15.47 -5.06
N SER D 199 -14.94 15.35 -4.82
CA SER D 199 -14.41 14.67 -3.64
C SER D 199 -13.75 15.69 -2.69
N SER D 200 -14.45 16.80 -2.46
CA SER D 200 -13.92 17.92 -1.66
C SER D 200 -14.49 17.90 -0.25
N ASP D 201 -15.81 18.06 -0.15
CA ASP D 201 -16.51 18.08 1.14
C ASP D 201 -16.80 16.65 1.61
N LEU D 202 -17.37 15.86 0.71
CA LEU D 202 -17.71 14.46 1.00
C LEU D 202 -16.44 13.61 0.96
N VAL D 203 -15.84 13.41 2.13
CA VAL D 203 -14.59 12.67 2.26
C VAL D 203 -14.36 12.23 3.72
N SER D 204 -13.63 11.14 3.92
CA SER D 204 -13.31 10.63 5.26
C SER D 204 -12.40 11.60 6.03
N LYS D 205 -12.64 11.71 7.32
CA LYS D 205 -11.87 12.60 8.22
C LYS D 205 -11.14 11.86 9.35
N TRP D 206 -11.83 10.94 10.02
CA TRP D 206 -11.31 10.28 11.23
C TRP D 206 -10.72 8.88 10.96
N MET D 207 -10.24 8.64 9.74
CA MET D 207 -9.81 7.30 9.29
C MET D 207 -10.95 6.29 9.49
N GLY D 208 -12.10 6.60 8.90
CA GLY D 208 -13.29 5.77 9.07
C GLY D 208 -14.50 6.18 8.25
N GLU D 209 -15.39 6.94 8.89
CA GLU D 209 -16.78 7.07 8.43
C GLU D 209 -17.03 8.31 7.56
N SER D 210 -17.35 8.08 6.29
CA SER D 210 -17.88 9.11 5.39
C SER D 210 -19.14 8.64 4.65
N GLU D 211 -19.84 7.67 5.25
CA GLU D 211 -21.07 7.12 4.70
C GLU D 211 -22.27 7.91 5.14
N LYS D 212 -22.26 8.43 6.37
CA LYS D 212 -23.36 9.29 6.83
C LYS D 212 -23.51 10.52 5.94
N LEU D 213 -22.37 11.12 5.58
CA LEU D 213 -22.35 12.25 4.69
C LEU D 213 -23.08 11.97 3.39
N VAL D 214 -22.93 10.77 2.86
CA VAL D 214 -23.67 10.37 1.67
C VAL D 214 -25.15 10.20 2.00
N LYS D 215 -25.41 9.53 3.13
CA LYS D 215 -26.80 9.37 3.58
C LYS D 215 -27.60 10.67 3.69
N GLN D 216 -27.16 11.57 4.56
CA GLN D 216 -27.81 12.86 4.68
C GLN D 216 -27.66 13.76 3.45
N LEU D 217 -26.70 13.45 2.60
CA LEU D 217 -26.61 14.17 1.32
C LEU D 217 -27.83 13.81 0.48
N PHE D 218 -28.05 12.51 0.31
CA PHE D 218 -29.18 12.02 -0.45
C PHE D 218 -30.50 12.46 0.21
N ALA D 219 -30.56 12.44 1.53
CA ALA D 219 -31.78 12.79 2.22
C ALA D 219 -32.10 14.28 2.03
N MET D 220 -31.10 15.12 2.25
CA MET D 220 -31.25 16.55 1.99
C MET D 220 -31.50 16.91 0.52
N ALA D 221 -31.16 15.99 -0.39
CA ALA D 221 -31.65 16.09 -1.77
C ALA D 221 -33.09 15.59 -1.86
N ARG D 222 -33.43 14.51 -1.14
CA ARG D 222 -34.82 14.01 -1.09
C ARG D 222 -35.87 14.96 -0.46
N GLU D 223 -35.43 15.93 0.35
CA GLU D 223 -36.37 16.89 0.96
C GLU D 223 -37.10 17.74 -0.09
N ASN D 224 -36.33 18.53 -0.84
CA ASN D 224 -36.86 19.31 -1.97
C ASN D 224 -36.58 18.53 -3.25
N LYS D 225 -37.65 18.06 -3.92
CA LYS D 225 -37.52 17.09 -5.02
C LYS D 225 -37.44 17.63 -6.47
N PRO D 226 -37.18 18.95 -6.67
CA PRO D 226 -36.54 19.32 -7.93
C PRO D 226 -35.04 19.39 -7.69
N SER D 227 -34.40 18.23 -7.62
CA SER D 227 -33.02 18.07 -7.17
C SER D 227 -32.13 17.42 -8.22
N ILE D 228 -30.94 18.00 -8.42
CA ILE D 228 -29.89 17.42 -9.26
C ILE D 228 -28.62 17.29 -8.40
N ILE D 229 -27.92 16.17 -8.55
CA ILE D 229 -26.67 15.90 -7.84
C ILE D 229 -25.57 15.64 -8.88
N PHE D 230 -24.70 16.64 -9.06
CA PHE D 230 -23.60 16.57 -10.02
C PHE D 230 -22.29 16.22 -9.30
N ILE D 231 -21.71 15.07 -9.68
CA ILE D 231 -20.43 14.60 -9.16
C ILE D 231 -19.37 14.78 -10.24
N ASP D 232 -18.59 15.86 -10.14
CA ASP D 232 -17.50 16.14 -11.09
C ASP D 232 -16.34 15.18 -10.81
N GLN D 233 -15.85 14.53 -11.87
CA GLN D 233 -14.84 13.46 -11.79
C GLN D 233 -15.28 12.33 -10.86
N VAL D 234 -16.14 11.45 -11.39
CA VAL D 234 -16.62 10.27 -10.65
C VAL D 234 -15.55 9.19 -10.42
N ASP D 235 -14.48 9.20 -11.22
CA ASP D 235 -13.34 8.28 -11.03
C ASP D 235 -12.60 8.45 -9.70
N ALA D 236 -12.70 9.63 -9.09
CA ALA D 236 -12.13 9.88 -7.76
C ALA D 236 -12.74 9.01 -6.67
N LEU D 237 -14.06 8.84 -6.70
CA LEU D 237 -14.79 8.00 -5.75
C LEU D 237 -15.12 6.62 -6.37
N THR D 238 -14.12 6.01 -7.00
CA THR D 238 -14.31 4.76 -7.75
C THR D 238 -12.98 4.05 -7.99
N GLY D 239 -13.01 2.72 -8.01
CA GLY D 239 -11.86 1.89 -8.38
C GLY D 239 -12.28 0.65 -9.14
N THR D 240 -11.79 -0.51 -8.71
CA THR D 240 -12.15 -1.81 -9.33
C THR D 240 -11.83 -3.00 -8.42
N ARG D 241 -10.63 -3.03 -7.83
CA ARG D 241 -10.29 -3.97 -6.74
C ARG D 241 -9.42 -3.31 -5.66
N GLY D 242 -8.37 -2.58 -6.06
CA GLY D 242 -7.62 -1.71 -5.16
C GLY D 242 -6.71 -2.36 -4.11
N GLU D 243 -6.54 -3.68 -4.17
CA GLU D 243 -5.79 -4.46 -3.16
C GLU D 243 -6.29 -4.26 -1.72
N GLY D 244 -5.98 -3.12 -1.11
CA GLY D 244 -6.46 -2.75 0.22
C GLY D 244 -7.49 -1.64 0.17
N GLU D 245 -8.52 -1.85 -0.64
CA GLU D 245 -9.61 -0.88 -0.82
C GLU D 245 -10.58 -0.88 0.36
N SER D 246 -10.63 -1.98 1.11
CA SER D 246 -11.49 -2.12 2.30
C SER D 246 -11.20 -1.12 3.44
N GLU D 247 -9.99 -0.55 3.45
CA GLU D 247 -9.61 0.47 4.45
C GLU D 247 -10.50 1.71 4.46
N ALA D 248 -11.02 2.11 3.29
CA ALA D 248 -11.83 3.33 3.18
C ALA D 248 -12.72 3.40 1.93
N SER D 249 -12.09 3.36 0.75
CA SER D 249 -12.72 3.69 -0.50
C SER D 249 -13.75 2.67 -0.90
N ARG D 250 -13.56 1.40 -0.54
CA ARG D 250 -14.57 0.38 -0.80
C ARG D 250 -15.82 0.63 0.04
N ARG D 251 -15.65 1.23 1.21
CA ARG D 251 -16.78 1.40 2.12
C ARG D 251 -17.70 2.51 1.57
N ILE D 252 -17.09 3.61 1.17
CA ILE D 252 -17.82 4.76 0.65
C ILE D 252 -18.40 4.46 -0.73
N LYS D 253 -17.61 3.82 -1.58
CA LYS D 253 -18.06 3.41 -2.89
C LYS D 253 -19.27 2.48 -2.78
N THR D 254 -19.16 1.52 -1.87
CA THR D 254 -20.26 0.59 -1.62
C THR D 254 -21.50 1.34 -1.14
N GLU D 255 -21.32 2.33 -0.28
CA GLU D 255 -22.46 3.11 0.18
C GLU D 255 -23.14 3.83 -0.98
N LEU D 256 -22.31 4.41 -1.85
CA LEU D 256 -22.78 5.09 -3.05
C LEU D 256 -23.62 4.15 -3.92
N LEU D 257 -23.09 2.93 -4.09
CA LEU D 257 -23.76 1.90 -4.85
C LEU D 257 -25.14 1.54 -4.25
N VAL D 258 -25.17 1.39 -2.91
CA VAL D 258 -26.34 0.88 -2.25
C VAL D 258 -27.38 1.95 -2.11
N GLN D 259 -27.00 3.22 -2.13
CA GLN D 259 -28.03 4.28 -1.98
C GLN D 259 -28.89 4.44 -3.23
N MET D 260 -28.23 4.57 -4.38
CA MET D 260 -28.90 4.80 -5.67
C MET D 260 -29.45 3.53 -6.38
N ASN D 261 -29.61 2.43 -5.64
CA ASN D 261 -30.32 1.24 -6.13
C ASN D 261 -31.80 1.56 -6.30
N GLY D 262 -32.39 2.21 -5.29
CA GLY D 262 -33.80 2.60 -5.30
C GLY D 262 -34.19 3.66 -6.32
N VAL D 263 -33.23 4.50 -6.73
CA VAL D 263 -33.47 5.55 -7.75
C VAL D 263 -33.12 5.10 -9.19
N GLY D 264 -32.24 4.11 -9.32
CA GLY D 264 -31.84 3.57 -10.64
C GLY D 264 -33.01 3.09 -11.49
N ASN D 265 -33.93 2.37 -10.85
CA ASN D 265 -35.21 1.98 -11.45
C ASN D 265 -36.33 2.25 -10.43
N ASP D 266 -37.58 1.92 -10.79
CA ASP D 266 -38.77 2.13 -9.96
C ASP D 266 -39.14 3.63 -9.89
N SER D 267 -39.36 4.21 -8.71
CA SER D 267 -39.89 5.58 -8.58
C SER D 267 -39.17 6.41 -7.51
N GLN D 268 -38.43 7.42 -7.96
CA GLN D 268 -37.84 8.43 -7.08
C GLN D 268 -37.48 9.68 -7.88
N GLY D 269 -37.71 10.86 -7.28
CA GLY D 269 -37.55 12.14 -7.96
C GLY D 269 -36.21 12.82 -7.73
N VAL D 270 -35.13 12.17 -8.18
CA VAL D 270 -33.77 12.73 -8.12
C VAL D 270 -33.02 12.35 -9.40
N LEU D 271 -32.20 13.27 -9.92
CA LEU D 271 -31.42 13.06 -11.14
C LEU D 271 -29.93 13.21 -10.86
N VAL D 272 -29.18 12.12 -11.01
CA VAL D 272 -27.72 12.13 -10.80
C VAL D 272 -27.03 12.51 -12.12
N LEU D 273 -25.87 13.17 -12.00
CA LEU D 273 -25.03 13.54 -13.16
C LEU D 273 -23.56 13.30 -12.87
N GLY D 274 -22.78 13.12 -13.94
CA GLY D 274 -21.34 12.86 -13.83
C GLY D 274 -20.54 13.39 -15.01
N ALA D 275 -19.30 13.78 -14.74
CA ALA D 275 -18.40 14.37 -15.74
C ALA D 275 -16.95 13.92 -15.48
N THR D 276 -16.51 12.92 -16.23
CA THR D 276 -15.17 12.34 -16.07
C THR D 276 -14.44 12.21 -17.40
N ASN D 277 -13.11 12.34 -17.36
CA ASN D 277 -12.25 12.24 -18.55
C ASN D 277 -11.75 10.82 -18.83
N ILE D 278 -11.75 9.97 -17.80
CA ILE D 278 -11.23 8.60 -17.90
C ILE D 278 -12.38 7.60 -17.67
N PRO D 279 -13.03 7.13 -18.76
CA PRO D 279 -14.20 6.24 -18.62
C PRO D 279 -13.87 4.78 -18.27
N TRP D 280 -12.80 4.24 -18.84
CA TRP D 280 -12.43 2.82 -18.63
C TRP D 280 -12.05 2.47 -17.18
N GLN D 281 -11.50 3.43 -16.45
CA GLN D 281 -11.19 3.24 -15.01
C GLN D 281 -12.44 3.18 -14.12
N LEU D 282 -13.57 3.70 -14.61
CA LEU D 282 -14.86 3.60 -13.91
C LEU D 282 -15.31 2.13 -13.86
N ASP D 283 -15.97 1.76 -12.77
CA ASP D 283 -16.27 0.36 -12.45
C ASP D 283 -17.48 -0.14 -13.22
N SER D 284 -17.50 -1.44 -13.49
CA SER D 284 -18.63 -2.12 -14.16
C SER D 284 -19.98 -1.91 -13.45
N ALA D 285 -20.00 -2.25 -12.16
CA ALA D 285 -21.19 -2.21 -11.35
C ALA D 285 -21.78 -0.82 -11.20
N ILE D 286 -20.93 0.22 -11.26
CA ILE D 286 -21.41 1.59 -11.33
C ILE D 286 -21.96 1.88 -12.73
N ARG D 287 -21.30 1.32 -13.76
CA ARG D 287 -21.76 1.57 -15.12
C ARG D 287 -23.15 1.00 -15.34
N ARG D 288 -23.42 -0.19 -14.78
CA ARG D 288 -24.76 -0.77 -14.91
C ARG D 288 -25.82 -0.24 -13.93
N ARG D 289 -25.40 0.55 -12.95
CA ARG D 289 -26.31 1.30 -12.08
C ARG D 289 -26.78 2.61 -12.73
N PHE D 290 -26.04 3.09 -13.74
CA PHE D 290 -26.22 4.43 -14.29
C PHE D 290 -27.09 4.40 -15.56
N GLU D 291 -27.67 5.55 -15.89
CA GLU D 291 -28.39 5.74 -17.16
C GLU D 291 -27.39 6.01 -18.28
N ARG D 292 -27.87 5.92 -19.53
CA ARG D 292 -27.23 6.46 -20.74
C ARG D 292 -26.01 7.39 -20.56
N ARG D 293 -24.92 7.03 -21.25
CA ARG D 293 -23.66 7.74 -21.16
C ARG D 293 -23.42 8.46 -22.49
N ILE D 294 -23.74 9.75 -22.51
CA ILE D 294 -23.73 10.54 -23.74
C ILE D 294 -22.30 10.96 -24.08
N TYR D 295 -21.81 10.52 -25.25
CA TYR D 295 -20.49 10.88 -25.73
C TYR D 295 -20.51 12.31 -26.26
N ILE D 296 -19.62 13.15 -25.72
CA ILE D 296 -19.44 14.53 -26.16
C ILE D 296 -18.12 14.62 -26.93
N PRO D 297 -18.18 14.62 -28.27
CA PRO D 297 -16.95 14.69 -29.07
C PRO D 297 -16.38 16.10 -29.17
N LEU D 298 -15.28 16.24 -29.91
CA LEU D 298 -14.69 17.55 -30.17
C LEU D 298 -15.59 18.33 -31.14
N PRO D 299 -15.66 19.68 -31.00
CA PRO D 299 -16.49 20.52 -31.87
C PRO D 299 -16.30 20.29 -33.38
N ASP D 300 -17.41 20.38 -34.13
CA ASP D 300 -17.41 20.18 -35.58
C ASP D 300 -17.63 21.51 -36.31
N LEU D 301 -17.57 21.47 -37.64
CA LEU D 301 -17.63 22.68 -38.51
C LEU D 301 -18.65 23.73 -38.10
N ALA D 302 -19.92 23.36 -38.05
CA ALA D 302 -21.02 24.32 -37.84
C ALA D 302 -21.01 24.81 -36.39
N ALA D 303 -20.84 23.88 -35.46
CA ALA D 303 -20.75 24.21 -34.05
C ALA D 303 -19.59 25.15 -33.74
N ARG D 304 -18.39 24.78 -34.19
CA ARG D 304 -17.21 25.61 -34.07
C ARG D 304 -17.46 27.00 -34.63
N THR D 305 -18.09 27.03 -35.83
CA THR D 305 -18.40 28.27 -36.50
C THR D 305 -19.27 29.18 -35.61
N THR D 306 -20.30 28.57 -35.01
CA THR D 306 -21.13 29.27 -34.04
C THR D 306 -20.31 29.81 -32.85
N MET D 307 -19.45 28.98 -32.27
CA MET D 307 -18.69 29.34 -31.07
C MET D 307 -17.72 30.52 -31.20
N PHE D 308 -17.32 30.89 -32.43
CA PHE D 308 -16.44 32.05 -32.64
C PHE D 308 -17.11 33.37 -32.23
N GLU D 309 -18.18 33.75 -32.93
CA GLU D 309 -18.87 35.03 -32.67
C GLU D 309 -19.56 35.13 -31.30
N ILE D 310 -19.94 33.99 -30.72
CA ILE D 310 -20.61 33.96 -29.41
C ILE D 310 -19.62 34.29 -28.28
N ASN D 311 -18.44 33.69 -28.33
CA ASN D 311 -17.40 33.92 -27.32
C ASN D 311 -16.73 35.30 -27.42
N VAL D 312 -16.72 35.88 -28.62
CA VAL D 312 -16.13 37.23 -28.84
C VAL D 312 -17.01 38.31 -28.17
N GLY D 313 -18.31 38.24 -28.40
CA GLY D 313 -19.28 39.16 -27.79
C GLY D 313 -19.63 40.33 -28.68
N ASP D 314 -19.82 41.51 -28.08
CA ASP D 314 -20.26 42.71 -28.79
C ASP D 314 -19.12 43.69 -29.13
N THR D 315 -17.93 43.16 -29.41
CA THR D 315 -16.80 43.97 -29.86
C THR D 315 -16.91 44.19 -31.38
N PRO D 316 -16.46 45.36 -31.90
CA PRO D 316 -16.40 45.52 -33.35
C PRO D 316 -15.40 44.55 -34.00
N CYS D 317 -15.92 43.48 -34.59
CA CYS D 317 -15.11 42.38 -35.12
C CYS D 317 -15.40 42.11 -36.61
N VAL D 318 -15.51 43.19 -37.39
CA VAL D 318 -15.81 43.16 -38.84
C VAL D 318 -16.70 41.98 -39.29
N LEU D 319 -17.99 42.11 -38.99
CA LEU D 319 -18.94 40.98 -39.07
C LEU D 319 -19.22 40.50 -40.50
N THR D 320 -18.57 39.41 -40.88
CA THR D 320 -18.88 38.68 -42.12
C THR D 320 -18.72 37.17 -41.85
N LYS D 321 -19.64 36.38 -42.40
CA LYS D 321 -19.70 34.94 -42.12
C LYS D 321 -18.64 34.14 -42.86
N GLU D 322 -18.17 34.67 -43.99
CA GLU D 322 -17.11 34.06 -44.76
C GLU D 322 -15.81 33.99 -43.97
N ASP D 323 -15.55 35.00 -43.16
CA ASP D 323 -14.37 34.99 -42.30
C ASP D 323 -14.47 33.84 -41.29
N TYR D 324 -15.64 33.67 -40.70
CA TYR D 324 -15.85 32.57 -39.77
C TYR D 324 -15.75 31.17 -40.41
N ARG D 325 -16.18 31.12 -41.67
CA ARG D 325 -16.05 29.92 -42.48
C ARG D 325 -14.57 29.57 -42.63
N THR D 326 -13.79 30.60 -42.96
CA THR D 326 -12.37 30.46 -43.24
C THR D 326 -11.61 30.03 -41.97
N LEU D 327 -11.92 30.69 -40.87
CA LEU D 327 -11.27 30.40 -39.61
C LEU D 327 -11.63 29.00 -39.09
N GLY D 328 -12.92 28.67 -39.13
CA GLY D 328 -13.41 27.37 -38.80
C GLY D 328 -12.80 26.28 -39.68
N ALA D 329 -12.54 26.60 -40.94
CA ALA D 329 -11.88 25.66 -41.84
C ALA D 329 -10.44 25.42 -41.36
N MET D 330 -9.75 26.51 -41.06
CA MET D 330 -8.36 26.47 -40.69
C MET D 330 -8.15 25.90 -39.30
N THR D 331 -9.03 26.23 -38.35
CA THR D 331 -8.95 25.67 -36.99
C THR D 331 -9.50 24.25 -36.97
N GLU D 332 -8.61 23.28 -37.16
CA GLU D 332 -8.96 21.85 -37.14
C GLU D 332 -8.26 21.16 -35.96
N GLY D 333 -9.01 20.31 -35.24
CA GLY D 333 -8.47 19.61 -34.08
C GLY D 333 -8.34 20.52 -32.87
N TYR D 334 -9.49 21.01 -32.39
CA TYR D 334 -9.56 21.93 -31.26
C TYR D 334 -10.82 21.66 -30.42
N SER D 335 -10.66 21.72 -29.10
CA SER D 335 -11.78 21.63 -28.15
C SER D 335 -12.58 22.96 -28.12
N GLY D 336 -13.40 23.15 -27.08
CA GLY D 336 -14.09 24.42 -26.84
C GLY D 336 -13.31 25.44 -26.00
N SER D 337 -12.49 24.95 -25.07
CA SER D 337 -11.76 25.80 -24.14
C SER D 337 -10.60 26.48 -24.85
N ASP D 338 -9.87 25.74 -25.69
CA ASP D 338 -8.78 26.30 -26.44
C ASP D 338 -9.26 27.36 -27.41
N ILE D 339 -10.46 27.23 -27.95
CA ILE D 339 -11.03 28.27 -28.80
C ILE D 339 -11.30 29.55 -28.03
N ALA D 340 -11.79 29.42 -26.79
CA ALA D 340 -11.91 30.57 -25.90
C ALA D 340 -10.54 31.16 -25.62
N VAL D 341 -9.51 30.34 -25.50
CA VAL D 341 -8.17 30.86 -25.30
C VAL D 341 -7.71 31.70 -26.52
N VAL D 342 -8.00 31.20 -27.70
CA VAL D 342 -7.71 31.91 -28.93
C VAL D 342 -8.42 33.25 -28.96
N VAL D 343 -9.70 33.25 -28.58
CA VAL D 343 -10.49 34.46 -28.47
C VAL D 343 -9.81 35.48 -27.54
N LYS D 344 -9.35 34.97 -26.38
CA LYS D 344 -8.64 35.75 -25.41
C LYS D 344 -7.34 36.35 -25.98
N ASP D 345 -6.66 35.57 -26.81
CA ASP D 345 -5.46 36.03 -27.48
C ASP D 345 -5.77 37.19 -28.43
N ALA D 346 -6.86 37.01 -29.21
CA ALA D 346 -7.33 38.02 -30.12
C ALA D 346 -7.74 39.30 -29.40
N LEU D 347 -8.28 39.19 -28.19
CA LEU D 347 -8.65 40.30 -27.39
C LEU D 347 -7.43 41.05 -26.86
N MET D 348 -6.42 40.29 -26.46
CA MET D 348 -5.19 40.85 -25.92
C MET D 348 -4.30 41.52 -26.95
N GLN D 349 -4.54 41.20 -28.22
CA GLN D 349 -3.74 41.72 -29.33
C GLN D 349 -3.70 43.24 -29.48
N PRO D 350 -4.86 43.92 -29.54
CA PRO D 350 -4.82 45.36 -29.66
C PRO D 350 -4.20 46.05 -28.45
N ILE D 351 -4.29 45.43 -27.28
CA ILE D 351 -3.56 45.93 -26.12
C ILE D 351 -2.04 45.88 -26.37
N ARG D 352 -1.59 44.75 -26.92
CA ARG D 352 -0.20 44.62 -27.31
C ARG D 352 0.17 45.70 -28.31
N LYS D 353 -0.69 45.99 -29.28
CA LYS D 353 -0.43 47.10 -30.18
C LYS D 353 -0.37 48.47 -29.49
N ILE D 354 -1.16 48.61 -28.43
CA ILE D 354 -1.11 49.80 -27.59
C ILE D 354 0.26 49.93 -26.93
N GLN D 355 0.78 48.83 -26.39
CA GLN D 355 2.15 48.83 -25.88
C GLN D 355 3.24 48.99 -26.96
N SER D 356 2.92 48.78 -28.24
CA SER D 356 3.83 49.13 -29.34
C SER D 356 3.33 50.31 -30.19
N ALA D 357 2.61 51.25 -29.57
CA ALA D 357 2.08 52.44 -30.24
C ALA D 357 2.89 53.67 -29.86
N THR D 358 3.75 54.12 -30.78
CA THR D 358 4.55 55.33 -30.58
C THR D 358 3.72 56.58 -30.83
N HIS D 359 3.09 56.64 -32.01
CA HIS D 359 2.30 57.80 -32.44
C HIS D 359 0.81 57.47 -32.54
N PHE D 360 -0.03 58.49 -32.36
CA PHE D 360 -1.49 58.35 -32.38
C PHE D 360 -2.14 59.36 -33.32
N LYS D 361 -3.42 59.13 -33.63
CA LYS D 361 -4.17 59.98 -34.56
C LYS D 361 -5.68 59.94 -34.25
N ASP D 362 -6.36 61.05 -34.50
CA ASP D 362 -7.81 61.15 -34.32
C ASP D 362 -8.54 60.62 -35.55
N VAL D 363 -9.06 59.39 -35.44
CA VAL D 363 -9.81 58.75 -36.52
C VAL D 363 -11.26 59.23 -36.51
N SER D 364 -11.90 59.15 -35.34
CA SER D 364 -13.31 59.53 -35.18
C SER D 364 -13.52 61.04 -35.24
N THR D 365 -14.76 61.43 -35.51
CA THR D 365 -15.15 62.85 -35.61
C THR D 365 -15.30 63.50 -34.23
N GLU D 366 -15.46 64.81 -34.21
CA GLU D 366 -15.59 65.58 -32.97
C GLU D 366 -17.06 65.69 -32.51
N ASP D 367 -17.65 64.52 -32.22
CA ASP D 367 -18.99 64.42 -31.62
C ASP D 367 -18.89 64.31 -30.10
N ASP D 368 -17.95 63.50 -29.63
CA ASP D 368 -17.69 63.33 -28.20
C ASP D 368 -17.01 64.57 -27.59
N GLU D 369 -16.89 64.58 -26.26
CA GLU D 369 -16.34 65.73 -25.53
C GLU D 369 -14.85 65.99 -25.75
N THR D 370 -14.09 64.97 -26.17
CA THR D 370 -12.63 65.08 -26.35
C THR D 370 -12.15 64.48 -27.67
N ARG D 371 -10.94 64.85 -28.06
CA ARG D 371 -10.29 64.33 -29.27
C ARG D 371 -9.76 62.91 -28.99
N LYS D 372 -10.51 61.90 -29.45
CA LYS D 372 -10.23 60.51 -29.14
C LYS D 372 -9.04 59.97 -29.95
N LEU D 373 -7.98 59.55 -29.24
CA LEU D 373 -6.74 59.09 -29.88
C LEU D 373 -6.67 57.56 -29.92
N THR D 374 -6.25 57.01 -31.06
CA THR D 374 -6.11 55.56 -31.26
C THR D 374 -4.77 55.26 -31.98
N PRO D 375 -4.14 54.10 -31.68
CA PRO D 375 -2.86 53.73 -32.33
C PRO D 375 -2.89 53.75 -33.87
N CYS D 376 -1.77 54.18 -34.46
CA CYS D 376 -1.66 54.31 -35.92
C CYS D 376 -0.19 54.22 -36.37
N SER D 377 0.07 54.44 -37.66
CA SER D 377 1.42 54.48 -38.21
C SER D 377 2.23 55.66 -37.66
N PRO D 378 3.58 55.56 -37.66
CA PRO D 378 4.41 56.65 -37.10
C PRO D 378 4.38 57.94 -37.93
N GLY D 379 4.55 57.82 -39.24
CA GLY D 379 4.51 58.97 -40.15
C GLY D 379 3.11 59.22 -40.68
N ASP D 380 2.24 59.71 -39.81
CA ASP D 380 0.83 59.96 -40.13
C ASP D 380 0.47 61.42 -39.82
N ASP D 381 -0.68 61.87 -40.34
CA ASP D 381 -1.14 63.25 -40.16
C ASP D 381 -1.61 63.49 -38.71
N GLY D 382 -0.97 64.44 -38.03
CA GLY D 382 -1.28 64.74 -36.63
C GLY D 382 -0.74 63.68 -35.69
N ALA D 383 0.54 63.38 -35.83
CA ALA D 383 1.20 62.33 -35.06
C ALA D 383 1.70 62.85 -33.70
N ILE D 384 0.83 62.77 -32.69
CA ILE D 384 1.19 63.15 -31.32
C ILE D 384 2.14 62.11 -30.70
N GLU D 385 3.18 62.60 -30.00
CA GLU D 385 4.32 61.78 -29.56
C GLU D 385 4.26 61.29 -28.10
N MET D 386 3.32 61.78 -27.31
CA MET D 386 3.19 61.35 -25.89
C MET D 386 2.82 59.88 -25.77
N SER D 387 3.22 59.26 -24.66
CA SER D 387 3.12 57.81 -24.47
C SER D 387 1.70 57.29 -24.30
N TRP D 388 1.54 55.99 -24.46
CA TRP D 388 0.24 55.31 -24.32
C TRP D 388 -0.36 55.37 -22.91
N THR D 389 0.50 55.42 -21.89
CA THR D 389 0.05 55.53 -20.50
C THR D 389 -0.54 56.90 -20.16
N ASP D 390 -0.06 57.96 -20.83
CA ASP D 390 -0.52 59.33 -20.58
C ASP D 390 -1.90 59.66 -21.16
N ILE D 391 -2.42 58.84 -22.06
CA ILE D 391 -3.71 59.09 -22.72
C ILE D 391 -4.84 58.72 -21.75
N GLU D 392 -5.79 59.65 -21.57
CA GLU D 392 -6.90 59.46 -20.64
C GLU D 392 -7.95 58.50 -21.19
N ALA D 393 -8.74 57.92 -20.29
CA ALA D 393 -9.73 56.88 -20.62
C ALA D 393 -10.82 57.35 -21.58
N ASP D 394 -11.29 58.58 -21.42
CA ASP D 394 -12.30 59.18 -22.31
C ASP D 394 -11.81 59.37 -23.76
N GLU D 395 -10.52 59.63 -23.94
CA GLU D 395 -9.91 59.80 -25.27
C GLU D 395 -9.11 58.59 -25.78
N LEU D 396 -8.88 57.59 -24.92
CA LEU D 396 -8.22 56.34 -25.30
C LEU D 396 -9.22 55.42 -26.00
N LYS D 397 -8.97 55.16 -27.28
CA LYS D 397 -9.80 54.28 -28.11
C LYS D 397 -8.94 53.12 -28.62
N GLU D 398 -9.40 51.90 -28.37
CA GLU D 398 -8.69 50.70 -28.83
C GLU D 398 -8.77 50.55 -30.36
N PRO D 399 -7.75 49.95 -31.00
CA PRO D 399 -7.84 49.67 -32.44
C PRO D 399 -8.91 48.63 -32.79
N ASP D 400 -9.45 48.73 -34.01
CA ASP D 400 -10.46 47.78 -34.49
C ASP D 400 -9.82 46.43 -34.83
N LEU D 401 -10.62 45.37 -34.70
CA LEU D 401 -10.13 44.00 -34.93
C LEU D 401 -10.00 43.71 -36.42
N THR D 402 -8.83 43.19 -36.82
CA THR D 402 -8.51 42.89 -38.21
C THR D 402 -8.87 41.42 -38.52
N ILE D 403 -8.43 40.92 -39.67
CA ILE D 403 -8.55 39.50 -40.04
C ILE D 403 -7.26 38.72 -39.71
N LYS D 404 -6.11 39.33 -40.01
CA LYS D 404 -4.81 38.67 -39.86
C LYS D 404 -4.34 38.56 -38.42
N ASP D 405 -4.96 39.31 -37.51
CA ASP D 405 -4.70 39.13 -36.08
C ASP D 405 -4.99 37.69 -35.65
N PHE D 406 -6.09 37.13 -36.17
CA PHE D 406 -6.41 35.74 -35.89
C PHE D 406 -5.41 34.81 -36.57
N LEU D 407 -5.03 35.15 -37.79
CA LEU D 407 -4.11 34.34 -38.56
C LEU D 407 -2.77 34.15 -37.85
N LYS D 408 -2.25 35.24 -37.33
CA LYS D 408 -1.04 35.26 -36.51
C LYS D 408 -1.27 34.67 -35.14
N ALA D 409 -2.49 34.78 -34.63
CA ALA D 409 -2.82 34.18 -33.33
C ALA D 409 -2.71 32.65 -33.37
N ILE D 410 -3.27 32.08 -34.45
CA ILE D 410 -3.16 30.67 -34.75
C ILE D 410 -1.77 30.30 -35.27
N LYS D 411 -1.00 31.25 -35.82
CA LYS D 411 0.41 30.94 -36.03
C LYS D 411 1.12 30.67 -34.70
N SER D 412 0.83 31.46 -33.66
CA SER D 412 1.40 31.22 -32.33
C SER D 412 0.71 30.06 -31.61
N THR D 413 -0.62 30.00 -31.71
CA THR D 413 -1.43 28.97 -31.04
C THR D 413 -1.43 27.68 -31.87
N ARG D 414 -0.56 26.74 -31.51
CA ARG D 414 -0.46 25.43 -32.16
C ARG D 414 -1.65 24.54 -31.74
N PRO D 415 -2.03 23.55 -32.59
CA PRO D 415 -3.11 22.61 -32.23
C PRO D 415 -2.96 21.91 -30.87
N THR D 416 -4.10 21.67 -30.21
CA THR D 416 -4.16 21.16 -28.84
C THR D 416 -4.26 19.63 -28.76
N VAL D 417 -5.07 19.04 -29.65
CA VAL D 417 -5.50 17.64 -29.52
C VAL D 417 -4.37 16.66 -29.86
N ASN D 418 -3.76 16.08 -28.82
CA ASN D 418 -2.86 14.94 -28.99
C ASN D 418 -3.68 13.67 -29.23
N GLU D 419 -3.19 12.82 -30.13
CA GLU D 419 -3.92 11.62 -30.55
C GLU D 419 -3.85 10.46 -29.55
N ASP D 420 -2.76 10.39 -28.78
CA ASP D 420 -2.51 9.27 -27.84
C ASP D 420 -3.65 8.99 -26.86
N ASP D 421 -4.27 10.05 -26.35
CA ASP D 421 -5.46 9.92 -25.50
C ASP D 421 -6.69 9.47 -26.32
N LEU D 422 -6.84 10.03 -27.52
CA LEU D 422 -7.95 9.69 -28.42
C LEU D 422 -7.88 8.29 -29.05
N LEU D 423 -6.70 7.66 -29.05
CA LEU D 423 -6.55 6.29 -29.58
C LEU D 423 -7.39 5.26 -28.81
N LYS D 424 -7.44 5.40 -27.48
CA LYS D 424 -8.33 4.58 -26.65
C LYS D 424 -9.81 4.95 -26.84
N GLN D 425 -10.08 6.24 -27.04
CA GLN D 425 -11.43 6.72 -27.36
C GLN D 425 -11.91 6.27 -28.74
N GLU D 426 -10.99 6.09 -29.68
CA GLU D 426 -11.30 5.47 -30.99
C GLU D 426 -11.69 4.00 -30.83
N GLN D 427 -10.99 3.28 -29.96
CA GLN D 427 -11.35 1.91 -29.58
C GLN D 427 -12.66 1.86 -28.79
N PHE D 428 -12.89 2.88 -27.96
CA PHE D 428 -14.12 2.99 -27.16
C PHE D 428 -15.34 3.32 -28.03
N THR D 429 -15.32 4.47 -28.68
CA THR D 429 -16.49 5.02 -29.41
C THR D 429 -17.13 4.07 -30.43
N ARG D 430 -16.34 3.20 -31.07
CA ARG D 430 -16.84 2.24 -32.05
C ARG D 430 -17.79 1.19 -31.44
N ASP D 431 -17.27 0.35 -30.56
CA ASP D 431 -18.04 -0.75 -29.96
C ASP D 431 -18.37 -0.57 -28.46
N PHE D 432 -18.11 0.62 -27.91
CA PHE D 432 -18.58 1.01 -26.58
C PHE D 432 -19.46 2.27 -26.73
N GLY D 433 -18.86 3.46 -26.59
CA GLY D 433 -19.57 4.74 -26.80
C GLY D 433 -20.81 4.92 -25.95
N GLN D 434 -21.98 4.65 -26.54
CA GLN D 434 -23.26 4.73 -25.84
C GLN D 434 -23.41 3.45 -25.01
N GLU D 435 -23.72 3.60 -23.72
CA GLU D 435 -23.71 2.50 -22.74
C GLU D 435 -22.29 1.95 -22.53
N GLY D 436 -22.16 0.88 -21.73
CA GLY D 436 -20.90 0.17 -21.59
C GLY D 436 -20.51 -0.54 -22.88
N ASN D 437 -20.98 -1.79 -23.02
CA ASN D 437 -20.80 -2.60 -24.24
C ASN D 437 -19.32 -2.87 -24.54
N LEU E 119 -30.01 4.14 22.26
CA LEU E 119 -29.28 2.90 21.84
C LEU E 119 -30.03 2.11 20.77
N SER E 120 -31.34 1.99 20.91
CA SER E 120 -32.18 1.26 19.94
C SER E 120 -32.43 2.09 18.70
N SER E 121 -32.25 1.49 17.53
CA SER E 121 -32.48 2.14 16.24
C SER E 121 -32.86 1.10 15.17
N ALA E 122 -34.16 0.86 15.03
CA ALA E 122 -34.68 -0.15 14.09
C ALA E 122 -34.79 0.39 12.67
N ILE E 123 -34.63 -0.51 11.69
CA ILE E 123 -34.78 -0.20 10.27
C ILE E 123 -35.76 -1.19 9.63
N LEU E 124 -37.00 -0.74 9.46
CA LEU E 124 -38.05 -1.51 8.78
C LEU E 124 -38.77 -0.63 7.76
N SER E 125 -39.15 -1.21 6.63
CA SER E 125 -39.76 -0.46 5.52
C SER E 125 -40.94 -1.22 4.90
N GLU E 126 -41.82 -0.47 4.24
CA GLU E 126 -42.96 -1.04 3.51
C GLU E 126 -42.49 -1.75 2.23
N LYS E 127 -43.35 -2.62 1.71
CA LYS E 127 -43.03 -3.44 0.53
C LYS E 127 -44.16 -3.41 -0.50
N PRO E 128 -43.88 -2.90 -1.73
CA PRO E 128 -44.87 -2.99 -2.81
C PRO E 128 -44.96 -4.37 -3.45
N ASN E 129 -45.87 -4.53 -4.42
CA ASN E 129 -46.16 -5.84 -5.03
C ASN E 129 -45.05 -6.31 -5.97
N VAL E 130 -44.48 -7.48 -5.66
CA VAL E 130 -43.48 -8.14 -6.50
C VAL E 130 -43.76 -9.66 -6.47
N LYS E 131 -44.12 -10.21 -7.63
CA LYS E 131 -44.58 -11.60 -7.73
C LYS E 131 -43.43 -12.59 -7.93
N TRP E 132 -43.76 -13.88 -7.99
CA TRP E 132 -42.83 -14.94 -8.40
C TRP E 132 -42.72 -15.07 -9.92
N GLU E 133 -43.84 -14.83 -10.62
CA GLU E 133 -43.92 -15.06 -12.08
C GLU E 133 -43.09 -14.08 -12.90
N ASP E 134 -43.13 -12.80 -12.54
CA ASP E 134 -42.38 -11.76 -13.26
C ASP E 134 -40.85 -11.87 -13.14
N VAL E 135 -40.37 -12.50 -12.06
CA VAL E 135 -38.93 -12.68 -11.85
C VAL E 135 -38.42 -13.81 -12.76
N ALA E 136 -37.88 -13.46 -13.92
CA ALA E 136 -37.30 -14.41 -14.86
C ALA E 136 -35.86 -14.76 -14.47
N GLY E 137 -35.43 -15.96 -14.84
CA GLY E 137 -34.07 -16.45 -14.54
C GLY E 137 -34.05 -17.95 -14.30
N LEU E 138 -33.15 -18.39 -13.40
CA LEU E 138 -33.07 -19.79 -13.01
C LEU E 138 -34.25 -20.15 -12.11
N GLU E 139 -34.96 -21.22 -12.46
CA GLU E 139 -36.12 -21.69 -11.68
C GLU E 139 -35.70 -22.33 -10.35
N GLY E 140 -34.56 -23.03 -10.36
CA GLY E 140 -34.02 -23.68 -9.20
C GLY E 140 -33.60 -22.71 -8.13
N ALA E 141 -33.20 -21.50 -8.53
CA ALA E 141 -32.82 -20.46 -7.56
C ALA E 141 -34.05 -19.95 -6.80
N LYS E 142 -35.08 -19.59 -7.59
CA LYS E 142 -36.37 -19.21 -7.04
C LYS E 142 -36.97 -20.35 -6.22
N GLU E 143 -36.85 -21.57 -6.74
CA GLU E 143 -37.34 -22.76 -6.05
C GLU E 143 -36.60 -22.97 -4.73
N ALA E 144 -35.29 -22.76 -4.73
CA ALA E 144 -34.47 -22.85 -3.55
C ALA E 144 -34.85 -21.82 -2.52
N LEU E 145 -35.23 -20.62 -2.95
CA LEU E 145 -35.71 -19.58 -2.05
C LEU E 145 -37.07 -19.93 -1.47
N LYS E 146 -37.95 -20.53 -2.26
CA LYS E 146 -39.20 -21.04 -1.74
C LYS E 146 -38.96 -22.08 -0.65
N GLU E 147 -37.99 -22.95 -0.91
CA GLU E 147 -37.60 -24.01 0.00
C GLU E 147 -37.14 -23.42 1.34
N ALA E 148 -36.31 -22.38 1.23
CA ALA E 148 -35.71 -21.74 2.38
C ALA E 148 -36.65 -20.81 3.16
N VAL E 149 -37.67 -20.25 2.51
CA VAL E 149 -38.51 -19.19 3.10
C VAL E 149 -39.90 -19.68 3.49
N ILE E 150 -40.69 -20.09 2.49
CA ILE E 150 -42.12 -20.41 2.69
C ILE E 150 -42.34 -21.75 3.39
N LEU E 151 -41.53 -22.76 3.04
CA LEU E 151 -41.70 -24.13 3.55
C LEU E 151 -41.60 -24.30 5.07
N PRO E 152 -40.58 -23.70 5.74
CA PRO E 152 -40.49 -23.84 7.21
C PRO E 152 -41.66 -23.25 8.00
N VAL E 153 -42.25 -22.16 7.49
CA VAL E 153 -43.44 -21.57 8.09
C VAL E 153 -44.68 -22.42 7.80
N LYS E 154 -44.76 -22.97 6.58
CA LYS E 154 -45.88 -23.79 6.15
C LYS E 154 -45.90 -25.15 6.85
N PHE E 155 -44.78 -25.88 6.75
CA PHE E 155 -44.63 -27.22 7.33
C PHE E 155 -43.44 -27.24 8.30
N PRO E 156 -43.63 -26.76 9.54
CA PRO E 156 -42.55 -26.77 10.54
C PRO E 156 -42.22 -28.15 11.11
N HIS E 157 -43.21 -29.05 11.17
CA HIS E 157 -43.01 -30.42 11.69
C HIS E 157 -42.04 -31.28 10.87
N LEU E 158 -41.86 -30.95 9.60
CA LEU E 158 -40.86 -31.60 8.74
C LEU E 158 -39.42 -31.31 9.21
N PHE E 159 -39.19 -30.12 9.76
CA PHE E 159 -37.89 -29.71 10.29
C PHE E 159 -37.86 -29.78 11.82
N LYS E 160 -38.10 -30.99 12.35
CA LYS E 160 -38.01 -31.25 13.80
C LYS E 160 -37.41 -32.64 14.05
N GLY E 161 -36.12 -32.67 14.38
CA GLY E 161 -35.39 -33.92 14.65
C GLY E 161 -34.00 -33.86 14.05
N ASN E 162 -33.83 -34.49 12.87
CA ASN E 162 -32.57 -34.46 12.13
C ASN E 162 -32.45 -33.19 11.30
N ARG E 163 -33.52 -32.87 10.57
CA ARG E 163 -33.53 -31.74 9.64
C ARG E 163 -33.64 -30.39 10.35
N LYS E 164 -33.08 -29.36 9.73
CA LYS E 164 -33.15 -27.98 10.22
C LYS E 164 -33.37 -27.03 9.03
N PRO E 165 -33.86 -25.80 9.30
CA PRO E 165 -34.05 -24.83 8.21
C PRO E 165 -32.73 -24.29 7.64
N THR E 166 -32.79 -23.70 6.45
CA THR E 166 -31.61 -23.19 5.75
C THR E 166 -31.08 -21.94 6.48
N SER E 167 -29.80 -21.95 6.82
CA SER E 167 -29.18 -20.88 7.60
C SER E 167 -28.96 -19.60 6.80
N GLY E 168 -28.50 -19.74 5.55
CA GLY E 168 -28.26 -18.57 4.70
C GLY E 168 -27.97 -18.87 3.24
N ILE E 169 -28.37 -17.93 2.37
CA ILE E 169 -28.15 -18.02 0.93
C ILE E 169 -27.52 -16.70 0.43
N LEU E 170 -26.32 -16.78 -0.11
CA LEU E 170 -25.63 -15.60 -0.67
C LEU E 170 -25.69 -15.63 -2.21
N LEU E 171 -26.39 -14.65 -2.78
CA LEU E 171 -26.50 -14.51 -4.23
C LEU E 171 -25.25 -13.83 -4.77
N TYR E 172 -24.88 -14.14 -6.01
CA TYR E 172 -23.75 -13.48 -6.67
C TYR E 172 -23.81 -13.60 -8.19
N GLY E 173 -23.18 -12.65 -8.88
CA GLY E 173 -23.16 -12.61 -10.34
C GLY E 173 -22.76 -11.27 -10.90
N PRO E 174 -23.00 -11.04 -12.21
CA PRO E 174 -22.78 -9.72 -12.80
C PRO E 174 -23.77 -8.66 -12.29
N PRO E 175 -23.47 -7.36 -12.52
CA PRO E 175 -24.34 -6.30 -11.99
C PRO E 175 -25.64 -6.14 -12.79
N GLY E 176 -26.67 -5.62 -12.10
CA GLY E 176 -27.98 -5.38 -12.71
C GLY E 176 -28.75 -6.61 -13.17
N THR E 177 -28.48 -7.76 -12.56
CA THR E 177 -29.13 -9.03 -12.94
C THR E 177 -30.42 -9.33 -12.17
N GLY E 178 -30.71 -8.54 -11.14
CA GLY E 178 -31.95 -8.66 -10.36
C GLY E 178 -31.86 -9.49 -9.09
N LYS E 179 -30.66 -9.57 -8.50
CA LYS E 179 -30.47 -10.27 -7.22
C LYS E 179 -30.98 -9.41 -6.07
N SER E 180 -30.73 -8.11 -6.09
CA SER E 180 -31.37 -7.22 -5.13
C SER E 180 -32.89 -7.25 -5.29
N TYR E 181 -33.36 -7.24 -6.54
CA TYR E 181 -34.76 -7.38 -6.85
C TYR E 181 -35.34 -8.71 -6.42
N LEU E 182 -34.53 -9.77 -6.45
CA LEU E 182 -34.92 -11.07 -5.95
C LEU E 182 -35.11 -11.03 -4.44
N ALA E 183 -34.16 -10.39 -3.74
CA ALA E 183 -34.31 -10.16 -2.30
C ALA E 183 -35.61 -9.42 -2.01
N LYS E 184 -35.92 -8.42 -2.85
CA LYS E 184 -37.16 -7.67 -2.73
C LYS E 184 -38.37 -8.61 -2.86
N ALA E 185 -38.26 -9.50 -3.85
CA ALA E 185 -39.37 -10.40 -4.16
C ALA E 185 -39.64 -11.36 -3.00
N VAL E 186 -38.56 -11.95 -2.50
CA VAL E 186 -38.61 -12.84 -1.34
C VAL E 186 -39.23 -12.09 -0.15
N ALA E 187 -38.79 -10.84 0.07
CA ALA E 187 -39.32 -10.05 1.15
C ALA E 187 -40.81 -9.83 1.03
N THR E 188 -41.28 -9.57 -0.18
CA THR E 188 -42.71 -9.50 -0.45
C THR E 188 -43.46 -10.82 -0.13
N GLU E 189 -42.93 -11.93 -0.63
CA GLU E 189 -43.58 -13.24 -0.50
C GLU E 189 -43.23 -14.01 0.80
N ALA E 190 -42.42 -13.43 1.67
CA ALA E 190 -42.03 -14.07 2.94
C ALA E 190 -43.16 -14.11 3.96
N ASN E 191 -43.85 -12.97 4.13
CA ASN E 191 -44.84 -12.77 5.19
C ASN E 191 -44.15 -12.87 6.56
N SER E 192 -43.15 -12.01 6.74
CA SER E 192 -42.26 -12.07 7.91
C SER E 192 -41.53 -10.74 8.14
N THR E 193 -40.85 -10.64 9.27
CA THR E 193 -40.06 -9.46 9.63
C THR E 193 -38.77 -9.43 8.79
N PHE E 194 -38.82 -8.68 7.68
CA PHE E 194 -37.70 -8.59 6.74
C PHE E 194 -36.78 -7.42 7.09
N PHE E 195 -35.63 -7.74 7.67
CA PHE E 195 -34.57 -6.76 7.93
C PHE E 195 -33.67 -6.63 6.71
N SER E 196 -33.32 -5.40 6.35
CA SER E 196 -32.41 -5.13 5.24
C SER E 196 -31.53 -3.93 5.56
N VAL E 197 -30.21 -4.14 5.55
CA VAL E 197 -29.26 -3.07 5.87
C VAL E 197 -27.86 -3.38 5.35
N SER E 198 -27.18 -2.37 4.80
CA SER E 198 -25.85 -2.53 4.24
C SER E 198 -24.78 -2.67 5.32
N SER E 199 -23.55 -2.97 4.90
CA SER E 199 -22.43 -3.17 5.83
C SER E 199 -22.01 -1.88 6.53
N SER E 200 -21.89 -0.80 5.76
CA SER E 200 -21.40 0.49 6.27
C SER E 200 -22.48 1.42 6.85
N ASP E 201 -23.75 0.99 6.86
CA ASP E 201 -24.82 1.76 7.50
C ASP E 201 -24.66 1.74 9.01
N LEU E 202 -24.62 0.53 9.58
CA LEU E 202 -24.35 0.33 11.00
C LEU E 202 -22.84 0.37 11.23
N VAL E 203 -22.34 1.52 11.67
CA VAL E 203 -20.89 1.76 11.80
C VAL E 203 -20.60 2.70 12.98
N SER E 204 -19.42 2.55 13.58
CA SER E 204 -19.06 3.25 14.81
C SER E 204 -18.87 4.76 14.65
N LYS E 205 -19.76 5.54 15.27
CA LYS E 205 -19.61 6.99 15.39
C LYS E 205 -18.68 7.34 16.54
N TRP E 206 -18.91 6.68 17.69
CA TRP E 206 -18.16 6.94 18.93
C TRP E 206 -16.69 6.53 18.86
N MET E 207 -16.40 5.44 18.14
CA MET E 207 -15.06 4.81 17.99
C MET E 207 -14.85 3.66 18.97
N GLY E 208 -15.27 3.85 20.23
CA GLY E 208 -15.21 2.79 21.24
C GLY E 208 -16.16 1.65 20.93
N GLU E 209 -17.46 1.95 20.99
CA GLU E 209 -18.51 0.98 20.62
C GLU E 209 -18.58 0.86 19.10
N SER E 210 -18.87 -0.35 18.62
CA SER E 210 -18.87 -0.63 17.17
C SER E 210 -19.70 -1.87 16.82
N GLU E 211 -19.30 -3.02 17.37
CA GLU E 211 -19.96 -4.29 17.09
C GLU E 211 -21.24 -4.53 17.89
N LYS E 212 -21.40 -3.80 18.99
CA LYS E 212 -22.63 -3.82 19.76
C LYS E 212 -23.82 -3.45 18.94
N LEU E 213 -23.66 -2.65 17.89
CA LEU E 213 -24.76 -2.39 16.96
C LEU E 213 -25.16 -3.69 16.28
N VAL E 214 -24.16 -4.46 15.88
CA VAL E 214 -24.44 -5.73 15.20
C VAL E 214 -25.15 -6.71 16.17
N LYS E 215 -24.63 -6.72 17.39
CA LYS E 215 -25.18 -7.62 18.41
C LYS E 215 -26.61 -7.23 18.76
N GLN E 216 -26.95 -5.95 18.78
CA GLN E 216 -28.33 -5.55 18.97
C GLN E 216 -29.16 -5.90 17.75
N LEU E 217 -28.55 -5.92 16.57
CA LEU E 217 -29.31 -6.16 15.34
C LEU E 217 -29.74 -7.64 15.29
N PHE E 218 -28.74 -8.52 15.46
CA PHE E 218 -29.07 -9.94 15.50
C PHE E 218 -29.82 -10.38 16.76
N ALA E 219 -29.68 -9.59 17.82
CA ALA E 219 -30.58 -9.71 18.99
C ALA E 219 -32.03 -9.41 18.57
N MET E 220 -32.22 -8.37 17.75
CA MET E 220 -33.53 -8.09 17.21
C MET E 220 -34.02 -9.19 16.30
N ALA E 221 -33.13 -9.86 15.57
CA ALA E 221 -33.48 -11.00 14.75
C ALA E 221 -33.91 -12.17 15.61
N ARG E 222 -33.21 -12.40 16.71
CA ARG E 222 -33.55 -13.45 17.64
C ARG E 222 -34.90 -13.25 18.32
N GLU E 223 -35.12 -12.04 18.84
CA GLU E 223 -36.31 -11.77 19.65
C GLU E 223 -37.63 -11.81 18.86
N ASN E 224 -37.56 -11.60 17.54
CA ASN E 224 -38.71 -11.78 16.65
C ASN E 224 -38.69 -13.19 16.06
N LYS E 225 -39.85 -13.82 16.03
CA LYS E 225 -40.00 -15.20 15.51
C LYS E 225 -39.85 -15.21 13.98
N PRO E 226 -39.20 -16.25 13.42
CA PRO E 226 -38.48 -16.29 12.15
C PRO E 226 -38.34 -14.99 11.34
N SER E 227 -37.18 -14.35 11.44
CA SER E 227 -36.86 -13.12 10.71
C SER E 227 -35.94 -13.39 9.52
N ILE E 228 -35.87 -12.42 8.60
CA ILE E 228 -35.02 -12.50 7.41
C ILE E 228 -34.11 -11.27 7.37
N ILE E 229 -32.79 -11.52 7.29
CA ILE E 229 -31.78 -10.45 7.24
C ILE E 229 -31.29 -10.31 5.80
N PHE E 230 -30.99 -9.07 5.39
CA PHE E 230 -30.42 -8.80 4.06
C PHE E 230 -29.25 -7.80 4.15
N ILE E 231 -28.06 -8.27 3.76
CA ILE E 231 -26.85 -7.45 3.73
C ILE E 231 -26.43 -7.22 2.27
N ASP E 232 -26.77 -6.05 1.74
CA ASP E 232 -26.48 -5.69 0.35
C ASP E 232 -25.00 -5.32 0.22
N GLN E 233 -24.33 -5.90 -0.77
CA GLN E 233 -22.87 -5.80 -0.96
C GLN E 233 -22.09 -6.27 0.28
N VAL E 234 -21.95 -7.59 0.40
CA VAL E 234 -21.16 -8.19 1.50
C VAL E 234 -19.64 -7.98 1.32
N ASP E 235 -19.21 -7.74 0.08
CA ASP E 235 -17.79 -7.45 -0.23
C ASP E 235 -17.17 -6.19 0.44
N ALA E 236 -18.01 -5.29 0.93
CA ALA E 236 -17.53 -4.10 1.68
C ALA E 236 -16.68 -4.49 2.89
N LEU E 237 -17.17 -5.45 3.68
CA LEU E 237 -16.42 -6.05 4.78
C LEU E 237 -15.97 -7.45 4.31
N THR E 238 -15.88 -8.45 5.21
CA THR E 238 -15.43 -9.82 4.88
C THR E 238 -14.00 -9.92 4.34
N GLY E 239 -13.80 -9.54 3.07
CA GLY E 239 -12.51 -9.71 2.39
C GLY E 239 -11.45 -8.71 2.82
N THR E 240 -10.26 -9.22 3.11
CA THR E 240 -9.10 -8.37 3.44
C THR E 240 -7.79 -9.16 3.31
N ARG E 241 -6.73 -8.48 2.88
CA ARG E 241 -5.43 -9.11 2.60
C ARG E 241 -4.40 -8.69 3.66
N GLY E 242 -4.73 -8.92 4.93
CA GLY E 242 -3.88 -8.56 6.06
C GLY E 242 -3.88 -7.09 6.43
N GLU E 243 -4.89 -6.34 5.98
CA GLU E 243 -5.06 -4.93 6.34
C GLU E 243 -5.93 -4.79 7.58
N GLY E 244 -7.10 -5.43 7.54
CA GLY E 244 -8.07 -5.39 8.63
C GLY E 244 -8.95 -4.15 8.59
N GLU E 245 -9.25 -3.67 7.38
CA GLU E 245 -9.98 -2.42 7.12
C GLU E 245 -9.75 -1.31 8.17
N SER E 246 -8.59 -0.66 8.08
CA SER E 246 -8.12 0.34 9.05
C SER E 246 -8.01 -0.21 10.49
N GLU E 247 -7.59 -1.47 10.61
CA GLU E 247 -7.37 -2.16 11.90
C GLU E 247 -8.62 -2.36 12.78
N ALA E 248 -9.21 -1.27 13.25
CA ALA E 248 -10.36 -1.30 14.18
C ALA E 248 -11.57 -2.09 13.66
N SER E 249 -11.88 -1.95 12.37
CA SER E 249 -13.05 -2.63 11.77
C SER E 249 -12.81 -4.11 11.38
N ARG E 250 -11.62 -4.63 11.64
CA ARG E 250 -11.39 -6.06 11.68
C ARG E 250 -12.17 -6.71 12.78
N ARG E 251 -12.46 -6.02 13.89
CA ARG E 251 -13.26 -6.56 14.96
C ARG E 251 -14.68 -6.81 14.54
N ILE E 252 -15.20 -6.00 13.62
CA ILE E 252 -16.53 -6.28 13.04
C ILE E 252 -16.50 -7.58 12.22
N LYS E 253 -15.48 -7.65 11.36
CA LYS E 253 -15.23 -8.83 10.54
C LYS E 253 -15.22 -10.09 11.40
N THR E 254 -14.59 -9.96 12.58
CA THR E 254 -14.40 -11.07 13.50
C THR E 254 -15.71 -11.37 14.25
N GLU E 255 -16.40 -10.34 14.73
CA GLU E 255 -17.61 -10.51 15.46
C GLU E 255 -18.70 -11.12 14.59
N LEU E 256 -18.71 -10.83 13.28
CA LEU E 256 -19.68 -11.42 12.35
C LEU E 256 -19.67 -12.96 12.34
N LEU E 257 -18.50 -13.55 12.55
CA LEU E 257 -18.33 -15.01 12.57
C LEU E 257 -18.71 -15.65 13.91
N VAL E 258 -18.18 -15.09 15.00
CA VAL E 258 -18.39 -15.65 16.35
C VAL E 258 -19.83 -15.56 16.86
N GLN E 259 -20.61 -14.62 16.32
CA GLN E 259 -22.03 -14.47 16.67
C GLN E 259 -22.93 -15.63 16.20
N MET E 260 -22.40 -16.46 15.29
CA MET E 260 -23.02 -17.74 14.89
C MET E 260 -24.18 -17.50 13.90
N ASN E 261 -23.82 -16.94 12.75
CA ASN E 261 -24.76 -16.64 11.67
C ASN E 261 -24.66 -17.67 10.55
N GLY E 262 -23.46 -17.84 10.01
CA GLY E 262 -23.22 -18.67 8.83
C GLY E 262 -23.09 -20.18 9.02
N VAL E 263 -23.09 -20.65 10.26
CA VAL E 263 -22.91 -22.08 10.56
C VAL E 263 -24.03 -22.95 9.96
N GLY E 264 -23.66 -24.16 9.53
CA GLY E 264 -24.60 -25.12 8.94
C GLY E 264 -24.93 -26.27 9.88
N ASN E 265 -25.27 -25.92 11.12
CA ASN E 265 -25.61 -26.90 12.16
C ASN E 265 -26.29 -26.20 13.33
N ASP E 266 -27.33 -26.87 13.89
CA ASP E 266 -28.12 -26.36 15.03
C ASP E 266 -28.58 -24.89 14.86
N SER E 267 -28.78 -24.15 15.95
CA SER E 267 -29.11 -22.71 15.94
C SER E 267 -30.54 -22.42 15.48
N GLN E 268 -30.96 -21.17 15.67
CA GLN E 268 -32.33 -20.74 15.33
C GLN E 268 -32.48 -20.51 13.82
N GLY E 269 -33.69 -20.73 13.32
CA GLY E 269 -34.00 -20.56 11.91
C GLY E 269 -34.14 -19.10 11.51
N VAL E 270 -33.01 -18.49 11.17
CA VAL E 270 -32.95 -17.09 10.73
C VAL E 270 -32.20 -17.01 9.40
N LEU E 271 -32.94 -16.78 8.32
CA LEU E 271 -32.38 -16.79 6.96
C LEU E 271 -31.67 -15.48 6.65
N VAL E 272 -30.34 -15.51 6.62
CA VAL E 272 -29.53 -14.35 6.21
C VAL E 272 -29.36 -14.38 4.70
N LEU E 273 -29.49 -13.22 4.05
CA LEU E 273 -29.38 -13.08 2.60
C LEU E 273 -28.33 -12.04 2.23
N GLY E 274 -27.82 -12.14 0.99
CA GLY E 274 -26.81 -11.21 0.51
C GLY E 274 -26.66 -11.15 -1.00
N ALA E 275 -25.90 -10.15 -1.45
CA ALA E 275 -25.58 -9.95 -2.87
C ALA E 275 -24.12 -9.51 -3.00
N THR E 276 -23.48 -9.88 -4.11
CA THR E 276 -22.09 -9.50 -4.38
C THR E 276 -21.69 -9.63 -5.85
N ASN E 277 -20.82 -8.72 -6.29
CA ASN E 277 -20.27 -8.73 -7.66
C ASN E 277 -18.83 -9.26 -7.70
N ILE E 278 -18.27 -9.63 -6.54
CA ILE E 278 -16.85 -10.03 -6.45
C ILE E 278 -16.65 -11.13 -5.37
N PRO E 279 -16.97 -12.40 -5.73
CA PRO E 279 -16.76 -13.52 -4.81
C PRO E 279 -15.30 -13.97 -4.65
N TRP E 280 -14.42 -13.54 -5.57
CA TRP E 280 -12.98 -13.81 -5.47
C TRP E 280 -12.31 -12.92 -4.41
N GLN E 281 -12.74 -11.66 -4.33
CA GLN E 281 -12.29 -10.75 -3.27
C GLN E 281 -12.87 -11.12 -1.91
N LEU E 282 -14.05 -11.75 -1.90
CA LEU E 282 -14.70 -12.28 -0.69
C LEU E 282 -13.78 -13.30 0.01
N ASP E 283 -13.78 -13.28 1.34
CA ASP E 283 -12.86 -14.08 2.15
C ASP E 283 -13.19 -15.58 2.06
N SER E 284 -12.13 -16.40 2.00
CA SER E 284 -12.25 -17.84 1.86
C SER E 284 -12.87 -18.47 3.10
N ALA E 285 -12.46 -17.98 4.27
CA ALA E 285 -12.91 -18.47 5.55
C ALA E 285 -14.37 -18.22 5.76
N ILE E 286 -14.88 -17.08 5.27
CA ILE E 286 -16.31 -16.78 5.34
C ILE E 286 -17.09 -17.58 4.31
N ARG E 287 -16.51 -17.77 3.13
CA ARG E 287 -17.12 -18.62 2.10
C ARG E 287 -17.37 -20.03 2.62
N ARG E 288 -16.36 -20.56 3.28
CA ARG E 288 -16.42 -21.87 3.93
C ARG E 288 -17.39 -21.84 5.11
N ARG E 289 -17.31 -20.76 5.88
CA ARG E 289 -18.24 -20.58 7.01
C ARG E 289 -19.68 -20.47 6.49
N PHE E 290 -20.04 -19.35 5.87
CA PHE E 290 -21.41 -19.07 5.44
C PHE E 290 -21.89 -20.10 4.39
N GLU E 291 -23.17 -20.45 4.45
CA GLU E 291 -23.67 -21.71 3.87
C GLU E 291 -23.69 -21.80 2.32
N ARG E 292 -24.78 -21.38 1.68
CA ARG E 292 -25.05 -21.72 0.27
C ARG E 292 -24.94 -20.51 -0.65
N ARG E 293 -24.43 -20.73 -1.86
CA ARG E 293 -24.37 -19.70 -2.91
C ARG E 293 -25.40 -19.98 -4.00
N ILE E 294 -25.72 -18.94 -4.76
CA ILE E 294 -26.47 -19.10 -6.02
C ILE E 294 -25.86 -18.16 -7.07
N TYR E 295 -25.30 -18.76 -8.12
CA TYR E 295 -24.81 -17.99 -9.28
C TYR E 295 -26.00 -17.50 -10.09
N ILE E 296 -26.10 -16.18 -10.25
CA ILE E 296 -27.15 -15.56 -11.05
C ILE E 296 -26.58 -15.25 -12.44
N PRO E 297 -26.94 -16.05 -13.46
CA PRO E 297 -26.37 -15.86 -14.80
C PRO E 297 -27.11 -14.81 -15.61
N LEU E 298 -26.61 -14.52 -16.81
CA LEU E 298 -27.29 -13.64 -17.76
C LEU E 298 -28.37 -14.46 -18.48
N PRO E 299 -29.56 -13.87 -18.71
CA PRO E 299 -30.67 -14.67 -19.23
C PRO E 299 -30.57 -14.99 -20.73
N ASP E 300 -31.33 -16.00 -21.16
CA ASP E 300 -31.33 -16.47 -22.54
C ASP E 300 -32.66 -16.12 -23.24
N LEU E 301 -32.80 -16.52 -24.50
CA LEU E 301 -33.97 -16.28 -25.35
C LEU E 301 -35.30 -16.25 -24.61
N ALA E 302 -35.57 -17.30 -23.84
CA ALA E 302 -36.85 -17.42 -23.14
C ALA E 302 -37.01 -16.38 -22.02
N ALA E 303 -36.04 -16.37 -21.12
CA ALA E 303 -36.03 -15.46 -19.98
C ALA E 303 -36.03 -14.01 -20.47
N ARG E 304 -35.18 -13.75 -21.44
CA ARG E 304 -35.09 -12.41 -22.02
C ARG E 304 -36.41 -11.98 -22.64
N THR E 305 -37.03 -12.92 -23.36
CA THR E 305 -38.33 -12.70 -23.98
C THR E 305 -39.37 -12.30 -22.93
N THR E 306 -39.37 -13.06 -21.82
CA THR E 306 -40.24 -12.75 -20.71
C THR E 306 -40.00 -11.33 -20.19
N MET E 307 -38.72 -10.99 -20.06
CA MET E 307 -38.29 -9.68 -19.63
C MET E 307 -38.86 -8.59 -20.53
N PHE E 308 -38.82 -8.78 -21.85
CA PHE E 308 -39.50 -7.89 -22.76
C PHE E 308 -41.03 -7.81 -22.53
N GLU E 309 -41.70 -8.95 -22.42
CA GLU E 309 -43.19 -8.97 -22.41
C GLU E 309 -43.86 -8.50 -21.10
N ILE E 310 -43.09 -8.38 -20.01
CA ILE E 310 -43.63 -7.90 -18.73
C ILE E 310 -43.86 -6.39 -18.78
N ASN E 311 -42.79 -5.63 -19.03
CA ASN E 311 -42.84 -4.16 -19.04
C ASN E 311 -43.54 -3.65 -20.31
N VAL E 312 -44.86 -3.54 -20.24
CA VAL E 312 -45.70 -3.05 -21.34
C VAL E 312 -46.61 -1.92 -20.86
N GLY E 313 -47.49 -2.23 -19.92
CA GLY E 313 -48.41 -1.25 -19.34
C GLY E 313 -49.68 -1.08 -20.16
N ASP E 314 -50.15 0.17 -20.24
CA ASP E 314 -51.41 0.48 -20.93
C ASP E 314 -51.28 0.44 -22.46
N THR E 315 -50.14 0.87 -22.98
CA THR E 315 -49.91 0.96 -24.43
C THR E 315 -49.82 -0.45 -25.07
N PRO E 316 -50.74 -0.78 -26.00
CA PRO E 316 -50.66 -2.06 -26.71
C PRO E 316 -49.81 -1.90 -27.99
N CYS E 317 -48.53 -2.28 -27.89
CA CYS E 317 -47.57 -2.08 -28.99
C CYS E 317 -47.87 -2.99 -30.19
N VAL E 318 -47.40 -4.23 -30.16
CA VAL E 318 -47.71 -5.24 -31.19
C VAL E 318 -47.75 -6.62 -30.52
N LEU E 319 -48.94 -7.04 -30.10
CA LEU E 319 -49.11 -8.20 -29.22
C LEU E 319 -49.01 -9.54 -29.94
N THR E 320 -47.79 -9.94 -30.27
CA THR E 320 -47.48 -11.27 -30.82
C THR E 320 -46.12 -11.75 -30.32
N LYS E 321 -45.94 -13.07 -30.28
CA LYS E 321 -44.70 -13.69 -29.82
C LYS E 321 -43.55 -13.57 -30.82
N GLU E 322 -43.90 -13.38 -32.09
CA GLU E 322 -42.91 -13.19 -33.14
C GLU E 322 -42.07 -11.94 -32.85
N ASP E 323 -42.73 -10.91 -32.38
CA ASP E 323 -42.06 -9.63 -32.15
C ASP E 323 -41.06 -9.70 -30.98
N TYR E 324 -41.53 -10.25 -29.86
CA TYR E 324 -40.68 -10.39 -28.69
C TYR E 324 -39.54 -11.37 -28.96
N ARG E 325 -39.81 -12.44 -29.70
CA ARG E 325 -38.76 -13.36 -30.04
C ARG E 325 -37.79 -12.80 -31.05
N THR E 326 -38.17 -11.86 -31.87
CA THR E 326 -37.24 -11.11 -32.71
C THR E 326 -36.35 -10.19 -31.88
N LEU E 327 -37.00 -9.52 -30.93
CA LEU E 327 -36.32 -8.61 -30.01
C LEU E 327 -35.22 -9.31 -29.23
N GLY E 328 -35.56 -10.50 -28.71
CA GLY E 328 -34.64 -11.36 -28.02
C GLY E 328 -33.63 -12.08 -28.90
N ALA E 329 -34.01 -12.42 -30.13
CA ALA E 329 -33.12 -13.18 -31.04
C ALA E 329 -32.01 -12.32 -31.67
N MET E 330 -32.37 -11.13 -32.14
CA MET E 330 -31.42 -10.24 -32.85
C MET E 330 -30.20 -9.86 -32.02
N THR E 331 -30.46 -9.18 -30.90
CA THR E 331 -29.39 -8.68 -30.03
C THR E 331 -28.94 -9.75 -29.03
N GLU E 332 -27.85 -9.47 -28.32
CA GLU E 332 -27.28 -10.41 -27.33
C GLU E 332 -26.40 -9.72 -26.30
N GLY E 333 -26.31 -10.32 -25.11
CA GLY E 333 -25.46 -9.80 -24.03
C GLY E 333 -26.16 -8.74 -23.20
N TYR E 334 -27.13 -9.18 -22.40
CA TYR E 334 -27.96 -8.28 -21.58
C TYR E 334 -28.00 -8.71 -20.11
N SER E 335 -28.04 -7.71 -19.24
CA SER E 335 -28.46 -7.89 -17.84
C SER E 335 -29.97 -7.63 -17.77
N GLY E 336 -30.49 -7.29 -16.59
CA GLY E 336 -31.90 -6.91 -16.43
C GLY E 336 -32.18 -5.42 -16.43
N SER E 337 -31.23 -4.61 -15.97
CA SER E 337 -31.39 -3.17 -15.84
C SER E 337 -31.32 -2.51 -17.22
N ASP E 338 -30.40 -2.99 -18.07
CA ASP E 338 -30.28 -2.44 -19.41
C ASP E 338 -31.52 -2.71 -20.23
N ILE E 339 -32.15 -3.87 -20.04
CA ILE E 339 -33.40 -4.15 -20.74
C ILE E 339 -34.48 -3.15 -20.33
N ALA E 340 -34.54 -2.88 -19.04
CA ALA E 340 -35.49 -1.89 -18.50
C ALA E 340 -35.25 -0.53 -19.12
N VAL E 341 -33.97 -0.15 -19.21
CA VAL E 341 -33.58 1.11 -19.81
C VAL E 341 -34.07 1.20 -21.27
N VAL E 342 -33.86 0.12 -21.98
CA VAL E 342 -34.28 0.00 -23.37
C VAL E 342 -35.80 0.20 -23.51
N VAL E 343 -36.53 -0.46 -22.61
CA VAL E 343 -37.97 -0.37 -22.55
C VAL E 343 -38.42 1.09 -22.35
N LYS E 344 -37.74 1.74 -21.40
CA LYS E 344 -38.00 3.13 -21.08
C LYS E 344 -37.80 4.02 -22.30
N ASP E 345 -36.70 3.76 -23.01
CA ASP E 345 -36.36 4.48 -24.23
C ASP E 345 -37.47 4.32 -25.29
N ALA E 346 -37.91 3.07 -25.45
CA ALA E 346 -38.96 2.73 -26.38
C ALA E 346 -40.26 3.45 -26.08
N LEU E 347 -40.54 3.57 -24.77
CA LEU E 347 -41.73 4.27 -24.29
C LEU E 347 -41.63 5.76 -24.60
N MET E 348 -40.46 6.33 -24.33
CA MET E 348 -40.19 7.73 -24.59
C MET E 348 -40.09 8.14 -26.06
N GLN E 349 -39.88 7.16 -26.96
CA GLN E 349 -39.78 7.41 -28.41
C GLN E 349 -40.95 8.19 -29.02
N PRO E 350 -42.20 7.74 -28.83
CA PRO E 350 -43.30 8.48 -29.37
C PRO E 350 -43.46 9.83 -28.71
N ILE E 351 -43.06 9.96 -27.45
CA ILE E 351 -43.16 11.24 -26.77
C ILE E 351 -42.19 12.25 -27.42
N ARG E 352 -40.94 11.84 -27.59
CA ARG E 352 -40.00 12.68 -28.29
C ARG E 352 -40.37 12.93 -29.75
N LYS E 353 -41.18 12.04 -30.34
CA LYS E 353 -41.71 12.31 -31.66
C LYS E 353 -42.81 13.37 -31.55
N ILE E 354 -43.58 13.39 -30.47
CA ILE E 354 -44.57 14.47 -30.23
C ILE E 354 -43.89 15.85 -30.06
N GLN E 355 -42.69 15.87 -29.48
CA GLN E 355 -41.87 17.10 -29.41
C GLN E 355 -41.64 17.71 -30.80
N SER E 356 -41.27 16.87 -31.77
CA SER E 356 -41.11 17.27 -33.17
C SER E 356 -42.37 16.94 -33.95
N ALA E 357 -43.45 17.69 -33.68
CA ALA E 357 -44.75 17.48 -34.34
C ALA E 357 -45.23 18.79 -34.98
N THR E 358 -45.19 18.83 -36.32
CA THR E 358 -45.63 19.99 -37.09
C THR E 358 -47.13 19.95 -37.31
N HIS E 359 -47.60 18.90 -37.98
CA HIS E 359 -49.03 18.72 -38.30
C HIS E 359 -49.75 17.94 -37.19
N PHE E 360 -51.08 17.95 -37.27
CA PHE E 360 -51.94 17.21 -36.32
C PHE E 360 -53.10 16.54 -37.04
N LYS E 361 -53.63 15.48 -36.41
CA LYS E 361 -54.75 14.70 -36.97
C LYS E 361 -55.67 14.19 -35.86
N ASP E 362 -56.96 14.07 -36.19
CA ASP E 362 -57.97 13.50 -35.30
C ASP E 362 -58.27 12.06 -35.74
N VAL E 363 -57.50 11.11 -35.20
CA VAL E 363 -57.67 9.69 -35.52
C VAL E 363 -58.84 9.08 -34.72
N SER E 364 -59.07 9.57 -33.50
CA SER E 364 -60.13 9.08 -32.63
C SER E 364 -61.54 9.32 -33.19
N THR E 365 -62.49 8.50 -32.75
CA THR E 365 -63.87 8.57 -33.21
C THR E 365 -64.65 9.72 -32.56
N GLU E 366 -65.85 9.99 -33.08
CA GLU E 366 -66.72 11.05 -32.57
C GLU E 366 -67.48 10.68 -31.28
N ASP E 367 -67.41 9.41 -30.85
CA ASP E 367 -68.04 8.97 -29.60
C ASP E 367 -67.42 9.58 -28.34
N ASP E 368 -66.15 9.97 -28.40
CA ASP E 368 -65.46 10.61 -27.28
C ASP E 368 -65.96 12.04 -27.02
N GLU E 369 -65.59 12.60 -25.87
CA GLU E 369 -66.02 13.93 -25.46
C GLU E 369 -65.42 15.05 -26.31
N THR E 370 -64.12 14.91 -26.62
CA THR E 370 -63.41 15.87 -27.48
C THR E 370 -62.44 15.14 -28.43
N ARG E 371 -61.94 15.88 -29.41
CA ARG E 371 -61.00 15.34 -30.40
C ARG E 371 -59.65 14.98 -29.77
N LYS E 372 -59.35 13.69 -29.68
CA LYS E 372 -58.09 13.20 -29.15
C LYS E 372 -57.02 13.25 -30.24
N LEU E 373 -56.31 14.37 -30.32
CA LEU E 373 -55.41 14.65 -31.44
C LEU E 373 -54.10 13.86 -31.39
N THR E 374 -53.47 13.74 -32.56
CA THR E 374 -52.17 13.07 -32.70
C THR E 374 -51.39 13.64 -33.91
N PRO E 375 -50.03 13.59 -33.87
CA PRO E 375 -49.24 13.95 -35.06
C PRO E 375 -49.47 13.04 -36.28
N CYS E 376 -49.13 13.55 -37.47
CA CYS E 376 -49.40 12.86 -38.74
C CYS E 376 -48.45 13.30 -39.86
N SER E 377 -48.60 12.66 -41.01
CA SER E 377 -47.88 13.05 -42.23
C SER E 377 -48.44 14.37 -42.80
N PRO E 378 -47.64 15.08 -43.63
CA PRO E 378 -48.11 16.36 -44.19
C PRO E 378 -49.32 16.22 -45.14
N GLY E 379 -49.26 15.25 -46.04
CA GLY E 379 -50.37 14.96 -46.96
C GLY E 379 -51.50 14.23 -46.27
N ASP E 380 -52.38 15.00 -45.61
CA ASP E 380 -53.51 14.44 -44.86
C ASP E 380 -54.73 15.37 -44.95
N ASP E 381 -55.92 14.77 -44.98
CA ASP E 381 -57.18 15.52 -45.06
C ASP E 381 -57.53 16.12 -43.70
N GLY E 382 -57.68 17.44 -43.66
CA GLY E 382 -57.97 18.16 -42.42
C GLY E 382 -56.79 18.25 -41.48
N ALA E 383 -55.60 18.51 -42.04
CA ALA E 383 -54.37 18.65 -41.26
C ALA E 383 -54.27 20.07 -40.71
N ILE E 384 -53.85 20.18 -39.45
CA ILE E 384 -53.71 21.49 -38.77
C ILE E 384 -52.38 21.58 -38.01
N GLU E 385 -51.89 22.80 -37.85
CA GLU E 385 -50.60 23.08 -37.23
C GLU E 385 -50.74 24.08 -36.09
N MET E 386 -50.18 23.74 -34.93
CA MET E 386 -50.16 24.62 -33.76
C MET E 386 -49.08 24.18 -32.76
N SER E 387 -48.94 24.90 -31.65
CA SER E 387 -48.00 24.55 -30.59
C SER E 387 -48.45 23.27 -29.87
N TRP E 388 -47.56 22.28 -29.81
CA TRP E 388 -47.86 20.99 -29.17
C TRP E 388 -48.02 21.08 -27.63
N THR E 389 -47.45 22.10 -27.01
CA THR E 389 -47.58 22.33 -25.56
C THR E 389 -49.02 22.63 -25.13
N ASP E 390 -49.77 23.33 -25.99
CA ASP E 390 -51.18 23.64 -25.72
C ASP E 390 -52.13 22.43 -25.79
N ILE E 391 -51.70 21.36 -26.45
CA ILE E 391 -52.51 20.13 -26.57
C ILE E 391 -52.48 19.40 -25.22
N GLU E 392 -53.61 19.40 -24.52
CA GLU E 392 -53.71 18.84 -23.17
C GLU E 392 -53.74 17.30 -23.16
N ALA E 393 -53.63 16.72 -21.96
CA ALA E 393 -53.56 15.27 -21.76
C ALA E 393 -54.82 14.53 -22.24
N ASP E 394 -55.99 15.08 -21.95
CA ASP E 394 -57.26 14.49 -22.38
C ASP E 394 -57.47 14.47 -23.91
N GLU E 395 -56.84 15.43 -24.61
CA GLU E 395 -56.97 15.55 -26.08
C GLU E 395 -55.71 15.12 -26.87
N LEU E 396 -54.71 14.57 -26.18
CA LEU E 396 -53.47 14.11 -26.80
C LEU E 396 -53.48 12.59 -26.94
N LYS E 397 -53.83 12.09 -28.13
CA LYS E 397 -53.71 10.67 -28.45
C LYS E 397 -52.26 10.36 -28.79
N GLU E 398 -51.59 9.58 -27.95
CA GLU E 398 -50.19 9.20 -28.18
C GLU E 398 -50.08 8.21 -29.35
N PRO E 399 -49.01 8.33 -30.18
CA PRO E 399 -48.82 7.34 -31.26
C PRO E 399 -48.50 5.94 -30.74
N ASP E 400 -48.95 4.92 -31.47
CA ASP E 400 -48.72 3.52 -31.10
C ASP E 400 -47.28 3.13 -31.41
N LEU E 401 -46.71 2.27 -30.57
CA LEU E 401 -45.32 1.82 -30.70
C LEU E 401 -45.17 0.82 -31.86
N THR E 402 -43.95 0.78 -32.42
CA THR E 402 -43.63 -0.06 -33.57
C THR E 402 -42.34 -0.83 -33.34
N ILE E 403 -41.93 -1.63 -34.33
CA ILE E 403 -40.65 -2.35 -34.29
C ILE E 403 -39.51 -1.38 -34.46
N LYS E 404 -39.68 -0.41 -35.37
CA LYS E 404 -38.64 0.59 -35.63
C LYS E 404 -38.25 1.41 -34.39
N ASP E 405 -39.20 1.55 -33.48
CA ASP E 405 -38.93 2.21 -32.20
C ASP E 405 -37.91 1.41 -31.41
N PHE E 406 -38.10 0.09 -31.36
CA PHE E 406 -37.11 -0.77 -30.71
C PHE E 406 -35.79 -0.82 -31.47
N LEU E 407 -35.87 -0.66 -32.78
CA LEU E 407 -34.70 -0.71 -33.65
C LEU E 407 -33.76 0.48 -33.36
N LYS E 408 -34.32 1.67 -33.38
CA LYS E 408 -33.65 2.88 -32.98
C LYS E 408 -33.20 2.81 -31.54
N ALA E 409 -34.01 2.18 -30.70
CA ALA E 409 -33.64 1.99 -29.29
C ALA E 409 -32.32 1.24 -29.16
N ILE E 410 -32.20 0.18 -29.99
CA ILE E 410 -31.02 -0.65 -30.03
C ILE E 410 -29.82 0.13 -30.61
N LYS E 411 -30.06 0.83 -31.71
CA LYS E 411 -29.04 1.60 -32.36
C LYS E 411 -28.50 2.75 -31.50
N SER E 412 -29.28 3.21 -30.52
CA SER E 412 -28.78 4.14 -29.50
C SER E 412 -28.25 3.37 -28.29
N THR E 413 -29.16 2.66 -27.59
CA THR E 413 -28.83 1.93 -26.37
C THR E 413 -28.22 0.56 -26.69
N ARG E 414 -26.92 0.41 -26.46
CA ARG E 414 -26.21 -0.85 -26.74
C ARG E 414 -26.48 -1.91 -25.67
N PRO E 415 -26.18 -3.20 -25.96
CA PRO E 415 -26.17 -4.23 -24.92
C PRO E 415 -24.99 -4.05 -23.95
N THR E 416 -25.23 -4.18 -22.66
CA THR E 416 -24.25 -3.83 -21.62
C THR E 416 -23.72 -5.06 -20.86
N VAL E 417 -22.78 -5.77 -21.50
CA VAL E 417 -22.03 -6.87 -20.88
C VAL E 417 -20.57 -6.77 -21.33
N ASN E 418 -19.64 -7.00 -20.40
CA ASN E 418 -18.19 -6.98 -20.70
C ASN E 418 -17.54 -8.31 -20.31
N GLU E 419 -16.67 -8.82 -21.19
CA GLU E 419 -16.05 -10.14 -21.01
C GLU E 419 -14.94 -10.16 -19.94
N ASP E 420 -14.37 -9.00 -19.63
CA ASP E 420 -13.33 -8.88 -18.58
C ASP E 420 -13.86 -9.22 -17.18
N ASP E 421 -15.12 -8.86 -16.91
CA ASP E 421 -15.80 -9.25 -15.67
C ASP E 421 -16.06 -10.76 -15.65
N LEU E 422 -16.42 -11.33 -16.79
CA LEU E 422 -16.67 -12.77 -16.92
C LEU E 422 -15.44 -13.67 -16.69
N LEU E 423 -14.23 -13.13 -16.83
CA LEU E 423 -13.00 -13.92 -16.55
C LEU E 423 -12.94 -14.41 -15.11
N LYS E 424 -12.92 -13.47 -14.17
CA LYS E 424 -12.84 -13.79 -12.76
C LYS E 424 -14.12 -14.39 -12.23
N GLN E 425 -15.26 -14.08 -12.86
CA GLN E 425 -16.51 -14.72 -12.47
C GLN E 425 -16.51 -16.22 -12.83
N GLU E 426 -16.22 -16.51 -14.11
CA GLU E 426 -16.21 -17.86 -14.59
C GLU E 426 -15.07 -18.67 -14.03
N GLN E 427 -13.97 -18.05 -13.61
CA GLN E 427 -12.92 -18.77 -12.91
C GLN E 427 -13.46 -19.27 -11.57
N PHE E 428 -14.36 -18.52 -10.95
CA PHE E 428 -15.07 -18.94 -9.72
C PHE E 428 -16.25 -19.89 -9.97
N THR E 429 -16.73 -19.98 -11.22
CA THR E 429 -17.97 -20.70 -11.55
C THR E 429 -17.79 -21.90 -12.52
N ARG E 430 -17.24 -21.65 -13.71
CA ARG E 430 -17.29 -22.60 -14.84
C ARG E 430 -16.79 -24.03 -14.55
N ASP E 431 -15.68 -24.12 -13.81
CA ASP E 431 -15.10 -25.42 -13.45
C ASP E 431 -15.93 -26.17 -12.40
N PHE E 432 -16.65 -25.41 -11.57
CA PHE E 432 -17.42 -25.96 -10.46
C PHE E 432 -18.86 -26.25 -10.88
N GLY E 433 -19.52 -25.24 -11.46
CA GLY E 433 -20.87 -25.36 -12.00
C GLY E 433 -21.86 -24.42 -11.33
N GLN E 434 -22.47 -24.89 -10.25
CA GLN E 434 -23.50 -24.14 -9.52
C GLN E 434 -23.35 -24.33 -8.00
N GLU E 435 -24.15 -23.56 -7.25
CA GLU E 435 -24.24 -23.61 -5.78
C GLU E 435 -23.05 -23.02 -5.00
N GLY E 436 -22.02 -22.52 -5.69
CA GLY E 436 -20.83 -21.94 -5.04
C GLY E 436 -19.52 -22.36 -5.68
N ASN E 437 -18.45 -22.30 -4.89
CA ASN E 437 -17.10 -22.66 -5.35
C ASN E 437 -16.91 -24.17 -5.31
N LEU F 119 -22.72 -3.32 37.10
CA LEU F 119 -21.60 -4.29 36.83
C LEU F 119 -22.15 -5.68 36.52
N SER F 120 -22.71 -5.82 35.32
CA SER F 120 -23.28 -7.07 34.84
C SER F 120 -22.30 -7.78 33.90
N SER F 121 -21.76 -8.91 34.35
CA SER F 121 -20.83 -9.73 33.56
C SER F 121 -21.36 -11.16 33.44
N ALA F 122 -22.61 -11.28 32.99
CA ALA F 122 -23.29 -12.57 32.83
C ALA F 122 -23.25 -13.02 31.37
N ILE F 123 -22.22 -13.79 31.02
CA ILE F 123 -22.05 -14.34 29.67
C ILE F 123 -22.91 -15.61 29.57
N LEU F 124 -23.43 -15.88 28.38
CA LEU F 124 -24.39 -16.97 28.15
C LEU F 124 -23.80 -18.37 28.45
N SER F 125 -24.22 -18.94 29.57
CA SER F 125 -23.92 -20.33 29.90
C SER F 125 -24.91 -21.24 29.21
N GLU F 126 -24.40 -22.27 28.52
CA GLU F 126 -25.24 -23.21 27.75
C GLU F 126 -24.74 -24.65 27.90
N LYS F 127 -25.64 -25.59 27.61
CA LYS F 127 -25.36 -27.02 27.69
C LYS F 127 -25.86 -27.74 26.43
N PRO F 128 -25.01 -27.83 25.39
CA PRO F 128 -25.33 -28.64 24.20
C PRO F 128 -25.39 -30.14 24.49
N ASN F 129 -25.91 -30.91 23.52
CA ASN F 129 -26.07 -32.36 23.64
C ASN F 129 -24.96 -33.16 22.94
N VAL F 130 -23.85 -32.51 22.62
CA VAL F 130 -22.73 -33.16 21.92
C VAL F 130 -21.85 -33.90 22.92
N LYS F 131 -21.35 -35.07 22.53
CA LYS F 131 -20.48 -35.91 23.35
C LYS F 131 -19.29 -36.42 22.53
N TRP F 132 -18.43 -37.22 23.14
CA TRP F 132 -17.27 -37.81 22.44
C TRP F 132 -17.66 -38.85 21.37
N GLU F 133 -18.83 -39.48 21.53
CA GLU F 133 -19.29 -40.54 20.60
C GLU F 133 -19.66 -39.99 19.23
N ASP F 134 -20.44 -38.90 19.21
CA ASP F 134 -20.89 -38.28 17.94
C ASP F 134 -19.91 -37.26 17.32
N VAL F 135 -18.71 -37.13 17.89
CA VAL F 135 -17.63 -36.34 17.29
C VAL F 135 -16.65 -37.30 16.61
N ALA F 136 -16.75 -37.40 15.28
CA ALA F 136 -15.90 -38.31 14.49
C ALA F 136 -14.56 -37.66 14.15
N GLY F 137 -13.52 -38.48 14.06
CA GLY F 137 -12.18 -38.01 13.71
C GLY F 137 -11.46 -37.30 14.83
N LEU F 138 -10.23 -36.88 14.56
CA LEU F 138 -9.39 -36.13 15.51
C LEU F 138 -9.14 -36.90 16.82
N GLU F 139 -8.63 -38.13 16.67
CA GLU F 139 -8.34 -39.00 17.79
C GLU F 139 -7.22 -38.45 18.65
N GLY F 140 -6.23 -37.82 18.05
CA GLY F 140 -5.14 -37.19 18.76
C GLY F 140 -5.61 -35.97 19.51
N ALA F 141 -6.55 -35.23 18.94
CA ALA F 141 -7.10 -34.03 19.57
C ALA F 141 -8.02 -34.40 20.71
N LYS F 142 -8.91 -35.37 20.47
CA LYS F 142 -9.71 -35.97 21.54
C LYS F 142 -8.85 -36.47 22.68
N GLU F 143 -7.75 -37.14 22.31
CA GLU F 143 -6.74 -37.56 23.29
C GLU F 143 -6.21 -36.35 24.07
N ALA F 144 -5.62 -35.38 23.37
CA ALA F 144 -4.92 -34.29 24.03
C ALA F 144 -5.84 -33.42 24.84
N LEU F 145 -7.13 -33.39 24.56
CA LEU F 145 -8.07 -32.69 25.42
C LEU F 145 -8.49 -33.54 26.58
N LYS F 146 -8.62 -34.87 26.42
CA LYS F 146 -8.85 -35.72 27.58
C LYS F 146 -7.81 -35.58 28.69
N GLU F 147 -6.53 -35.60 28.35
CA GLU F 147 -5.45 -35.40 29.35
C GLU F 147 -5.19 -33.94 29.74
N ALA F 148 -5.81 -32.98 29.04
CA ALA F 148 -5.71 -31.56 29.38
C ALA F 148 -6.78 -31.07 30.37
N VAL F 149 -7.92 -31.77 30.45
CA VAL F 149 -9.05 -31.32 31.27
C VAL F 149 -9.64 -32.43 32.14
N ILE F 150 -10.32 -33.39 31.52
CA ILE F 150 -11.15 -34.33 32.26
C ILE F 150 -10.28 -35.29 33.08
N LEU F 151 -9.20 -35.76 32.47
CA LEU F 151 -8.27 -36.61 33.20
C LEU F 151 -7.64 -35.83 34.34
N PRO F 152 -7.30 -34.54 34.13
CA PRO F 152 -6.82 -33.77 35.27
C PRO F 152 -7.86 -33.49 36.36
N VAL F 153 -9.13 -33.59 36.01
CA VAL F 153 -10.22 -33.50 36.95
C VAL F 153 -10.20 -34.75 37.85
N LYS F 154 -9.90 -35.90 37.28
CA LYS F 154 -9.69 -37.15 38.05
C LYS F 154 -8.34 -37.23 38.80
N PHE F 155 -7.44 -36.27 38.58
CA PHE F 155 -6.19 -36.13 39.35
C PHE F 155 -6.22 -34.93 40.31
N PRO F 156 -6.71 -35.14 41.56
CA PRO F 156 -6.39 -34.26 42.68
C PRO F 156 -5.33 -34.88 43.61
N HIS F 157 -4.19 -35.28 43.03
CA HIS F 157 -3.08 -35.89 43.78
C HIS F 157 -1.74 -35.90 43.01
N LEU F 158 -1.77 -36.37 41.76
CA LEU F 158 -0.60 -36.35 40.88
C LEU F 158 -0.83 -35.39 39.73
N PHE F 159 -1.09 -34.12 40.08
CA PHE F 159 -1.30 -33.05 39.11
C PHE F 159 0.04 -32.40 38.78
N LYS F 160 0.71 -31.88 39.82
CA LYS F 160 2.01 -31.23 39.69
C LYS F 160 3.11 -32.12 40.28
N GLY F 161 4.26 -32.12 39.63
CA GLY F 161 5.40 -32.96 40.02
C GLY F 161 6.00 -33.64 38.81
N ASN F 162 5.37 -34.73 38.38
CA ASN F 162 5.77 -35.47 37.18
C ASN F 162 5.26 -34.75 35.93
N ARG F 163 3.94 -34.56 35.87
CA ARG F 163 3.27 -33.99 34.71
C ARG F 163 3.33 -32.47 34.75
N LYS F 164 3.73 -31.87 33.62
CA LYS F 164 3.70 -30.42 33.44
C LYS F 164 2.32 -30.05 32.88
N PRO F 165 1.47 -29.35 33.67
CA PRO F 165 0.14 -29.00 33.15
C PRO F 165 0.19 -27.94 32.04
N THR F 166 -0.76 -28.00 31.13
CA THR F 166 -0.79 -27.13 29.96
C THR F 166 -1.26 -25.72 30.33
N SER F 167 -0.46 -24.72 29.96
CA SER F 167 -0.81 -23.31 30.17
C SER F 167 -1.88 -22.87 29.19
N GLY F 168 -1.70 -23.23 27.92
CA GLY F 168 -2.69 -22.94 26.88
C GLY F 168 -2.62 -23.91 25.71
N ILE F 169 -3.79 -24.16 25.10
CA ILE F 169 -3.93 -25.06 23.96
C ILE F 169 -4.38 -24.26 22.74
N LEU F 170 -3.63 -24.37 21.63
CA LEU F 170 -3.94 -23.67 20.39
C LEU F 170 -4.57 -24.63 19.38
N LEU F 171 -5.78 -24.31 18.93
CA LEU F 171 -6.46 -25.04 17.86
C LEU F 171 -6.38 -24.19 16.59
N TYR F 172 -5.82 -24.76 15.52
CA TYR F 172 -5.62 -24.05 14.25
C TYR F 172 -5.76 -25.00 13.06
N GLY F 173 -5.88 -24.41 11.88
CA GLY F 173 -6.05 -25.17 10.63
C GLY F 173 -6.95 -24.44 9.63
N PRO F 174 -7.49 -25.17 8.64
CA PRO F 174 -8.48 -24.59 7.73
C PRO F 174 -9.82 -24.26 8.41
N PRO F 175 -10.70 -23.51 7.73
CA PRO F 175 -12.01 -23.18 8.31
C PRO F 175 -12.99 -24.33 8.19
N GLY F 176 -14.00 -24.35 9.08
CA GLY F 176 -15.02 -25.39 9.09
C GLY F 176 -14.55 -26.78 9.51
N THR F 177 -13.40 -26.86 10.20
CA THR F 177 -12.83 -28.13 10.64
C THR F 177 -13.48 -28.64 11.93
N GLY F 178 -14.05 -27.74 12.73
CA GLY F 178 -14.76 -28.08 13.95
C GLY F 178 -13.95 -27.80 15.20
N LYS F 179 -13.52 -26.56 15.36
CA LYS F 179 -12.76 -26.14 16.56
C LYS F 179 -13.73 -25.64 17.65
N SER F 180 -14.62 -24.75 17.24
CA SER F 180 -15.70 -24.29 18.11
C SER F 180 -16.57 -25.46 18.57
N TYR F 181 -16.87 -26.35 17.64
CA TYR F 181 -17.65 -27.55 17.90
C TYR F 181 -16.97 -28.41 18.99
N LEU F 182 -15.67 -28.58 18.82
CA LEU F 182 -14.85 -29.34 19.75
C LEU F 182 -14.89 -28.72 21.16
N ALA F 183 -14.77 -27.40 21.18
CA ALA F 183 -14.76 -26.64 22.42
C ALA F 183 -16.08 -26.79 23.17
N LYS F 184 -17.15 -26.66 22.42
CA LYS F 184 -18.50 -26.80 22.98
C LYS F 184 -18.69 -28.21 23.53
N ALA F 185 -18.21 -29.21 22.79
CA ALA F 185 -18.27 -30.59 23.24
C ALA F 185 -17.55 -30.79 24.58
N VAL F 186 -16.36 -30.19 24.66
CA VAL F 186 -15.54 -30.22 25.86
C VAL F 186 -16.30 -29.62 27.05
N ALA F 187 -16.91 -28.47 26.78
CA ALA F 187 -17.70 -27.74 27.77
C ALA F 187 -18.85 -28.57 28.25
N THR F 188 -19.52 -29.31 27.36
CA THR F 188 -20.52 -30.30 27.81
C THR F 188 -19.90 -31.37 28.73
N GLU F 189 -18.80 -31.95 28.27
CA GLU F 189 -18.21 -33.12 28.90
C GLU F 189 -17.66 -32.91 30.31
N ALA F 190 -16.74 -31.95 30.43
CA ALA F 190 -15.90 -31.76 31.63
C ALA F 190 -16.64 -31.49 32.95
N ASN F 191 -17.84 -30.91 32.88
CA ASN F 191 -18.62 -30.48 34.05
C ASN F 191 -17.85 -29.39 34.79
N SER F 192 -17.59 -28.30 34.06
CA SER F 192 -16.73 -27.21 34.50
C SER F 192 -17.45 -25.86 34.34
N THR F 193 -17.03 -24.87 35.13
CA THR F 193 -17.53 -23.50 35.01
C THR F 193 -16.95 -22.88 33.74
N PHE F 194 -17.81 -22.73 32.71
CA PHE F 194 -17.37 -22.34 31.38
C PHE F 194 -18.02 -21.02 30.94
N PHE F 195 -17.19 -20.12 30.42
CA PHE F 195 -17.65 -18.88 29.80
C PHE F 195 -16.80 -18.59 28.55
N SER F 196 -17.33 -18.91 27.38
CA SER F 196 -16.67 -18.62 26.11
C SER F 196 -16.65 -17.13 25.87
N VAL F 197 -15.45 -16.56 25.66
CA VAL F 197 -15.31 -15.10 25.58
C VAL F 197 -15.90 -14.53 24.28
N SER F 198 -16.43 -13.31 24.37
CA SER F 198 -16.82 -12.55 23.18
C SER F 198 -15.54 -12.02 22.55
N SER F 199 -15.29 -12.40 21.30
CA SER F 199 -14.01 -12.14 20.63
C SER F 199 -13.67 -10.65 20.54
N SER F 200 -14.63 -9.86 20.07
CA SER F 200 -14.44 -8.42 19.87
C SER F 200 -14.75 -7.62 21.13
N ASP F 201 -15.85 -7.94 21.81
CA ASP F 201 -16.28 -7.19 23.01
C ASP F 201 -15.45 -7.52 24.25
N LEU F 202 -14.27 -6.91 24.30
CA LEU F 202 -13.51 -6.75 25.54
C LEU F 202 -12.77 -5.41 25.41
N VAL F 203 -13.57 -4.39 25.06
CA VAL F 203 -13.06 -3.12 24.51
C VAL F 203 -13.65 -1.93 25.26
N SER F 204 -12.92 -0.82 25.27
CA SER F 204 -13.33 0.39 25.95
C SER F 204 -14.52 1.09 25.27
N LYS F 205 -15.66 1.13 25.96
CA LYS F 205 -16.85 1.83 25.47
C LYS F 205 -16.69 3.35 25.63
N TRP F 206 -16.25 3.77 26.81
CA TRP F 206 -16.03 5.19 27.11
C TRP F 206 -14.59 5.69 26.85
N MET F 207 -13.73 4.83 26.32
CA MET F 207 -12.30 5.13 26.07
C MET F 207 -11.58 5.49 27.37
N GLY F 208 -11.70 4.62 28.37
CA GLY F 208 -11.08 4.80 29.69
C GLY F 208 -10.90 3.47 30.40
N GLU F 209 -12.03 2.87 30.80
CA GLU F 209 -12.03 1.52 31.37
C GLU F 209 -11.92 0.50 30.24
N SER F 210 -11.19 -0.58 30.49
CA SER F 210 -10.93 -1.61 29.47
C SER F 210 -10.45 -2.92 30.08
N GLU F 211 -9.35 -2.86 30.83
CA GLU F 211 -8.78 -4.03 31.50
C GLU F 211 -9.54 -4.45 32.77
N LYS F 212 -10.41 -3.58 33.28
CA LYS F 212 -11.33 -3.98 34.33
C LYS F 212 -12.14 -5.18 33.92
N LEU F 213 -12.56 -5.23 32.65
CA LEU F 213 -13.30 -6.35 32.10
C LEU F 213 -12.45 -7.59 32.03
N VAL F 214 -11.17 -7.44 31.74
CA VAL F 214 -10.25 -8.58 31.77
C VAL F 214 -10.14 -9.15 33.19
N LYS F 215 -10.02 -8.24 34.16
CA LYS F 215 -9.94 -8.62 35.56
C LYS F 215 -11.21 -9.29 36.05
N GLN F 216 -12.35 -8.83 35.53
CA GLN F 216 -13.64 -9.47 35.83
C GLN F 216 -13.68 -10.90 35.27
N LEU F 217 -13.22 -11.05 34.04
CA LEU F 217 -13.13 -12.35 33.40
C LEU F 217 -12.24 -13.35 34.15
N PHE F 218 -10.96 -13.01 34.23
CA PHE F 218 -9.94 -13.90 34.74
C PHE F 218 -10.13 -14.11 36.24
N ALA F 219 -10.55 -13.07 36.96
CA ALA F 219 -10.64 -13.20 38.41
C ALA F 219 -11.82 -14.09 38.80
N MET F 220 -12.98 -13.86 38.20
CA MET F 220 -14.12 -14.72 38.40
C MET F 220 -13.92 -16.14 37.86
N ALA F 221 -13.08 -16.30 36.84
CA ALA F 221 -12.66 -17.59 36.36
C ALA F 221 -11.75 -18.31 37.34
N ARG F 222 -11.00 -17.59 38.15
CA ARG F 222 -10.17 -18.18 39.17
C ARG F 222 -10.99 -18.48 40.41
N GLU F 223 -12.03 -17.69 40.67
CA GLU F 223 -12.79 -17.83 41.92
C GLU F 223 -13.58 -19.14 42.03
N ASN F 224 -13.91 -19.74 40.88
CA ASN F 224 -14.39 -21.12 40.83
C ASN F 224 -13.37 -21.90 39.99
N LYS F 225 -12.70 -22.87 40.62
CA LYS F 225 -11.52 -23.51 40.01
C LYS F 225 -11.76 -24.81 39.19
N PRO F 226 -13.02 -25.22 38.96
CA PRO F 226 -13.25 -26.08 37.80
C PRO F 226 -13.61 -25.20 36.61
N SER F 227 -12.58 -24.56 36.04
CA SER F 227 -12.74 -23.48 35.07
C SER F 227 -12.15 -23.80 33.70
N ILE F 228 -12.82 -23.32 32.65
CA ILE F 228 -12.31 -23.37 31.28
C ILE F 228 -12.60 -22.01 30.62
N ILE F 229 -11.63 -21.49 29.87
CA ILE F 229 -11.77 -20.22 29.13
C ILE F 229 -11.47 -20.48 27.65
N PHE F 230 -12.48 -20.26 26.79
CA PHE F 230 -12.37 -20.46 25.35
C PHE F 230 -12.37 -19.12 24.62
N ILE F 231 -11.40 -18.97 23.70
CA ILE F 231 -11.24 -17.77 22.90
C ILE F 231 -11.24 -18.16 21.41
N ASP F 232 -12.38 -17.96 20.75
CA ASP F 232 -12.50 -18.15 19.30
C ASP F 232 -11.96 -16.90 18.61
N GLN F 233 -11.13 -17.11 17.59
CA GLN F 233 -10.37 -16.03 16.94
C GLN F 233 -9.52 -15.22 17.93
N VAL F 234 -8.41 -15.81 18.36
CA VAL F 234 -7.41 -15.10 19.18
C VAL F 234 -6.65 -14.02 18.40
N ASP F 235 -6.66 -14.11 17.07
CA ASP F 235 -6.05 -13.10 16.19
C ASP F 235 -6.81 -11.77 16.07
N ALA F 236 -7.86 -11.57 16.87
CA ALA F 236 -8.53 -10.26 16.98
C ALA F 236 -7.57 -9.13 17.37
N LEU F 237 -6.61 -9.44 18.24
CA LEU F 237 -5.53 -8.51 18.58
C LEU F 237 -4.49 -8.55 17.45
N THR F 238 -4.81 -7.86 16.36
CA THR F 238 -4.12 -8.02 15.08
C THR F 238 -2.91 -7.09 14.91
N GLY F 239 -1.71 -7.65 15.13
CA GLY F 239 -0.46 -6.96 14.84
C GLY F 239 -0.25 -5.66 15.60
N THR F 240 0.10 -4.61 14.86
CA THR F 240 0.23 -3.26 15.44
C THR F 240 0.13 -2.16 14.36
N ARG F 241 1.12 -2.06 13.48
CA ARG F 241 1.17 -1.07 12.39
C ARG F 241 1.02 0.41 12.80
N GLY F 242 1.19 0.73 14.09
CA GLY F 242 0.85 2.04 14.62
C GLY F 242 -0.66 2.25 14.64
N GLU F 243 -1.11 3.38 14.08
CA GLU F 243 -2.54 3.69 13.91
C GLU F 243 -3.29 3.73 15.27
N GLY F 244 -4.43 3.05 15.40
CA GLY F 244 -5.24 3.07 16.62
C GLY F 244 -4.97 1.96 17.63
N GLU F 245 -3.93 1.15 17.40
CA GLU F 245 -3.55 0.07 18.33
C GLU F 245 -2.93 0.61 19.63
N SER F 246 -2.29 1.78 19.54
CA SER F 246 -1.57 2.38 20.69
C SER F 246 -2.45 2.89 21.85
N GLU F 247 -3.77 2.98 21.65
CA GLU F 247 -4.71 3.45 22.68
C GLU F 247 -4.96 2.36 23.75
N ALA F 248 -6.19 1.82 23.85
CA ALA F 248 -6.53 0.80 24.85
C ALA F 248 -6.20 -0.62 24.41
N SER F 249 -6.09 -0.83 23.09
CA SER F 249 -5.76 -2.12 22.54
C SER F 249 -4.37 -2.56 22.90
N ARG F 250 -3.46 -1.61 23.08
CA ARG F 250 -2.08 -1.94 23.47
C ARG F 250 -2.06 -2.56 24.86
N ARG F 251 -2.80 -1.94 25.78
CA ARG F 251 -2.90 -2.45 27.14
C ARG F 251 -3.85 -3.67 27.33
N ILE F 252 -4.74 -3.88 26.35
CA ILE F 252 -5.42 -5.16 26.24
C ILE F 252 -4.38 -6.24 25.88
N LYS F 253 -3.56 -5.95 24.90
CA LYS F 253 -2.56 -6.92 24.46
C LYS F 253 -1.60 -7.28 25.58
N THR F 254 -1.18 -6.25 26.30
CA THR F 254 -0.29 -6.44 27.45
C THR F 254 -1.00 -7.20 28.59
N GLU F 255 -2.27 -6.85 28.79
CA GLU F 255 -3.11 -7.40 29.82
C GLU F 255 -3.34 -8.88 29.66
N LEU F 256 -3.53 -9.32 28.41
CA LEU F 256 -3.60 -10.75 28.09
C LEU F 256 -2.34 -11.46 28.61
N LEU F 257 -1.18 -10.83 28.37
CA LEU F 257 0.08 -11.41 28.69
C LEU F 257 0.29 -11.46 30.20
N VAL F 258 -0.17 -10.43 30.92
CA VAL F 258 -0.04 -10.45 32.37
C VAL F 258 -0.98 -11.48 32.98
N GLN F 259 -2.16 -11.64 32.40
CA GLN F 259 -3.10 -12.62 32.92
C GLN F 259 -2.61 -14.04 32.65
N MET F 260 -2.03 -14.31 31.50
CA MET F 260 -1.43 -15.60 31.26
C MET F 260 -0.12 -15.82 31.99
N ASN F 261 0.51 -14.76 32.52
CA ASN F 261 1.56 -14.93 33.51
C ASN F 261 0.93 -15.26 34.84
N GLY F 262 -0.25 -14.70 35.12
CA GLY F 262 -1.05 -15.04 36.31
C GLY F 262 -1.44 -16.50 36.42
N VAL F 263 -1.93 -17.07 35.33
CA VAL F 263 -2.29 -18.51 35.28
C VAL F 263 -1.04 -19.41 35.29
N GLY F 264 0.08 -18.91 34.77
CA GLY F 264 1.37 -19.61 34.83
C GLY F 264 1.81 -19.88 36.26
N ASN F 265 1.66 -18.89 37.13
CA ASN F 265 1.86 -19.06 38.57
C ASN F 265 0.63 -19.73 39.19
N ASP F 266 0.80 -20.26 40.40
CA ASP F 266 -0.26 -20.98 41.14
C ASP F 266 -0.69 -22.29 40.44
N SER F 267 -1.65 -22.99 41.04
CA SER F 267 -2.21 -24.22 40.46
C SER F 267 -3.04 -23.90 39.21
N GLN F 268 -2.76 -24.61 38.12
CA GLN F 268 -3.40 -24.34 36.82
C GLN F 268 -4.79 -24.97 36.71
N GLY F 269 -5.77 -24.31 37.32
CA GLY F 269 -7.18 -24.67 37.15
C GLY F 269 -7.75 -24.11 35.86
N VAL F 270 -7.42 -22.84 35.58
CA VAL F 270 -7.81 -22.16 34.34
C VAL F 270 -6.97 -22.69 33.18
N LEU F 271 -7.61 -22.82 32.01
CA LEU F 271 -6.96 -23.30 30.78
C LEU F 271 -7.35 -22.39 29.61
N VAL F 272 -6.35 -21.85 28.92
CA VAL F 272 -6.56 -20.96 27.77
C VAL F 272 -6.70 -21.79 26.50
N LEU F 273 -7.94 -22.08 26.12
CA LEU F 273 -8.23 -22.81 24.88
C LEU F 273 -8.23 -21.86 23.69
N GLY F 274 -7.06 -21.72 23.06
CA GLY F 274 -6.90 -20.85 21.89
C GLY F 274 -7.50 -21.46 20.63
N ALA F 275 -8.37 -20.70 19.97
CA ALA F 275 -8.97 -21.11 18.69
C ALA F 275 -8.90 -19.95 17.70
N THR F 276 -8.32 -20.19 16.53
CA THR F 276 -8.18 -19.16 15.49
C THR F 276 -8.21 -19.76 14.08
N ASN F 277 -8.70 -18.96 13.14
CA ASN F 277 -8.83 -19.37 11.74
C ASN F 277 -7.51 -19.12 11.00
N ILE F 278 -6.98 -17.90 11.13
CA ILE F 278 -5.71 -17.50 10.54
C ILE F 278 -4.65 -17.47 11.65
N PRO F 279 -3.70 -18.43 11.66
CA PRO F 279 -2.73 -18.53 12.75
C PRO F 279 -1.54 -17.55 12.67
N TRP F 280 -1.00 -17.34 11.48
CA TRP F 280 0.20 -16.51 11.30
C TRP F 280 0.01 -15.02 11.63
N GLN F 281 -1.21 -14.51 11.44
CA GLN F 281 -1.54 -13.12 11.77
C GLN F 281 -1.59 -12.82 13.28
N LEU F 282 -1.67 -13.87 14.11
CA LEU F 282 -1.56 -13.73 15.57
C LEU F 282 -0.17 -13.21 15.94
N ASP F 283 -0.10 -12.43 17.02
CA ASP F 283 1.14 -11.78 17.43
C ASP F 283 2.16 -12.80 17.96
N SER F 284 3.44 -12.48 17.79
CA SER F 284 4.54 -13.36 18.16
C SER F 284 4.64 -13.58 19.68
N ALA F 285 4.53 -12.47 20.42
CA ALA F 285 4.74 -12.44 21.84
C ALA F 285 3.70 -13.23 22.59
N ILE F 286 2.48 -13.34 22.07
CA ILE F 286 1.48 -14.21 22.70
C ILE F 286 1.97 -15.67 22.55
N ARG F 287 2.40 -16.01 21.34
CA ARG F 287 2.74 -17.38 21.00
C ARG F 287 3.98 -17.85 21.75
N ARG F 288 4.93 -16.95 21.97
CA ARG F 288 6.19 -17.26 22.57
C ARG F 288 6.00 -17.61 24.03
N ARG F 289 4.93 -17.08 24.65
CA ARG F 289 4.50 -17.48 25.99
C ARG F 289 3.27 -18.39 25.93
N PHE F 290 3.32 -19.40 25.07
CA PHE F 290 2.19 -20.31 24.83
C PHE F 290 2.70 -21.72 24.52
N GLU F 291 2.09 -22.73 25.14
CA GLU F 291 2.60 -24.10 25.08
C GLU F 291 1.97 -24.97 23.98
N ARG F 292 0.76 -25.50 24.21
CA ARG F 292 0.24 -26.59 23.38
C ARG F 292 -0.41 -26.10 22.09
N ARG F 293 0.00 -26.68 20.96
CA ARG F 293 -0.51 -26.34 19.64
C ARG F 293 -0.94 -27.61 18.89
N ILE F 294 -2.24 -27.87 18.87
CA ILE F 294 -2.80 -29.07 18.24
C ILE F 294 -3.29 -28.73 16.83
N TYR F 295 -2.68 -29.36 15.83
CA TYR F 295 -3.12 -29.22 14.43
C TYR F 295 -4.40 -30.01 14.21
N ILE F 296 -5.34 -29.42 13.47
CA ILE F 296 -6.64 -30.01 13.19
C ILE F 296 -6.80 -30.12 11.66
N PRO F 297 -6.35 -31.25 11.06
CA PRO F 297 -6.48 -31.39 9.61
C PRO F 297 -7.89 -31.74 9.16
N LEU F 298 -8.09 -31.79 7.84
CA LEU F 298 -9.36 -32.21 7.25
C LEU F 298 -9.53 -33.72 7.44
N PRO F 299 -10.76 -34.20 7.75
CA PRO F 299 -10.93 -35.64 8.02
C PRO F 299 -10.56 -36.56 6.84
N ASP F 300 -9.93 -37.68 7.16
CA ASP F 300 -9.55 -38.68 6.15
C ASP F 300 -10.75 -39.54 5.73
N LEU F 301 -10.51 -40.57 4.92
CA LEU F 301 -11.57 -41.45 4.39
C LEU F 301 -12.43 -42.08 5.49
N ALA F 302 -11.76 -42.65 6.48
CA ALA F 302 -12.47 -43.34 7.57
C ALA F 302 -13.29 -42.32 8.39
N ALA F 303 -12.61 -41.23 8.75
CA ALA F 303 -13.18 -40.19 9.56
C ALA F 303 -14.38 -39.55 8.85
N ARG F 304 -14.24 -39.32 7.56
CA ARG F 304 -15.35 -38.74 6.80
C ARG F 304 -16.53 -39.70 6.73
N THR F 305 -16.23 -40.99 6.54
CA THR F 305 -17.25 -42.01 6.51
C THR F 305 -18.05 -42.06 7.80
N THR F 306 -17.32 -42.02 8.90
CA THR F 306 -17.90 -42.01 10.24
C THR F 306 -18.73 -40.76 10.47
N MET F 307 -18.31 -39.64 9.90
CA MET F 307 -19.10 -38.40 10.00
C MET F 307 -20.42 -38.55 9.25
N PHE F 308 -20.35 -39.13 8.04
CA PHE F 308 -21.56 -39.41 7.29
C PHE F 308 -22.51 -40.29 8.12
N GLU F 309 -21.96 -41.37 8.71
CA GLU F 309 -22.72 -42.27 9.51
C GLU F 309 -23.45 -41.56 10.67
N ILE F 310 -22.72 -40.65 11.29
CA ILE F 310 -23.25 -39.82 12.36
C ILE F 310 -24.42 -38.95 11.89
N ASN F 311 -24.19 -38.26 10.76
CA ASN F 311 -25.23 -37.34 10.27
C ASN F 311 -26.45 -38.03 9.67
N VAL F 312 -26.29 -39.30 9.31
CA VAL F 312 -27.44 -40.11 8.91
C VAL F 312 -28.41 -40.22 10.09
N GLY F 313 -28.01 -40.97 11.12
CA GLY F 313 -28.78 -41.08 12.37
C GLY F 313 -30.08 -41.85 12.23
N ASP F 314 -31.20 -41.13 12.29
CA ASP F 314 -32.54 -41.72 12.23
C ASP F 314 -33.19 -41.65 10.83
N THR F 315 -32.38 -41.44 9.79
CA THR F 315 -32.86 -41.40 8.41
C THR F 315 -33.19 -42.84 7.94
N PRO F 316 -34.29 -43.03 7.18
CA PRO F 316 -34.69 -44.38 6.75
C PRO F 316 -33.63 -45.17 5.95
N CYS F 317 -33.33 -46.38 6.43
CA CYS F 317 -32.50 -47.36 5.70
C CYS F 317 -31.06 -46.88 5.45
N VAL F 318 -30.55 -47.01 4.22
CA VAL F 318 -29.15 -46.72 3.84
C VAL F 318 -28.09 -47.19 4.85
N LEU F 319 -28.18 -48.48 5.21
CA LEU F 319 -27.22 -49.14 6.11
C LEU F 319 -26.51 -50.28 5.37
N THR F 320 -25.56 -49.89 4.52
CA THR F 320 -24.67 -50.82 3.82
C THR F 320 -23.29 -50.17 3.69
N LYS F 321 -22.25 -50.88 4.14
CA LYS F 321 -20.90 -50.32 4.25
C LYS F 321 -20.21 -50.07 2.92
N GLU F 322 -20.62 -50.82 1.89
CA GLU F 322 -20.16 -50.58 0.53
C GLU F 322 -20.64 -49.25 0.00
N ASP F 323 -21.85 -48.85 0.36
CA ASP F 323 -22.38 -47.55 -0.03
C ASP F 323 -21.77 -46.41 0.75
N TYR F 324 -21.35 -46.66 1.98
CA TYR F 324 -20.63 -45.67 2.77
C TYR F 324 -19.19 -45.53 2.27
N ARG F 325 -18.64 -46.61 1.71
CA ARG F 325 -17.42 -46.53 0.92
C ARG F 325 -17.66 -45.61 -0.29
N THR F 326 -18.78 -45.89 -0.96
CA THR F 326 -19.11 -45.13 -2.17
C THR F 326 -19.23 -43.65 -1.86
N LEU F 327 -19.78 -43.31 -0.68
CA LEU F 327 -19.82 -41.90 -0.27
C LEU F 327 -18.39 -41.38 -0.03
N GLY F 328 -17.60 -42.15 0.71
CA GLY F 328 -16.24 -41.81 0.98
C GLY F 328 -15.30 -41.76 -0.21
N ALA F 329 -15.57 -42.55 -1.24
CA ALA F 329 -14.64 -42.71 -2.37
C ALA F 329 -14.62 -41.50 -3.31
N MET F 330 -15.79 -41.09 -3.78
CA MET F 330 -15.91 -40.00 -4.76
C MET F 330 -15.58 -38.63 -4.17
N THR F 331 -15.92 -38.42 -2.90
CA THR F 331 -15.66 -37.15 -2.19
C THR F 331 -14.17 -37.00 -1.88
N GLU F 332 -13.65 -35.78 -2.00
CA GLU F 332 -12.22 -35.50 -1.81
C GLU F 332 -11.96 -34.06 -1.35
N GLY F 333 -11.20 -33.91 -0.26
CA GLY F 333 -10.79 -32.61 0.26
C GLY F 333 -11.91 -31.80 0.91
N TYR F 334 -12.75 -32.46 1.71
CA TYR F 334 -13.90 -31.82 2.36
C TYR F 334 -13.69 -31.63 3.87
N SER F 335 -14.59 -30.84 4.47
CA SER F 335 -14.63 -30.58 5.91
C SER F 335 -16.03 -30.89 6.46
N GLY F 336 -16.27 -30.58 7.74
CA GLY F 336 -17.48 -30.95 8.43
C GLY F 336 -18.66 -30.11 8.00
N SER F 337 -18.41 -28.83 7.71
CA SER F 337 -19.47 -27.93 7.27
C SER F 337 -20.08 -28.36 5.94
N ASP F 338 -19.24 -28.57 4.93
CA ASP F 338 -19.75 -28.93 3.61
C ASP F 338 -20.36 -30.31 3.61
N ILE F 339 -19.85 -31.22 4.41
CA ILE F 339 -20.48 -32.54 4.54
C ILE F 339 -21.88 -32.39 5.14
N ALA F 340 -22.01 -31.55 6.16
CA ALA F 340 -23.31 -31.27 6.74
C ALA F 340 -24.26 -30.70 5.70
N VAL F 341 -23.75 -29.78 4.89
CA VAL F 341 -24.53 -29.18 3.82
C VAL F 341 -25.06 -30.24 2.83
N VAL F 342 -24.16 -31.15 2.48
CA VAL F 342 -24.47 -32.25 1.60
C VAL F 342 -25.59 -33.12 2.19
N VAL F 343 -25.46 -33.41 3.47
CA VAL F 343 -26.44 -34.19 4.22
C VAL F 343 -27.82 -33.51 4.16
N LYS F 344 -27.81 -32.21 4.39
CA LYS F 344 -29.00 -31.39 4.35
C LYS F 344 -29.69 -31.47 2.98
N ASP F 345 -28.86 -31.37 1.95
CA ASP F 345 -29.31 -31.46 0.57
C ASP F 345 -30.00 -32.81 0.31
N ALA F 346 -29.34 -33.87 0.79
CA ALA F 346 -29.84 -35.22 0.67
C ALA F 346 -31.19 -35.39 1.33
N LEU F 347 -31.32 -34.79 2.51
CA LEU F 347 -32.55 -34.78 3.28
C LEU F 347 -33.63 -33.99 2.59
N MET F 348 -33.27 -32.98 1.81
CA MET F 348 -34.25 -32.16 1.12
C MET F 348 -34.67 -32.68 -0.25
N GLN F 349 -33.95 -33.68 -0.76
CA GLN F 349 -34.35 -34.34 -2.00
C GLN F 349 -35.75 -34.96 -1.97
N PRO F 350 -36.08 -35.74 -0.92
CA PRO F 350 -37.43 -36.27 -0.87
C PRO F 350 -38.49 -35.20 -0.69
N ILE F 351 -38.13 -34.03 -0.18
CA ILE F 351 -39.04 -32.90 -0.15
C ILE F 351 -39.40 -32.45 -1.57
N ARG F 352 -38.38 -32.36 -2.40
CA ARG F 352 -38.56 -31.98 -3.80
C ARG F 352 -39.34 -33.04 -4.56
N LYS F 353 -39.06 -34.31 -4.26
CA LYS F 353 -39.81 -35.42 -4.87
C LYS F 353 -41.28 -35.52 -4.42
N ILE F 354 -41.55 -34.98 -3.24
CA ILE F 354 -42.95 -34.78 -2.82
C ILE F 354 -43.62 -33.64 -3.58
N GLN F 355 -42.92 -32.51 -3.65
CA GLN F 355 -43.40 -31.31 -4.30
C GLN F 355 -43.67 -31.51 -5.78
N SER F 356 -42.80 -32.26 -6.46
CA SER F 356 -42.98 -32.56 -7.88
C SER F 356 -44.10 -33.57 -8.14
N ALA F 357 -44.15 -34.64 -7.35
CA ALA F 357 -45.10 -35.72 -7.54
C ALA F 357 -46.52 -35.34 -7.10
N THR F 358 -47.43 -35.21 -8.06
CA THR F 358 -48.85 -34.99 -7.81
C THR F 358 -49.57 -36.30 -7.52
N HIS F 359 -49.22 -37.34 -8.27
CA HIS F 359 -49.75 -38.71 -8.05
C HIS F 359 -49.31 -39.30 -6.71
N PHE F 360 -50.21 -40.06 -6.07
CA PHE F 360 -49.96 -40.73 -4.79
C PHE F 360 -50.66 -42.09 -4.74
N LYS F 361 -50.26 -42.92 -3.76
CA LYS F 361 -50.93 -44.20 -3.49
C LYS F 361 -50.62 -44.70 -2.07
N ASP F 362 -51.60 -45.37 -1.46
CA ASP F 362 -51.46 -45.91 -0.10
C ASP F 362 -50.79 -47.28 -0.14
N VAL F 363 -49.55 -47.34 0.35
CA VAL F 363 -48.76 -48.58 0.42
C VAL F 363 -49.03 -49.36 1.72
N SER F 364 -49.26 -48.64 2.81
CA SER F 364 -49.43 -49.25 4.14
C SER F 364 -50.65 -50.17 4.24
N THR F 365 -50.54 -51.18 5.11
CA THR F 365 -51.57 -52.21 5.29
C THR F 365 -52.46 -51.86 6.50
N GLU F 366 -53.41 -52.74 6.83
CA GLU F 366 -54.29 -52.58 8.00
C GLU F 366 -53.59 -52.63 9.36
N ASP F 367 -52.37 -53.18 9.41
CA ASP F 367 -51.55 -53.18 10.63
C ASP F 367 -51.26 -51.76 11.12
N ASP F 368 -50.88 -50.88 10.19
CA ASP F 368 -50.72 -49.46 10.48
C ASP F 368 -52.11 -48.81 10.58
N GLU F 369 -52.31 -47.99 11.60
CA GLU F 369 -53.62 -47.40 11.90
C GLU F 369 -53.95 -46.28 10.92
N THR F 370 -53.07 -45.29 10.83
CA THR F 370 -53.24 -44.16 9.92
C THR F 370 -53.02 -44.58 8.45
N ARG F 371 -53.77 -43.96 7.55
CA ARG F 371 -53.66 -44.25 6.11
C ARG F 371 -52.45 -43.50 5.53
N LYS F 372 -51.29 -44.15 5.60
CA LYS F 372 -50.02 -43.53 5.24
C LYS F 372 -49.86 -43.31 3.73
N LEU F 373 -50.11 -42.07 3.29
CA LEU F 373 -49.94 -41.69 1.89
C LEU F 373 -48.46 -41.46 1.55
N THR F 374 -48.05 -41.97 0.38
CA THR F 374 -46.66 -41.89 -0.08
C THR F 374 -46.62 -41.80 -1.61
N PRO F 375 -45.66 -41.02 -2.17
CA PRO F 375 -45.61 -40.86 -3.63
C PRO F 375 -45.16 -42.12 -4.38
N CYS F 376 -46.07 -42.66 -5.21
CA CYS F 376 -45.82 -43.85 -6.02
C CYS F 376 -45.15 -43.47 -7.35
N SER F 377 -44.92 -44.46 -8.21
CA SER F 377 -44.37 -44.24 -9.55
C SER F 377 -45.37 -43.51 -10.47
N PRO F 378 -44.88 -42.85 -11.53
CA PRO F 378 -45.78 -42.15 -12.46
C PRO F 378 -46.68 -43.11 -13.27
N GLY F 379 -46.10 -44.18 -13.81
CA GLY F 379 -46.87 -45.21 -14.51
C GLY F 379 -47.46 -46.20 -13.52
N ASP F 380 -48.54 -45.77 -12.85
CA ASP F 380 -49.18 -46.57 -11.81
C ASP F 380 -50.69 -46.63 -12.05
N ASP F 381 -51.27 -47.82 -11.91
CA ASP F 381 -52.70 -48.03 -12.14
C ASP F 381 -53.51 -47.66 -10.89
N GLY F 382 -54.47 -46.75 -11.07
CA GLY F 382 -55.34 -46.31 -9.98
C GLY F 382 -54.64 -45.41 -8.97
N ALA F 383 -53.88 -44.44 -9.48
CA ALA F 383 -53.12 -43.50 -8.65
C ALA F 383 -53.92 -42.20 -8.48
N ILE F 384 -54.30 -41.90 -7.23
CA ILE F 384 -55.00 -40.65 -6.91
C ILE F 384 -54.06 -39.45 -7.09
N GLU F 385 -54.59 -38.35 -7.64
CA GLU F 385 -53.78 -37.21 -8.07
C GLU F 385 -54.11 -35.89 -7.36
N MET F 386 -54.46 -35.98 -6.06
CA MET F 386 -54.60 -34.80 -5.22
C MET F 386 -53.21 -34.24 -4.90
N SER F 387 -53.13 -32.91 -4.75
CA SER F 387 -51.85 -32.23 -4.60
C SER F 387 -51.11 -32.55 -3.30
N TRP F 388 -49.80 -32.36 -3.31
CA TRP F 388 -48.94 -32.57 -2.14
C TRP F 388 -49.26 -31.62 -0.96
N THR F 389 -49.80 -30.44 -1.26
CA THR F 389 -50.21 -29.47 -0.24
C THR F 389 -51.39 -29.94 0.61
N ASP F 390 -52.24 -30.81 0.05
CA ASP F 390 -53.41 -31.35 0.76
C ASP F 390 -53.09 -32.50 1.74
N ILE F 391 -51.85 -32.97 1.76
CA ILE F 391 -51.44 -34.09 2.62
C ILE F 391 -51.28 -33.61 4.07
N GLU F 392 -52.06 -34.20 4.99
CA GLU F 392 -51.99 -33.87 6.40
C GLU F 392 -50.79 -34.53 7.08
N ALA F 393 -50.51 -34.15 8.32
CA ALA F 393 -49.36 -34.65 9.08
C ALA F 393 -49.51 -36.12 9.48
N ASP F 394 -50.70 -36.50 9.95
CA ASP F 394 -50.97 -37.87 10.38
C ASP F 394 -50.94 -38.91 9.24
N GLU F 395 -51.36 -38.50 8.04
CA GLU F 395 -51.42 -39.40 6.87
C GLU F 395 -50.16 -39.38 5.98
N LEU F 396 -49.15 -38.61 6.36
CA LEU F 396 -47.92 -38.47 5.55
C LEU F 396 -47.01 -39.69 5.69
N LYS F 397 -46.31 -40.04 4.61
CA LYS F 397 -45.23 -41.02 4.63
C LYS F 397 -44.23 -40.71 3.51
N GLU F 398 -43.04 -40.25 3.88
CA GLU F 398 -42.00 -39.86 2.93
C GLU F 398 -41.14 -41.08 2.57
N PRO F 399 -40.78 -41.25 1.28
CA PRO F 399 -40.04 -42.45 0.87
C PRO F 399 -38.57 -42.47 1.33
N ASP F 400 -37.96 -43.64 1.20
CA ASP F 400 -36.57 -43.85 1.67
C ASP F 400 -35.57 -43.24 0.69
N LEU F 401 -34.39 -42.89 1.21
CA LEU F 401 -33.32 -42.29 0.40
C LEU F 401 -32.60 -43.34 -0.44
N THR F 402 -31.99 -42.87 -1.52
CA THR F 402 -31.30 -43.72 -2.50
C THR F 402 -29.98 -43.07 -2.93
N ILE F 403 -29.25 -43.74 -3.83
CA ILE F 403 -28.01 -43.21 -4.40
C ILE F 403 -28.27 -42.00 -5.33
N LYS F 404 -29.47 -41.94 -5.91
CA LYS F 404 -29.92 -40.80 -6.73
C LYS F 404 -29.78 -39.43 -6.06
N ASP F 405 -29.97 -39.39 -4.73
CA ASP F 405 -29.82 -38.15 -3.96
C ASP F 405 -28.39 -37.65 -3.94
N PHE F 406 -27.44 -38.57 -3.71
CA PHE F 406 -26.01 -38.23 -3.67
C PHE F 406 -25.40 -37.95 -5.05
N LEU F 407 -26.01 -38.46 -6.11
CA LEU F 407 -25.62 -38.11 -7.49
C LEU F 407 -25.88 -36.63 -7.76
N LYS F 408 -27.05 -36.14 -7.34
CA LYS F 408 -27.40 -34.72 -7.46
C LYS F 408 -26.62 -33.83 -6.47
N ALA F 409 -26.37 -34.35 -5.28
CA ALA F 409 -25.68 -33.60 -4.22
C ALA F 409 -24.20 -33.33 -4.51
N ILE F 410 -23.49 -34.34 -4.98
CA ILE F 410 -22.06 -34.23 -5.29
C ILE F 410 -21.81 -33.34 -6.51
N LYS F 411 -22.68 -33.43 -7.51
CA LYS F 411 -22.63 -32.54 -8.68
C LYS F 411 -22.94 -31.08 -8.33
N SER F 412 -23.98 -30.87 -7.51
CA SER F 412 -24.41 -29.53 -7.12
C SER F 412 -23.47 -28.90 -6.08
N THR F 413 -23.40 -29.52 -4.89
CA THR F 413 -22.59 -29.01 -3.78
C THR F 413 -21.10 -29.32 -4.01
N ARG F 414 -20.24 -28.39 -3.61
CA ARG F 414 -18.80 -28.49 -3.83
C ARG F 414 -18.00 -27.75 -2.73
N PRO F 415 -16.70 -28.11 -2.55
CA PRO F 415 -15.90 -27.52 -1.47
C PRO F 415 -15.43 -26.10 -1.78
N THR F 416 -14.91 -25.42 -0.76
CA THR F 416 -14.58 -23.99 -0.84
C THR F 416 -13.08 -23.72 -0.94
N VAL F 417 -12.33 -24.12 0.09
CA VAL F 417 -10.96 -23.64 0.30
C VAL F 417 -9.95 -24.34 -0.62
N ASN F 418 -9.01 -23.54 -1.15
CA ASN F 418 -7.97 -24.04 -2.06
C ASN F 418 -6.83 -24.76 -1.33
N GLU F 419 -5.90 -25.31 -2.11
CA GLU F 419 -4.75 -26.01 -1.60
C GLU F 419 -3.76 -25.05 -0.99
N ASP F 420 -3.70 -23.80 -1.48
CA ASP F 420 -2.68 -22.86 -1.09
C ASP F 420 -2.79 -22.44 0.37
N ASP F 421 -4.02 -22.28 0.86
CA ASP F 421 -4.25 -22.02 2.27
C ASP F 421 -3.65 -23.15 3.11
N LEU F 422 -3.88 -24.40 2.66
CA LEU F 422 -3.33 -25.56 3.35
C LEU F 422 -1.82 -25.60 3.26
N LEU F 423 -1.23 -25.09 2.19
CA LEU F 423 0.22 -24.99 2.11
C LEU F 423 0.74 -23.98 3.10
N LYS F 424 0.06 -22.84 3.25
CA LYS F 424 0.40 -21.90 4.32
C LYS F 424 0.33 -22.58 5.68
N GLN F 425 -0.69 -23.44 5.88
CA GLN F 425 -0.77 -24.21 7.11
C GLN F 425 0.32 -25.25 7.21
N GLU F 426 0.90 -25.70 6.09
CA GLU F 426 1.98 -26.65 6.12
C GLU F 426 3.30 -26.01 6.44
N GLN F 427 3.54 -24.79 5.96
CA GLN F 427 4.73 -24.05 6.39
C GLN F 427 4.61 -23.59 7.83
N PHE F 428 3.40 -23.21 8.26
CA PHE F 428 3.18 -22.97 9.69
C PHE F 428 3.40 -24.24 10.50
N THR F 429 3.01 -25.38 9.95
CA THR F 429 3.23 -26.67 10.60
C THR F 429 4.72 -26.98 10.79
N ARG F 430 5.47 -26.84 9.71
CA ARG F 430 6.88 -27.18 9.69
C ARG F 430 7.71 -26.22 10.54
N ASP F 431 7.43 -24.91 10.42
CA ASP F 431 8.16 -23.88 11.17
C ASP F 431 7.76 -23.83 12.64
N PHE F 432 6.48 -23.51 12.87
CA PHE F 432 5.95 -23.31 14.24
C PHE F 432 5.37 -24.60 14.81
N GLY F 433 5.27 -24.66 16.13
CA GLY F 433 4.81 -25.87 16.85
C GLY F 433 5.82 -26.39 17.86
N GLN F 434 7.08 -26.49 17.44
CA GLN F 434 8.13 -27.15 18.23
C GLN F 434 8.70 -26.25 19.32
N GLU F 435 9.00 -26.84 20.47
CA GLU F 435 9.67 -26.19 21.61
C GLU F 435 8.91 -24.99 22.19
N GLY F 436 9.01 -23.83 21.53
CA GLY F 436 8.38 -22.59 22.00
C GLY F 436 8.26 -21.56 20.90
N ASN F 437 7.67 -21.98 19.79
CA ASN F 437 7.49 -21.14 18.59
C ASN F 437 6.04 -20.69 18.47
PG ATP G . 29.85 3.29 1.82
O1G ATP G . 29.59 4.09 3.07
O2G ATP G . 29.60 4.04 0.53
O3G ATP G . 29.26 1.90 1.84
PB ATP G . 32.50 4.18 1.46
O1B ATP G . 32.08 5.47 2.13
O2B ATP G . 32.68 4.16 -0.03
O3B ATP G . 31.44 3.03 1.84
PA ATP G . 34.08 3.63 3.73
O1A ATP G . 34.17 5.05 4.23
O2A ATP G . 33.04 2.70 4.31
O3A ATP G . 33.87 3.67 2.13
O5' ATP G . 35.54 2.96 3.90
C5' ATP G . 35.81 2.03 4.96
C4' ATP G . 37.28 2.04 5.36
O4' ATP G . 38.16 2.31 4.26
C3' ATP G . 37.59 3.08 6.43
O3' ATP G . 37.55 2.50 7.74
C2' ATP G . 38.96 3.64 6.06
O2' ATP G . 39.95 3.31 7.05
C1' ATP G . 39.31 3.03 4.71
N9 ATP G . 39.73 4.10 3.74
C8 ATP G . 39.11 4.41 2.58
N7 ATP G . 39.75 5.42 1.95
C5 ATP G . 40.81 5.78 2.70
C6 ATP G . 41.89 6.78 2.61
N6 ATP G . 41.97 7.62 1.54
N1 ATP G . 42.79 6.83 3.62
C2 ATP G . 42.72 6.00 4.69
N3 ATP G . 41.75 5.06 4.83
C4 ATP G . 40.79 4.90 3.89
PG ATP H . 14.60 23.69 -11.87
O1G ATP H . 14.01 24.24 -10.59
O2G ATP H . 13.72 23.86 -13.09
O3G ATP H . 15.20 22.31 -11.73
PB ATP H . 15.73 26.13 -12.69
O1B ATP H . 14.46 26.72 -12.13
O2B ATP H . 15.91 26.10 -14.20
O3B ATP H . 15.87 24.62 -12.15
PA ATP H . 16.96 28.23 -11.26
O1A ATP H . 16.75 27.93 -9.80
O2A ATP H . 15.99 29.12 -12.00
O3A ATP H . 17.03 26.83 -12.06
O5' ATP H . 18.44 28.85 -11.46
C5' ATP H . 19.54 28.46 -10.63
C4' ATP H . 20.71 29.42 -10.81
O4' ATP H . 20.93 29.71 -12.20
C3' ATP H . 20.49 30.75 -10.10
O3' ATP H . 21.40 30.89 -9.00
C2' ATP H . 20.66 31.84 -11.15
O2' ATP H . 21.66 32.80 -10.76
C1' ATP H . 21.08 31.11 -12.43
N9 ATP H . 20.25 31.58 -13.58
C8 ATP H . 19.36 30.85 -14.27
N7 ATP H . 18.79 31.60 -15.26
C5 ATP H . 19.33 32.83 -15.20
C6 ATP H . 19.19 34.11 -15.95
N6 ATP H . 18.31 34.21 -16.99
N1 ATP H . 19.94 35.16 -15.56
C2 ATP H . 20.82 35.07 -14.53
N3 ATP H . 21.00 33.94 -13.81
C4 ATP H . 20.30 32.81 -14.09
PG ATP I . -13.19 18.95 -17.09
O1G ATP I . -12.44 19.37 -15.85
O2G ATP I . -14.55 18.37 -16.81
O3G ATP I . -12.36 18.16 -18.08
PB ATP I . -14.44 20.44 -19.13
O1B ATP I . -15.87 20.25 -18.67
O2B ATP I . -13.89 19.54 -20.21
O3B ATP I . -13.48 20.34 -17.85
PA ATP I . -14.86 23.20 -18.75
O1A ATP I . -14.22 23.19 -17.39
O2A ATP I . -16.36 23.18 -18.87
O3A ATP I . -14.26 21.97 -19.61
O5' ATP I . -14.31 24.49 -19.54
C5' ATP I . -14.70 24.78 -20.88
C4' ATP I . -14.71 26.28 -21.10
O4' ATP I . -14.69 26.57 -22.50
C3' ATP I . -15.95 26.96 -20.51
O3' ATP I . -15.58 28.00 -19.60
C2' ATP I . -16.74 27.48 -21.70
O2' ATP I . -16.90 28.91 -21.66
C1' ATP I . -15.96 27.08 -22.95
N9 ATP I . -16.69 26.05 -23.74
C8 ATP I . -16.29 24.77 -23.97
N7 ATP I . -17.19 24.11 -24.73
C5 ATP I . -18.20 24.95 -25.02
C6 ATP I . -19.47 24.90 -25.78
N6 ATP I . -19.84 23.75 -26.41
N1 ATP I . -20.23 26.01 -25.83
C2 ATP I . -19.87 27.16 -25.21
N3 ATP I . -18.73 27.28 -24.50
C4 ATP I . -17.86 26.23 -24.36
PG ATP J . -26.09 -4.87 -8.17
O1G ATP J . -26.62 -4.45 -6.82
O2G ATP J . -25.45 -6.24 -8.19
O3G ATP J . -25.28 -3.82 -8.89
PB ATP J . -28.38 -6.29 -8.96
O1B ATP J . -28.72 -6.51 -7.50
O2B ATP J . -27.77 -7.41 -9.77
O3B ATP J . -27.41 -5.01 -9.07
PA ATP J . -30.77 -4.79 -9.05
O1A ATP J . -30.04 -3.86 -8.12
O2A ATP J . -31.95 -5.61 -8.56
O3A ATP J . -29.71 -5.80 -9.74
O5' ATP J . -31.28 -3.92 -10.32
C5' ATP J . -31.88 -4.57 -11.44
C4' ATP J . -33.12 -3.80 -11.87
O4' ATP J . -33.59 -4.30 -13.13
C3' ATP J . -34.26 -3.92 -10.87
O3' ATP J . -34.73 -2.61 -10.49
C2' ATP J . -35.34 -4.74 -11.57
O2' ATP J . -36.58 -4.04 -11.65
C1' ATP J . -34.80 -5.05 -12.97
N9 ATP J . -34.56 -6.52 -13.13
C8 ATP J . -33.35 -7.11 -13.28
N7 ATP J . -33.49 -8.46 -13.40
C5 ATP J . -34.80 -8.74 -13.34
C6 ATP J . -35.63 -9.98 -13.39
N6 ATP J . -35.04 -11.19 -13.56
N1 ATP J . -36.97 -9.83 -13.28
C2 ATP J . -37.56 -8.63 -13.12
N3 ATP J . -36.86 -7.47 -13.06
C4 ATP J . -35.50 -7.46 -13.16
PG ATP K . -14.65 -20.67 12.82
O1G ATP K . -15.51 -20.60 14.06
O2G ATP K . -13.16 -20.71 13.09
O3G ATP K . -15.06 -19.70 11.73
PB ATP K . -14.43 -23.49 12.84
O1B ATP K . -14.27 -23.31 14.33
O2B ATP K . -13.28 -23.96 12.01
O3B ATP K . -14.98 -22.11 12.19
PA ATP K . -17.01 -24.44 13.49
O1A ATP K . -17.36 -22.99 13.75
O2A ATP K . -16.84 -25.38 14.65
O3A ATP K . -15.67 -24.50 12.60
O5' ATP K . -18.11 -25.06 12.50
C5' ATP K . -17.89 -26.32 11.86
C4' ATP K . -19.21 -27.06 11.70
O4' ATP K . -18.98 -28.30 11.02
C3' ATP K . -19.87 -27.37 13.05
O3' ATP K . -21.08 -26.62 13.20
C2' ATP K . -20.10 -28.87 13.06
O2' ATP K . -21.49 -29.21 13.07
C1' ATP K . -19.43 -29.42 11.81
N9 ATP K . -18.29 -30.32 12.18
C8 ATP K . -16.98 -30.04 12.09
N7 ATP K . -16.22 -31.08 12.52
C5 ATP K . -17.06 -32.06 12.88
C6 ATP K . -16.94 -33.44 13.43
N6 ATP K . -15.72 -33.99 13.67
N1 ATP K . -18.08 -34.13 13.68
C2 ATP K . -19.30 -33.61 13.45
N3 ATP K . -19.49 -32.36 12.96
C4 ATP K . -18.43 -31.55 12.66
#